data_3G7F
#
_entry.id   3G7F
#
_cell.length_a   220.132
_cell.length_b   220.132
_cell.length_c   112.744
_cell.angle_alpha   90.00
_cell.angle_beta   90.00
_cell.angle_gamma   90.00
#
_symmetry.space_group_name_H-M   'P 43 21 2'
#
loop_
_entity.id
_entity.type
_entity.pdbx_description
1 polymer 'Photosynthetic reaction center cytochrome c subunit'
2 polymer 'Photosynthetic reaction center H subunit'
3 polymer 'Photosynthetic reaction center L subunit'
4 polymer 'Photosynthetic reaction center M subunit'
5 non-polymer 'HEME C'
6 non-polymer 'SULFATE ION'
7 non-polymer HEPTANE-1,2,3-TRIOL
8 non-polymer 'LAURYL DIMETHYLAMINE-N-OXIDE'
9 non-polymer 'BACTERIOCHLOROPHYLL B'
10 non-polymer 'BACTERIOPHEOPHYTIN B'
11 non-polymer UBIQUINONE-1
12 non-polymer 'FE (II) ION'
13 non-polymer MENAQUINONE-9
14 non-polymer 15-cis-1,2-dihydroneurosporene
15 water water
#
loop_
_entity_poly.entity_id
_entity_poly.type
_entity_poly.pdbx_seq_one_letter_code
_entity_poly.pdbx_strand_id
1 'polypeptide(L)'
;CFEPPPATTTQTGFRGLSMGEVLHPATVKAKKERDAQYPPALAAVKAEGPPVSQVYKNVKVLGNLTEAEFLRTMTAITEW
VSPQEGCTYCHDENNLASEAKYPYVVARRMLEMTRAINTNWTQHVAQTGVTCYTCHRGTPLPPYVRYLEPTLPLNNRETP
THVERVETRSGYVVRLAKYTAYSALNYDPFTMFLANDKRQVRVVPQTALPLVGVSRGKERRPLSDAYATFALMMSISDSL
GTNCTFCHNAQTFESWGKKSTPQRAIAWWGIRMVRDLNMNYLAPLNASLPASRLGRQGEAPQADCRTCHQGVTKPLFGAS
RLKDYPELGPIKAAAK
;
C
2 'polypeptide(L)'
;(FME)YHGALAQHLDIAQLVWYAQWLVIWTVVLLYLRREDRREGYPLVEPLGLVKLAPEDGQVYELPYPKTFVLPHGGTV
TVPRRRPETRELKLAQTDGFEGAPLQPTGNPLVDAVGPASYAERAEVVDATVDGKAKIVPLRVATDFSIAEGDVDPRGLP
VVAADGVEAGTVTDLWVDRSEHYFRYLELSVAGSARTALIPLGFCDVKKDKIVVTSILSDQFANVPRLQSRDQITLREED
KVSAYYAGGLLYATPERAEALL
;
H
3 'polypeptide(L)'
;ALLSFERKYRVRGGTLIGGDLFDFWVGPYFVGFFGVSAIFFIFLGVSLIGYAASQGPTWDPFAISINPPDLKYGLGAAPL
LEGGFWQAITVCALGAFISWMLREVEISRKLGIGWHVPLAFCVPIFMFCVLQVFRPLLLGSWGHAFPYGILSHLDWVNNF
GYQYLNWHYNPGHMSSVSFLFVNAMALGLHGGLILSVANPGDGDKVKTAEHENQYFRDVVGYSIGALSIHRLGLFLASNI
FLTGAFGTIASGPFWTRGWPEWWGWWLDIPFWS
;
L
4 'polypeptide(L)'
;ADYQTIYTQIQARGPHITVSGEWGDNDRVGKPFYSYWLGKIGDAQIGPIYLGASGIAAFAFGSTAILIILFNMAAEVHFD
PLQFFRQFFWLGLYPPKAQYGMGIPPLHDGGWWLMAGLFMTLSLGSWWIRVYSRARALGLGTHIAWNFAAAIFFVLCIGC
IHPTLVGSWSEGVPFGIWPHIDWLTAFSIRYGNFYYCPWLGFSIGFAYGCGLLFAAHGATILAVARFGGDREIEQITDRG
TAVERAALFWRWTIGFNATIESVHRWGWFFSLMVMVSASVGILLTGTFVDNWYLWCVKHGAAPDYPAYLPATPDPASLPG
APK
;
M
#
loop_
_chem_comp.id
_chem_comp.type
_chem_comp.name
_chem_comp.formula
BCB non-polymer 'BACTERIOCHLOROPHYLL B' 'C55 H72 Mg N4 O6 2'
BPB non-polymer 'BACTERIOPHEOPHYTIN B' 'C55 H74 N4 O6'
FE2 non-polymer 'FE (II) ION' 'Fe 2'
HEC non-polymer 'HEME C' 'C34 H34 Fe N4 O4'
HTO non-polymer HEPTANE-1,2,3-TRIOL 'C7 H16 O3'
LDA non-polymer 'LAURYL DIMETHYLAMINE-N-OXIDE' 'C14 H31 N O'
MQ9 non-polymer MENAQUINONE-9 'C56 H80 O2'
NS5 non-polymer 15-cis-1,2-dihydroneurosporene 'C40 H60'
SO4 non-polymer 'SULFATE ION' 'O4 S -2'
UQ1 non-polymer UBIQUINONE-1 'C14 H18 O4'
#
# COMPACT_ATOMS: atom_id res chain seq x y z
N CYS A 1 -17.70 15.13 -5.22
CA CYS A 1 -16.63 14.12 -4.93
C CYS A 1 -15.36 14.73 -4.31
N PHE A 2 -14.87 15.82 -4.89
CA PHE A 2 -13.55 16.38 -4.58
C PHE A 2 -13.59 17.86 -4.22
N GLU A 3 -12.47 18.41 -3.77
CA GLU A 3 -12.37 19.81 -3.43
C GLU A 3 -11.29 20.43 -4.29
N PRO A 4 -11.65 21.41 -5.13
CA PRO A 4 -10.69 21.95 -6.11
C PRO A 4 -9.59 22.79 -5.45
N PRO A 5 -8.35 22.77 -6.01
CA PRO A 5 -7.27 23.52 -5.36
C PRO A 5 -7.43 25.01 -5.63
N PRO A 6 -6.67 25.88 -4.93
CA PRO A 6 -5.62 25.61 -3.93
C PRO A 6 -6.09 25.22 -2.51
N ALA A 7 -5.26 24.46 -1.80
CA ALA A 7 -5.41 24.15 -0.38
C ALA A 7 -4.52 25.10 0.40
N THR A 8 -5.04 25.64 1.49
CA THR A 8 -4.25 26.41 2.44
C THR A 8 -3.54 25.41 3.34
N THR A 9 -2.21 25.53 3.47
CA THR A 9 -1.48 24.67 4.37
C THR A 9 -0.64 25.48 5.34
N THR A 10 -0.57 25.02 6.59
CA THR A 10 0.33 25.60 7.58
C THR A 10 1.34 24.55 8.03
N GLN A 11 2.30 24.99 8.85
CA GLN A 11 3.34 24.13 9.38
C GLN A 11 3.27 24.16 10.91
N THR A 12 3.18 22.99 11.53
CA THR A 12 3.07 22.91 12.99
C THR A 12 4.17 22.04 13.55
N GLY A 13 5.09 21.61 12.69
CA GLY A 13 6.17 20.73 13.13
C GLY A 13 7.44 21.05 12.39
N PHE A 14 8.55 20.55 12.88
CA PHE A 14 9.83 20.70 12.18
C PHE A 14 9.69 20.31 10.70
N ARG A 15 10.40 21.03 9.86
CA ARG A 15 10.34 20.82 8.42
C ARG A 15 10.62 19.36 8.03
N GLY A 16 9.85 18.84 7.08
CA GLY A 16 10.03 17.47 6.65
C GLY A 16 9.21 16.44 7.41
N LEU A 17 8.46 16.86 8.43
CA LEU A 17 7.60 15.94 9.19
C LEU A 17 6.13 15.92 8.72
N SER A 18 5.82 16.65 7.66
CA SER A 18 4.46 16.73 7.12
C SER A 18 3.42 17.02 8.20
N MET A 19 3.73 18.00 9.04
CA MET A 19 2.85 18.40 10.11
C MET A 19 2.21 19.77 9.83
N GLY A 20 0.88 19.81 9.86
CA GLY A 20 0.17 21.07 9.79
C GLY A 20 -1.25 20.94 9.30
N GLU A 21 -1.92 22.09 9.26
CA GLU A 21 -3.30 22.17 8.87
C GLU A 21 -3.40 22.13 7.36
N VAL A 22 -4.54 21.61 6.90
CA VAL A 22 -4.83 21.49 5.49
C VAL A 22 -6.28 21.96 5.32
N LEU A 23 -6.45 23.15 4.76
CA LEU A 23 -7.78 23.78 4.71
C LEU A 23 -8.24 24.11 3.29
N HIS A 24 -9.55 24.00 3.09
CA HIS A 24 -10.18 24.39 1.86
C HIS A 24 -10.72 25.81 2.00
N PRO A 25 -10.15 26.77 1.25
CA PRO A 25 -10.58 28.18 1.40
C PRO A 25 -12.11 28.45 1.39
N ALA A 26 -12.87 27.85 0.49
CA ALA A 26 -14.33 28.07 0.45
C ALA A 26 -15.01 27.70 1.78
N THR A 27 -14.53 26.62 2.40
CA THR A 27 -15.06 26.17 3.69
C THR A 27 -14.68 27.14 4.76
N VAL A 28 -13.40 27.55 4.78
CA VAL A 28 -12.95 28.50 5.77
C VAL A 28 -13.82 29.76 5.66
N LYS A 29 -13.93 30.31 4.45
CA LYS A 29 -14.79 31.48 4.19
C LYS A 29 -16.22 31.33 4.72
N ALA A 30 -16.87 30.20 4.45
CA ALA A 30 -18.24 29.96 4.89
C ALA A 30 -18.35 29.96 6.42
N LYS A 31 -17.34 29.40 7.07
CA LYS A 31 -17.35 29.33 8.51
C LYS A 31 -17.12 30.72 9.11
N LYS A 32 -16.23 31.51 8.49
CA LYS A 32 -16.02 32.89 8.90
C LYS A 32 -17.30 33.71 8.80
N GLU A 33 -18.09 33.45 7.75
CA GLU A 33 -19.32 34.20 7.55
C GLU A 33 -20.37 33.81 8.57
N ARG A 34 -20.48 32.51 8.84
CA ARG A 34 -21.39 32.07 9.87
C ARG A 34 -20.99 32.71 11.18
N ASP A 35 -19.70 32.70 11.48
CA ASP A 35 -19.26 33.10 12.81
C ASP A 35 -19.24 34.61 12.96
N ALA A 36 -19.12 35.34 11.85
CA ALA A 36 -19.18 36.82 11.89
C ALA A 36 -20.58 37.36 12.21
N GLN A 37 -21.55 36.46 12.35
CA GLN A 37 -22.88 36.86 12.78
C GLN A 37 -22.94 37.18 14.27
N TYR A 38 -21.88 36.86 15.01
CA TYR A 38 -21.73 37.29 16.40
C TYR A 38 -22.10 38.78 16.56
N PRO A 39 -23.26 39.07 17.18
CA PRO A 39 -23.68 40.48 17.44
C PRO A 39 -22.53 41.32 18.05
N PRO A 40 -22.39 42.57 17.59
CA PRO A 40 -21.37 43.47 18.18
C PRO A 40 -21.69 43.76 19.63
N ALA A 41 -20.70 44.15 20.41
CA ALA A 41 -20.94 44.58 21.78
C ALA A 41 -21.92 45.76 21.78
N LEU A 42 -22.80 45.78 22.78
CA LEU A 42 -23.66 46.93 23.00
C LEU A 42 -22.80 48.10 23.52
N ALA A 43 -23.25 49.31 23.21
CA ALA A 43 -22.59 50.53 23.65
C ALA A 43 -22.37 50.44 25.15
N ALA A 44 -21.21 50.94 25.59
CA ALA A 44 -20.90 50.90 27.01
C ALA A 44 -21.85 51.85 27.74
N VAL A 45 -22.19 51.49 28.97
CA VAL A 45 -22.97 52.39 29.82
C VAL A 45 -22.17 52.69 31.09
N LYS A 46 -22.28 53.93 31.56
CA LYS A 46 -21.60 54.36 32.76
C LYS A 46 -22.28 53.72 33.98
N ALA A 47 -21.48 53.20 34.90
CA ALA A 47 -22.00 52.79 36.21
C ALA A 47 -22.65 54.00 36.88
N GLU A 48 -23.88 53.82 37.36
CA GLU A 48 -24.63 54.91 38.02
C GLU A 48 -25.68 54.39 38.98
N GLY A 49 -25.70 54.99 40.16
CA GLY A 49 -26.74 54.69 41.14
C GLY A 49 -26.47 53.42 41.89
N PRO A 50 -27.48 52.91 42.60
CA PRO A 50 -27.33 51.73 43.45
C PRO A 50 -27.19 50.42 42.66
N PRO A 51 -26.56 49.40 43.28
CA PRO A 51 -26.56 48.04 42.72
C PRO A 51 -27.98 47.45 42.63
N VAL A 52 -28.23 46.59 41.65
CA VAL A 52 -29.57 46.04 41.47
C VAL A 52 -29.99 45.07 42.57
N SER A 53 -29.07 44.75 43.47
CA SER A 53 -29.38 43.98 44.68
C SER A 53 -30.29 44.79 45.59
N GLN A 54 -30.09 46.10 45.60
CA GLN A 54 -31.02 47.03 46.27
C GLN A 54 -32.26 47.31 45.41
N VAL A 55 -32.05 47.55 44.11
CA VAL A 55 -33.15 47.98 43.22
C VAL A 55 -34.18 46.89 42.86
N TYR A 56 -33.71 45.71 42.46
CA TYR A 56 -34.60 44.64 42.01
C TYR A 56 -34.92 43.59 43.09
N LYS A 57 -35.88 42.72 42.83
CA LYS A 57 -36.41 41.85 43.87
C LYS A 57 -35.76 40.48 43.93
N ASN A 58 -35.24 39.99 42.80
CA ASN A 58 -34.80 38.60 42.72
C ASN A 58 -33.50 38.39 41.93
N VAL A 59 -32.50 39.24 42.18
CA VAL A 59 -31.24 39.11 41.49
C VAL A 59 -30.22 38.39 42.38
N LYS A 60 -29.86 37.17 42.00
CA LYS A 60 -28.90 36.38 42.78
C LYS A 60 -27.46 36.34 42.27
N VAL A 61 -27.23 36.64 40.99
CA VAL A 61 -25.89 36.51 40.40
C VAL A 61 -25.27 37.86 40.03
N LEU A 62 -26.06 38.70 39.36
CA LEU A 62 -25.55 39.97 38.84
C LEU A 62 -25.78 41.20 39.76
N GLY A 63 -26.01 40.93 41.05
CA GLY A 63 -26.33 41.97 42.03
C GLY A 63 -25.44 43.21 42.11
N ASN A 64 -24.18 43.10 41.72
CA ASN A 64 -23.25 44.23 41.81
C ASN A 64 -23.49 45.28 40.74
N LEU A 65 -24.17 44.88 39.69
CA LEU A 65 -24.36 45.75 38.54
C LEU A 65 -25.37 46.85 38.85
N THR A 66 -25.17 48.01 38.22
CA THR A 66 -26.15 49.07 38.26
C THR A 66 -27.30 48.78 37.29
N GLU A 67 -28.40 49.51 37.42
CA GLU A 67 -29.60 49.25 36.62
C GLU A 67 -29.30 49.20 35.12
N ALA A 68 -28.61 50.22 34.62
CA ALA A 68 -28.31 50.35 33.19
C ALA A 68 -27.37 49.22 32.71
N GLU A 69 -26.42 48.86 33.57
CA GLU A 69 -25.48 47.79 33.29
C GLU A 69 -26.22 46.46 33.23
N PHE A 70 -27.08 46.22 34.21
CA PHE A 70 -27.87 45.00 34.26
C PHE A 70 -28.77 44.82 33.03
N LEU A 71 -29.45 45.90 32.64
CA LEU A 71 -30.42 45.81 31.54
C LEU A 71 -29.69 45.62 30.20
N ARG A 72 -28.52 46.25 30.07
CA ARG A 72 -27.60 45.95 28.98
C ARG A 72 -27.27 44.44 28.88
N THR A 73 -26.82 43.84 29.98
CA THR A 73 -26.62 42.39 30.06
C THR A 73 -27.84 41.60 29.58
N MET A 74 -29.04 41.94 30.06
CA MET A 74 -30.27 41.25 29.64
C MET A 74 -30.51 41.37 28.14
N THR A 75 -30.13 42.53 27.57
CA THR A 75 -30.29 42.76 26.13
C THR A 75 -29.35 41.84 25.38
N ALA A 76 -28.08 41.79 25.83
CA ALA A 76 -27.08 40.89 25.22
C ALA A 76 -27.53 39.44 25.31
N ILE A 77 -27.98 39.05 26.50
CA ILE A 77 -28.48 37.70 26.73
C ILE A 77 -29.56 37.33 25.72
N THR A 78 -30.52 38.23 25.51
CA THR A 78 -31.61 38.06 24.54
C THR A 78 -31.06 37.95 23.12
N GLU A 79 -30.12 38.81 22.76
CA GLU A 79 -29.49 38.74 21.42
C GLU A 79 -28.82 37.38 21.25
N TRP A 80 -28.21 36.87 22.32
CA TRP A 80 -27.39 35.66 22.23
C TRP A 80 -28.17 34.38 22.30
N VAL A 81 -29.22 34.37 23.12
CA VAL A 81 -29.92 33.12 23.46
C VAL A 81 -31.28 32.99 22.77
N SER A 82 -32.11 34.03 22.87
CA SER A 82 -33.46 33.96 22.36
C SER A 82 -33.84 35.19 21.57
N PRO A 83 -33.05 35.54 20.53
CA PRO A 83 -33.40 36.79 19.85
C PRO A 83 -34.74 36.71 19.11
N GLN A 84 -35.11 35.52 18.65
CA GLN A 84 -36.40 35.35 18.00
C GLN A 84 -37.56 35.35 19.00
N GLU A 85 -37.34 34.84 20.21
CA GLU A 85 -38.42 34.71 21.18
C GLU A 85 -38.54 35.97 22.04
N GLY A 86 -37.41 36.61 22.33
CA GLY A 86 -37.40 37.88 23.05
C GLY A 86 -37.35 37.66 24.53
N CYS A 87 -37.46 38.75 25.30
CA CYS A 87 -37.41 38.74 26.76
C CYS A 87 -38.37 37.75 27.40
N THR A 88 -39.54 37.52 26.80
CA THR A 88 -40.57 36.76 27.50
C THR A 88 -40.33 35.30 27.41
N TYR A 89 -39.28 34.89 26.69
CA TYR A 89 -38.87 33.49 26.67
C TYR A 89 -38.59 33.01 28.10
N CYS A 90 -37.91 33.86 28.84
CA CYS A 90 -37.53 33.55 30.20
C CYS A 90 -38.44 34.25 31.20
N HIS A 91 -39.08 35.33 30.77
CA HIS A 91 -39.77 36.23 31.70
C HIS A 91 -41.29 36.18 31.58
N ASP A 92 -41.94 36.32 32.73
CA ASP A 92 -43.35 36.68 32.80
C ASP A 92 -43.45 38.19 32.54
N GLU A 93 -44.03 38.58 31.42
CA GLU A 93 -44.13 40.01 31.06
C GLU A 93 -44.69 40.91 32.19
N ASN A 94 -45.47 40.33 33.10
CA ASN A 94 -46.01 41.14 34.19
C ASN A 94 -45.24 41.08 35.49
N ASN A 95 -44.27 40.17 35.56
CA ASN A 95 -43.49 40.00 36.77
C ASN A 95 -42.08 39.53 36.43
N LEU A 96 -41.21 40.48 36.13
CA LEU A 96 -39.83 40.17 35.75
C LEU A 96 -39.05 39.40 36.85
N ALA A 97 -39.49 39.52 38.10
CA ALA A 97 -38.92 38.73 39.21
C ALA A 97 -39.42 37.27 39.27
N SER A 98 -40.47 36.94 38.54
CA SER A 98 -41.01 35.57 38.54
C SER A 98 -40.10 34.50 37.87
N GLU A 99 -40.02 33.32 38.50
CA GLU A 99 -39.26 32.19 37.99
C GLU A 99 -40.16 31.13 37.39
N ALA A 100 -41.41 31.47 37.14
CA ALA A 100 -42.40 30.49 36.69
C ALA A 100 -41.94 29.75 35.44
N LYS A 101 -41.30 30.46 34.52
CA LYS A 101 -40.92 29.84 33.26
C LYS A 101 -39.56 29.13 33.40
N TYR A 102 -39.47 27.89 32.93
CA TYR A 102 -38.23 27.10 33.14
C TYR A 102 -36.91 27.79 32.67
N PRO A 103 -36.91 28.42 31.46
CA PRO A 103 -35.69 29.08 30.98
C PRO A 103 -35.09 30.06 31.97
N TYR A 104 -35.92 30.61 32.84
CA TYR A 104 -35.42 31.57 33.81
C TYR A 104 -34.38 30.97 34.78
N VAL A 105 -34.75 29.90 35.50
CA VAL A 105 -33.80 29.27 36.43
C VAL A 105 -32.61 28.65 35.70
N VAL A 106 -32.87 28.06 34.53
CA VAL A 106 -31.80 27.50 33.68
C VAL A 106 -30.76 28.57 33.33
N ALA A 107 -31.24 29.73 32.89
CA ALA A 107 -30.37 30.87 32.55
C ALA A 107 -29.54 31.40 33.72
N ARG A 108 -30.10 31.36 34.93
CA ARG A 108 -29.33 31.77 36.13
C ARG A 108 -28.18 30.79 36.37
N ARG A 109 -28.47 29.50 36.27
CA ARG A 109 -27.45 28.49 36.30
C ARG A 109 -26.40 28.72 35.20
N MET A 110 -26.88 28.98 33.97
CA MET A 110 -26.03 29.30 32.83
C MET A 110 -25.11 30.49 33.07
N LEU A 111 -25.63 31.50 33.76
CA LEU A 111 -24.84 32.65 34.17
C LEU A 111 -23.69 32.24 35.08
N GLU A 112 -23.97 31.34 36.02
CA GLU A 112 -22.91 30.79 36.89
C GLU A 112 -21.90 29.93 36.09
N MET A 113 -22.43 29.06 35.23
CA MET A 113 -21.58 28.28 34.39
C MET A 113 -20.64 29.16 33.57
N THR A 114 -21.19 30.20 32.94
CA THR A 114 -20.40 31.06 32.07
C THR A 114 -19.30 31.79 32.86
N ARG A 115 -19.64 32.30 34.03
CA ARG A 115 -18.66 32.95 34.89
C ARG A 115 -17.59 31.96 35.40
N ALA A 116 -18.00 30.73 35.69
CA ALA A 116 -17.07 29.65 36.04
C ALA A 116 -16.06 29.36 34.89
N ILE A 117 -16.57 29.23 33.67
CA ILE A 117 -15.73 29.02 32.50
C ILE A 117 -14.71 30.16 32.42
N ASN A 118 -15.17 31.40 32.44
CA ASN A 118 -14.26 32.53 32.27
C ASN A 118 -13.32 32.81 33.45
N THR A 119 -13.69 32.34 34.64
CA THR A 119 -12.90 32.53 35.87
C THR A 119 -11.97 31.33 36.18
N ASN A 120 -12.50 30.11 36.14
CA ASN A 120 -11.78 28.87 36.50
C ASN A 120 -11.10 28.09 35.36
N TRP A 121 -11.43 28.38 34.09
CA TRP A 121 -10.89 27.60 32.99
C TRP A 121 -10.17 28.46 32.00
N THR A 122 -9.46 29.45 32.52
CA THR A 122 -8.66 30.33 31.68
C THR A 122 -7.51 29.55 31.01
N GLN A 123 -7.18 28.39 31.56
CA GLN A 123 -6.14 27.55 30.96
C GLN A 123 -6.64 27.02 29.64
N HIS A 124 -7.96 27.01 29.46
CA HIS A 124 -8.51 26.71 28.16
C HIS A 124 -8.89 27.95 27.33
N VAL A 125 -9.72 28.82 27.90
CA VAL A 125 -10.38 29.89 27.16
C VAL A 125 -9.59 31.20 27.20
N ALA A 126 -8.53 31.20 28.01
CA ALA A 126 -7.58 32.32 28.07
C ALA A 126 -8.31 33.64 28.30
N GLN A 127 -7.89 34.68 27.59
CA GLN A 127 -8.54 35.98 27.70
C GLN A 127 -9.58 36.15 26.58
N THR A 128 -9.77 35.13 25.75
CA THR A 128 -10.82 35.15 24.74
C THR A 128 -12.18 34.98 25.43
N GLY A 129 -12.32 33.92 26.23
CA GLY A 129 -13.48 33.71 27.04
C GLY A 129 -14.66 33.24 26.23
N VAL A 130 -15.78 33.00 26.92
CA VAL A 130 -17.03 32.65 26.26
C VAL A 130 -18.18 33.57 26.69
N THR A 131 -19.20 33.63 25.83
CA THR A 131 -20.50 34.22 26.17
C THR A 131 -21.53 33.17 25.82
N CYS A 132 -22.80 33.46 26.14
CA CYS A 132 -23.91 32.58 25.79
C CYS A 132 -23.95 32.31 24.30
N TYR A 133 -23.54 33.29 23.51
CA TYR A 133 -23.53 33.12 22.07
C TYR A 133 -22.64 31.98 21.62
N THR A 134 -21.53 31.77 22.33
CA THR A 134 -20.50 30.81 21.92
C THR A 134 -21.11 29.43 21.64
N CYS A 135 -22.01 29.02 22.54
CA CYS A 135 -22.72 27.77 22.39
C CYS A 135 -24.07 27.93 21.69
N HIS A 136 -24.83 28.95 22.11
CA HIS A 136 -26.24 29.09 21.71
C HIS A 136 -26.46 29.56 20.25
N ARG A 137 -25.58 30.46 19.80
CA ARG A 137 -25.63 31.05 18.46
C ARG A 137 -27.03 31.57 18.09
N GLY A 138 -27.70 32.21 19.06
CA GLY A 138 -28.99 32.81 18.79
C GLY A 138 -30.22 31.91 18.85
N THR A 139 -30.12 30.74 19.46
CA THR A 139 -31.27 29.86 19.68
C THR A 139 -31.20 29.27 21.09
N PRO A 140 -32.35 29.14 21.78
CA PRO A 140 -32.38 28.58 23.15
C PRO A 140 -31.71 27.22 23.22
N LEU A 141 -32.04 26.35 22.27
CA LEU A 141 -31.35 25.08 22.12
C LEU A 141 -30.05 25.29 21.31
N PRO A 142 -28.87 25.10 21.95
CA PRO A 142 -27.64 25.22 21.14
C PRO A 142 -27.65 24.27 19.95
N PRO A 143 -27.11 24.70 18.79
CA PRO A 143 -27.18 23.81 17.61
C PRO A 143 -26.40 22.48 17.77
N TYR A 144 -25.40 22.45 18.65
CA TYR A 144 -24.54 21.25 18.76
C TYR A 144 -24.49 20.73 20.18
N VAL A 145 -25.32 19.74 20.46
CA VAL A 145 -25.36 19.12 21.79
C VAL A 145 -25.25 17.60 21.71
N ARG A 146 -24.92 16.96 22.82
CA ARG A 146 -24.92 15.48 22.86
C ARG A 146 -25.87 14.91 23.91
N TYR A 147 -26.49 13.78 23.57
CA TYR A 147 -27.25 12.96 24.53
C TYR A 147 -26.41 11.74 24.91
N LEU A 148 -26.99 10.80 25.65
CA LEU A 148 -26.24 9.64 26.07
C LEU A 148 -26.20 8.59 24.98
N GLU A 149 -26.65 8.96 23.80
CA GLU A 149 -26.48 8.13 22.61
C GLU A 149 -26.27 9.01 21.37
N PRO A 150 -25.51 8.52 20.37
CA PRO A 150 -25.28 9.39 19.24
C PRO A 150 -26.58 9.81 18.55
N THR A 151 -26.65 11.07 18.15
CA THR A 151 -27.81 11.64 17.48
C THR A 151 -27.43 12.33 16.17
N LEU A 152 -28.32 12.22 15.18
CA LEU A 152 -28.18 12.90 13.90
C LEU A 152 -29.45 13.72 13.55
N PRO A 153 -29.27 14.86 12.84
CA PRO A 153 -27.99 15.44 12.39
C PRO A 153 -27.17 16.02 13.56
N LEU A 154 -25.92 16.40 13.31
CA LEU A 154 -25.06 16.92 14.35
C LEU A 154 -25.61 18.27 14.77
N ASN A 155 -26.11 18.99 13.76
CA ASN A 155 -26.75 20.27 13.94
C ASN A 155 -28.26 20.05 14.07
N ASN A 156 -28.79 20.29 15.26
CA ASN A 156 -30.20 20.00 15.51
C ASN A 156 -31.16 20.99 14.79
N ARG A 157 -30.63 22.00 14.13
CA ARG A 157 -31.43 22.92 13.33
C ARG A 157 -31.83 22.31 11.98
N GLU A 158 -31.09 21.31 11.50
CA GLU A 158 -31.46 20.58 10.28
C GLU A 158 -32.47 19.49 10.61
N THR A 159 -33.38 19.20 9.67
CA THR A 159 -34.43 18.19 9.88
C THR A 159 -33.85 16.78 9.70
N PRO A 160 -34.11 15.91 10.68
CA PRO A 160 -33.67 14.51 10.59
C PRO A 160 -34.44 13.72 9.56
N THR A 161 -33.74 12.87 8.80
CA THR A 161 -34.40 11.84 8.02
C THR A 161 -34.97 10.80 9.00
N HIS A 162 -35.74 9.85 8.47
CA HIS A 162 -36.36 8.86 9.33
C HIS A 162 -35.26 7.98 9.91
N VAL A 163 -34.25 7.66 9.09
CA VAL A 163 -33.14 6.79 9.52
C VAL A 163 -32.23 7.46 10.56
N GLU A 164 -32.08 8.78 10.45
CA GLU A 164 -31.29 9.56 11.40
C GLU A 164 -31.91 9.63 12.79
N ARG A 165 -33.23 9.50 12.85
CA ARG A 165 -33.95 9.59 14.12
C ARG A 165 -33.42 8.55 15.09
N VAL A 166 -33.19 8.96 16.32
CA VAL A 166 -32.58 8.04 17.26
C VAL A 166 -33.42 6.75 17.49
N GLU A 167 -34.72 6.77 17.18
CA GLU A 167 -35.57 5.58 17.37
C GLU A 167 -35.45 4.57 16.25
N THR A 168 -34.92 4.98 15.10
CA THR A 168 -34.71 4.05 14.01
C THR A 168 -33.42 3.25 14.23
N ARG A 169 -33.61 2.00 14.65
CA ARG A 169 -32.52 1.08 15.00
C ARG A 169 -31.58 0.79 13.83
N SER A 170 -32.08 0.78 12.61
CA SER A 170 -31.21 0.50 11.46
C SER A 170 -30.20 1.62 11.15
N GLY A 171 -30.34 2.76 11.82
CA GLY A 171 -29.52 3.92 11.51
C GLY A 171 -28.37 4.15 12.48
N TYR A 172 -28.23 3.26 13.45
CA TYR A 172 -27.25 3.38 14.53
C TYR A 172 -25.78 3.55 14.09
N VAL A 173 -25.31 2.65 13.22
CA VAL A 173 -23.93 2.70 12.75
C VAL A 173 -23.57 4.05 12.09
N VAL A 174 -24.54 4.62 11.35
CA VAL A 174 -24.34 5.90 10.70
C VAL A 174 -24.30 7.02 11.74
N ARG A 175 -25.10 6.90 12.80
CA ARG A 175 -25.12 7.93 13.84
C ARG A 175 -23.78 7.92 14.54
N LEU A 176 -23.22 6.74 14.67
CA LEU A 176 -21.93 6.57 15.29
C LEU A 176 -20.83 7.07 14.36
N ALA A 177 -20.86 6.69 13.08
CA ALA A 177 -19.83 7.10 12.13
C ALA A 177 -19.69 8.62 12.00
N LYS A 178 -20.82 9.30 11.89
CA LYS A 178 -20.79 10.73 11.64
C LYS A 178 -20.34 11.51 12.85
N TYR A 179 -20.36 10.88 14.01
CA TYR A 179 -19.77 11.51 15.18
C TYR A 179 -18.24 11.28 15.23
N THR A 180 -17.74 10.34 14.44
CA THR A 180 -16.32 10.01 14.46
C THR A 180 -15.67 10.20 13.08
N ALA A 181 -16.01 11.31 12.43
CA ALA A 181 -15.47 11.69 11.13
C ALA A 181 -15.58 10.57 10.11
N TYR A 182 -16.70 9.83 10.20
CA TYR A 182 -17.09 8.79 9.21
C TYR A 182 -16.39 7.45 9.37
N SER A 183 -15.58 7.32 10.42
CA SER A 183 -14.94 6.04 10.67
C SER A 183 -15.97 5.00 11.09
N ALA A 184 -15.58 3.73 11.05
CA ALA A 184 -16.46 2.64 11.48
C ALA A 184 -16.18 2.23 12.91
N LEU A 185 -15.43 3.05 13.65
CA LEU A 185 -15.11 2.76 15.04
C LEU A 185 -16.37 2.60 15.88
N ASN A 186 -16.50 1.45 16.52
CA ASN A 186 -17.74 1.06 17.16
C ASN A 186 -17.85 1.54 18.61
N TYR A 187 -17.59 2.82 18.83
CA TYR A 187 -17.54 3.43 20.17
C TYR A 187 -18.09 4.84 20.14
N ASP A 188 -18.86 5.20 21.16
CA ASP A 188 -19.30 6.59 21.31
C ASP A 188 -18.38 7.32 22.28
N PRO A 189 -17.45 8.11 21.73
CA PRO A 189 -16.47 8.72 22.62
C PRO A 189 -17.05 9.80 23.50
N PHE A 190 -18.24 10.33 23.19
CA PHE A 190 -18.85 11.29 24.09
C PHE A 190 -19.23 10.69 25.46
N THR A 191 -20.01 9.61 25.46
CA THR A 191 -20.40 9.00 26.75
C THR A 191 -19.19 8.41 27.46
N MET A 192 -18.23 7.88 26.71
CA MET A 192 -17.03 7.29 27.31
C MET A 192 -16.10 8.29 27.97
N PHE A 193 -15.83 9.44 27.33
CA PHE A 193 -14.79 10.33 27.84
C PHE A 193 -15.22 11.73 28.26
N LEU A 194 -16.35 12.22 27.76
CA LEU A 194 -16.64 13.64 27.93
C LEU A 194 -17.78 13.94 28.88
N ALA A 195 -18.73 13.01 28.98
CA ALA A 195 -19.82 13.06 29.95
C ALA A 195 -19.31 13.17 31.39
N ASN A 196 -18.21 12.50 31.69
CA ASN A 196 -17.64 12.51 33.04
C ASN A 196 -16.17 12.10 33.06
N ASP A 197 -15.60 12.01 34.26
CA ASP A 197 -14.20 11.69 34.40
C ASP A 197 -13.88 10.21 34.69
N LYS A 198 -14.73 9.29 34.27
CA LYS A 198 -14.55 7.89 34.67
C LYS A 198 -13.44 7.17 33.94
N ARG A 199 -13.14 7.56 32.71
CA ARG A 199 -12.23 6.80 31.87
C ARG A 199 -10.95 7.56 31.55
N GLN A 200 -9.93 6.81 31.18
CA GLN A 200 -8.63 7.37 30.91
C GLN A 200 -8.43 7.37 29.38
N VAL A 201 -8.04 8.51 28.83
CA VAL A 201 -7.87 8.62 27.38
C VAL A 201 -6.58 7.92 26.95
N ARG A 202 -5.52 8.10 27.72
CA ARG A 202 -4.22 7.50 27.44
C ARG A 202 -4.29 5.97 27.47
N VAL A 203 -3.66 5.33 26.48
CA VAL A 203 -3.71 3.87 26.35
C VAL A 203 -2.35 3.30 25.99
N VAL A 204 -1.38 4.16 25.68
CA VAL A 204 -0.09 3.71 25.21
C VAL A 204 0.87 3.49 26.36
N PRO A 205 1.54 2.31 26.39
CA PRO A 205 2.50 2.05 27.45
C PRO A 205 3.60 3.11 27.50
N GLN A 206 4.08 3.36 28.71
CA GLN A 206 5.08 4.38 28.92
C GLN A 206 6.50 3.81 28.99
N THR A 207 6.64 2.52 28.68
CA THR A 207 7.95 1.86 28.66
C THR A 207 8.08 1.01 27.40
N ALA A 208 9.32 0.75 27.00
CA ALA A 208 9.62 -0.09 25.85
C ALA A 208 9.13 -1.54 26.03
N LEU A 209 9.44 -2.15 27.18
CA LEU A 209 9.09 -3.54 27.37
C LEU A 209 7.83 -3.60 28.23
N PRO A 210 7.07 -4.70 28.13
CA PRO A 210 5.87 -4.85 28.97
C PRO A 210 6.23 -5.13 30.44
N LEU A 211 5.72 -4.28 31.33
CA LEU A 211 5.84 -4.46 32.77
C LEU A 211 5.08 -5.71 33.18
N VAL A 212 5.79 -6.62 33.86
CA VAL A 212 5.22 -7.84 34.44
C VAL A 212 4.28 -7.42 35.56
N GLY A 213 3.03 -7.85 35.46
CA GLY A 213 2.01 -7.42 36.41
C GLY A 213 0.93 -6.53 35.82
N VAL A 214 1.15 -5.99 34.61
CA VAL A 214 0.06 -5.23 33.96
C VAL A 214 -0.19 -5.68 32.52
N SER A 215 0.45 -6.77 32.09
CA SER A 215 0.55 -7.09 30.68
C SER A 215 0.03 -8.46 30.28
N ARG A 216 -0.68 -9.14 31.17
CA ARG A 216 -1.18 -10.46 30.85
C ARG A 216 -2.64 -10.60 31.27
N GLY A 217 -3.42 -11.25 30.42
CA GLY A 217 -4.81 -11.53 30.69
C GLY A 217 -5.59 -10.34 31.20
N LYS A 218 -6.31 -10.55 32.30
CA LYS A 218 -7.24 -9.56 32.80
C LYS A 218 -6.58 -8.33 33.40
N GLU A 219 -5.25 -8.37 33.54
CA GLU A 219 -4.48 -7.21 34.04
C GLU A 219 -4.44 -6.08 33.01
N ARG A 220 -4.68 -6.44 31.74
CA ARG A 220 -4.58 -5.52 30.61
C ARG A 220 -5.89 -4.78 30.32
N ARG A 221 -5.79 -3.49 29.98
CA ARG A 221 -6.90 -2.82 29.28
C ARG A 221 -7.20 -3.63 27.98
N PRO A 222 -8.49 -3.78 27.62
CA PRO A 222 -8.76 -4.55 26.40
C PRO A 222 -8.46 -3.64 25.18
N LEU A 223 -8.22 -4.23 24.01
CA LEU A 223 -7.79 -3.43 22.85
C LEU A 223 -8.87 -2.39 22.46
N SER A 224 -10.10 -2.63 22.93
CA SER A 224 -11.23 -1.76 22.66
C SER A 224 -10.98 -0.33 23.12
N ASP A 225 -10.23 -0.18 24.22
CA ASP A 225 -9.83 1.13 24.72
C ASP A 225 -9.02 1.93 23.69
N ALA A 226 -8.17 1.26 22.91
CA ALA A 226 -7.40 1.96 21.89
C ALA A 226 -8.30 2.38 20.72
N TYR A 227 -9.27 1.55 20.34
CA TYR A 227 -10.22 1.99 19.30
C TYR A 227 -11.01 3.21 19.76
N ALA A 228 -11.40 3.20 21.04
CA ALA A 228 -12.22 4.24 21.64
C ALA A 228 -11.48 5.58 21.70
N THR A 229 -10.23 5.56 22.14
CA THR A 229 -9.40 6.75 22.11
C THR A 229 -9.21 7.27 20.67
N PHE A 230 -8.99 6.37 19.72
CA PHE A 230 -8.96 6.76 18.33
C PHE A 230 -10.30 7.46 17.93
N ALA A 231 -11.43 6.87 18.35
CA ALA A 231 -12.77 7.45 18.10
C ALA A 231 -12.87 8.89 18.60
N LEU A 232 -12.43 9.09 19.83
CA LEU A 232 -12.48 10.40 20.44
C LEU A 232 -11.62 11.36 19.66
N MET A 233 -10.48 10.89 19.16
CA MET A 233 -9.53 11.79 18.52
C MET A 233 -10.03 12.15 17.13
N MET A 234 -10.68 11.20 16.47
CA MET A 234 -11.34 11.45 15.20
C MET A 234 -12.38 12.52 15.42
N SER A 235 -13.12 12.41 16.52
CA SER A 235 -14.22 13.28 16.82
C SER A 235 -13.77 14.69 17.18
N ILE A 236 -12.67 14.77 17.92
CA ILE A 236 -12.11 16.06 18.32
C ILE A 236 -11.59 16.82 17.08
N SER A 237 -10.94 16.08 16.19
CA SER A 237 -10.40 16.60 14.94
C SER A 237 -11.50 17.24 14.08
N ASP A 238 -12.54 16.47 13.83
CA ASP A 238 -13.71 16.94 13.12
C ASP A 238 -14.35 18.11 13.87
N SER A 239 -14.48 18.04 15.20
CA SER A 239 -15.05 19.15 15.97
C SER A 239 -14.32 20.48 15.83
N LEU A 240 -13.00 20.47 15.63
CA LEU A 240 -12.24 21.71 15.44
C LEU A 240 -11.88 21.96 13.98
N GLY A 241 -12.41 21.16 13.06
CA GLY A 241 -12.03 21.25 11.66
C GLY A 241 -10.53 21.22 11.47
N THR A 242 -9.85 20.25 12.10
CA THR A 242 -8.41 20.10 11.96
C THR A 242 -8.00 18.63 11.80
N ASN A 243 -6.71 18.36 11.89
CA ASN A 243 -6.22 17.00 11.81
C ASN A 243 -5.25 16.71 12.97
N CYS A 244 -4.84 15.46 13.11
CA CYS A 244 -4.02 15.02 14.24
C CYS A 244 -2.75 15.88 14.45
N THR A 245 -2.14 16.32 13.35
CA THR A 245 -0.86 17.02 13.45
C THR A 245 -0.98 18.44 13.99
N PHE A 246 -2.19 18.88 14.24
CA PHE A 246 -2.42 20.16 14.89
C PHE A 246 -1.93 20.07 16.33
N CYS A 247 -2.05 18.86 16.89
CA CYS A 247 -1.67 18.61 18.28
C CYS A 247 -0.46 17.67 18.48
N HIS A 248 -0.31 16.68 17.58
CA HIS A 248 0.65 15.59 17.74
C HIS A 248 1.68 15.56 16.62
N ASN A 249 2.87 15.05 16.93
CA ASN A 249 3.76 14.46 15.93
C ASN A 249 3.46 12.98 16.01
N ALA A 250 2.91 12.42 14.93
CA ALA A 250 2.46 11.02 14.93
C ALA A 250 3.61 10.00 15.13
N GLN A 251 4.86 10.47 15.09
CA GLN A 251 5.96 9.62 15.47
C GLN A 251 5.63 8.93 16.80
N THR A 252 5.06 9.69 17.72
CA THR A 252 4.79 9.21 19.06
C THR A 252 3.63 10.03 19.68
N PHE A 253 2.42 9.54 19.49
CA PHE A 253 1.21 10.20 20.04
C PHE A 253 1.32 10.45 21.54
N GLU A 254 2.00 9.54 22.24
CA GLU A 254 1.99 9.55 23.68
C GLU A 254 2.96 10.58 24.27
N SER A 255 3.86 11.10 23.46
CA SER A 255 4.90 11.98 24.01
C SER A 255 4.55 13.46 24.02
N TRP A 256 5.08 14.16 25.02
CA TRP A 256 4.90 15.59 25.10
C TRP A 256 6.23 16.25 24.70
N GLY A 257 6.57 17.41 25.27
CA GLY A 257 7.83 18.07 24.92
C GLY A 257 7.79 18.52 23.47
N LYS A 258 8.83 18.18 22.71
CA LYS A 258 8.94 18.57 21.29
C LYS A 258 7.97 17.79 20.39
N LYS A 259 7.33 16.75 20.95
CA LYS A 259 6.48 15.84 20.15
C LYS A 259 4.99 16.25 20.15
N SER A 260 4.68 17.36 20.79
CA SER A 260 3.32 17.85 20.89
C SER A 260 3.38 19.36 20.73
N THR A 261 2.29 19.94 20.22
CA THR A 261 2.22 21.39 20.08
C THR A 261 1.53 22.00 21.31
N PRO A 262 1.75 23.30 21.56
CA PRO A 262 1.04 23.90 22.72
C PRO A 262 -0.47 23.75 22.66
N GLN A 263 -1.02 23.63 21.45
CA GLN A 263 -2.45 23.37 21.25
C GLN A 263 -2.94 22.04 21.91
N ARG A 264 -2.05 21.05 21.98
CA ARG A 264 -2.42 19.81 22.62
C ARG A 264 -2.63 20.00 24.15
N ALA A 265 -1.79 20.82 24.78
CA ALA A 265 -1.95 21.09 26.20
C ALA A 265 -3.29 21.77 26.43
N ILE A 266 -3.58 22.77 25.60
CA ILE A 266 -4.86 23.47 25.69
C ILE A 266 -6.01 22.46 25.50
N ALA A 267 -5.90 21.55 24.54
CA ALA A 267 -6.93 20.53 24.38
C ALA A 267 -7.15 19.69 25.64
N TRP A 268 -6.06 19.37 26.33
CA TRP A 268 -6.10 18.57 27.53
C TRP A 268 -6.89 19.32 28.61
N TRP A 269 -6.62 20.60 28.76
CA TRP A 269 -7.45 21.42 29.64
C TRP A 269 -8.94 21.43 29.19
N GLY A 270 -9.17 21.49 27.89
CA GLY A 270 -10.52 21.43 27.35
C GLY A 270 -11.31 20.20 27.74
N ILE A 271 -10.67 19.03 27.74
CA ILE A 271 -11.35 17.82 28.23
C ILE A 271 -11.78 17.99 29.71
N ARG A 272 -10.91 18.56 30.52
CA ARG A 272 -11.19 18.73 31.94
C ARG A 272 -12.33 19.71 32.10
N MET A 273 -12.28 20.80 31.33
CA MET A 273 -13.33 21.81 31.34
C MET A 273 -14.68 21.21 30.94
N VAL A 274 -14.71 20.46 29.85
CA VAL A 274 -15.95 19.86 29.36
C VAL A 274 -16.59 18.94 30.41
N ARG A 275 -15.79 18.09 31.04
CA ARG A 275 -16.29 17.21 32.08
C ARG A 275 -16.85 17.97 33.29
N ASP A 276 -16.20 19.07 33.66
CA ASP A 276 -16.69 19.94 34.72
C ASP A 276 -18.07 20.50 34.35
N LEU A 277 -18.14 21.11 33.17
CA LEU A 277 -19.38 21.64 32.65
C LEU A 277 -20.47 20.59 32.66
N ASN A 278 -20.16 19.40 32.15
CA ASN A 278 -21.16 18.36 32.01
C ASN A 278 -21.64 17.80 33.35
N MET A 279 -20.70 17.35 34.19
CA MET A 279 -21.03 16.76 35.49
C MET A 279 -21.66 17.77 36.44
N ASN A 280 -21.20 19.02 36.40
CA ASN A 280 -21.53 19.99 37.46
C ASN A 280 -22.52 21.10 37.10
N TYR A 281 -22.83 21.27 35.82
CA TYR A 281 -23.72 22.34 35.37
C TYR A 281 -24.80 21.83 34.44
N LEU A 282 -24.45 20.95 33.51
CA LEU A 282 -25.39 20.58 32.46
C LEU A 282 -26.26 19.37 32.82
N ALA A 283 -25.65 18.24 33.19
CA ALA A 283 -26.39 17.03 33.55
C ALA A 283 -27.44 17.26 34.66
N PRO A 284 -27.09 18.04 35.72
CA PRO A 284 -28.10 18.27 36.76
C PRO A 284 -29.33 19.07 36.29
N LEU A 285 -29.35 19.54 35.04
CA LEU A 285 -30.46 20.37 34.60
C LEU A 285 -31.65 19.54 34.16
N ASN A 286 -31.54 18.21 34.26
CA ASN A 286 -32.67 17.38 33.86
C ASN A 286 -33.86 17.49 34.81
N ALA A 287 -33.59 17.86 36.06
CA ALA A 287 -34.62 18.21 37.05
C ALA A 287 -35.39 19.49 36.68
N SER A 288 -34.78 20.40 35.90
CA SER A 288 -35.36 21.70 35.59
C SER A 288 -35.93 21.81 34.17
N LEU A 289 -35.78 20.77 33.35
CA LEU A 289 -36.14 20.90 31.93
C LEU A 289 -37.42 20.16 31.62
N PRO A 290 -38.18 20.65 30.64
CA PRO A 290 -39.35 19.86 30.27
C PRO A 290 -38.88 18.50 29.78
N ALA A 291 -39.72 17.48 29.94
CA ALA A 291 -39.45 16.15 29.42
C ALA A 291 -38.99 16.20 27.96
N SER A 292 -39.62 17.05 27.16
CA SER A 292 -39.34 17.15 25.72
C SER A 292 -37.89 17.58 25.37
N ARG A 293 -37.15 18.11 26.36
CA ARG A 293 -35.74 18.47 26.15
C ARG A 293 -34.79 17.31 26.41
N LEU A 294 -35.33 16.23 26.97
CA LEU A 294 -34.48 15.18 27.50
C LEU A 294 -34.22 14.04 26.51
N GLY A 295 -33.08 13.39 26.67
CA GLY A 295 -32.79 12.20 25.87
C GLY A 295 -33.54 10.99 26.39
N ARG A 296 -33.58 9.93 25.59
CA ARG A 296 -34.36 8.75 25.90
C ARG A 296 -34.11 8.11 27.29
N GLN A 297 -33.02 8.50 27.96
CA GLN A 297 -32.69 7.97 29.29
C GLN A 297 -32.89 9.06 30.35
N GLY A 298 -33.62 10.10 29.98
CA GLY A 298 -33.93 11.21 30.89
C GLY A 298 -32.80 12.22 31.07
N GLU A 299 -31.85 12.20 30.16
CA GLU A 299 -30.68 13.04 30.30
C GLU A 299 -30.93 14.42 29.66
N ALA A 300 -30.31 15.44 30.24
CA ALA A 300 -30.24 16.76 29.65
C ALA A 300 -29.20 16.72 28.51
N PRO A 301 -29.39 17.56 27.46
CA PRO A 301 -28.36 17.65 26.43
C PRO A 301 -27.09 18.16 27.05
N GLN A 302 -25.95 17.63 26.63
CA GLN A 302 -24.69 18.08 27.19
C GLN A 302 -23.78 18.63 26.10
N ALA A 303 -22.60 19.09 26.52
CA ALA A 303 -21.62 19.77 25.66
C ALA A 303 -20.45 18.86 25.25
N ASP A 304 -19.98 19.01 24.02
CA ASP A 304 -18.70 18.45 23.62
C ASP A 304 -17.81 19.55 23.05
N CYS A 305 -16.77 19.20 22.30
CA CYS A 305 -15.89 20.22 21.74
C CYS A 305 -16.64 21.00 20.67
N ARG A 306 -17.44 20.30 19.87
CA ARG A 306 -18.17 20.93 18.79
C ARG A 306 -19.15 22.01 19.27
N THR A 307 -19.75 21.79 20.44
CA THR A 307 -20.70 22.73 21.02
C THR A 307 -20.21 24.15 20.92
N CYS A 308 -18.92 24.37 21.21
CA CYS A 308 -18.32 25.71 21.14
C CYS A 308 -17.61 25.96 19.84
N HIS A 309 -16.82 24.99 19.38
CA HIS A 309 -15.88 25.19 18.31
C HIS A 309 -16.54 25.12 16.94
N GLN A 310 -17.57 24.29 16.81
CA GLN A 310 -18.35 24.21 15.59
C GLN A 310 -17.44 24.19 14.35
N GLY A 311 -16.43 23.32 14.37
CA GLY A 311 -15.60 23.05 13.18
C GLY A 311 -14.43 23.98 12.95
N VAL A 312 -14.08 24.77 13.99
CA VAL A 312 -13.03 25.78 13.89
C VAL A 312 -12.11 25.61 15.10
N THR A 313 -10.81 25.86 14.95
CA THR A 313 -9.84 25.51 15.99
C THR A 313 -9.92 26.43 17.19
N LYS A 314 -10.35 27.67 16.97
CA LYS A 314 -10.79 28.54 18.05
C LYS A 314 -12.24 28.85 17.76
N PRO A 315 -13.10 28.83 18.80
CA PRO A 315 -14.51 29.11 18.49
C PRO A 315 -14.66 30.51 17.90
N LEU A 316 -15.47 30.62 16.84
CA LEU A 316 -15.69 31.91 16.19
C LEU A 316 -14.37 32.59 15.80
N PHE A 317 -13.37 31.78 15.46
CA PHE A 317 -12.07 32.30 15.02
C PHE A 317 -11.36 33.22 16.04
N GLY A 318 -11.71 33.07 17.31
CA GLY A 318 -11.06 33.89 18.31
C GLY A 318 -11.77 35.19 18.65
N ALA A 319 -12.96 35.43 18.10
CA ALA A 319 -13.74 36.60 18.49
C ALA A 319 -13.97 36.63 20.01
N SER A 320 -13.90 37.81 20.62
CA SER A 320 -14.05 37.92 22.08
C SER A 320 -15.04 39.03 22.44
N ARG A 321 -15.71 38.85 23.57
CA ARG A 321 -16.54 39.90 24.16
C ARG A 321 -16.22 40.07 25.64
N LEU A 322 -15.08 39.53 26.06
CA LEU A 322 -14.73 39.48 27.48
C LEU A 322 -14.67 40.86 28.15
N LYS A 323 -13.97 41.81 27.53
CA LYS A 323 -13.83 43.15 28.09
C LYS A 323 -15.13 43.94 27.95
N ASP A 324 -16.00 43.50 27.05
CA ASP A 324 -17.27 44.16 26.82
C ASP A 324 -18.29 43.79 27.87
N TYR A 325 -18.22 42.55 28.36
CA TYR A 325 -19.12 42.07 29.39
C TYR A 325 -18.37 41.45 30.58
N PRO A 326 -17.68 42.30 31.37
CA PRO A 326 -16.92 41.79 32.53
C PRO A 326 -17.77 41.02 33.52
N GLU A 327 -19.09 41.24 33.51
CA GLU A 327 -20.01 40.51 34.39
C GLU A 327 -20.09 39.01 34.06
N LEU A 328 -19.55 38.61 32.91
CA LEU A 328 -19.52 37.20 32.57
C LEU A 328 -18.19 36.52 32.98
N GLY A 329 -17.26 37.26 33.57
CA GLY A 329 -15.99 36.69 34.01
C GLY A 329 -14.80 37.27 33.26
N PRO A 330 -13.58 37.21 33.85
CA PRO A 330 -13.24 36.57 35.12
C PRO A 330 -13.75 37.35 36.33
N ILE A 331 -14.36 36.66 37.30
CA ILE A 331 -14.83 37.30 38.53
C ILE A 331 -13.75 37.23 39.62
N LYS A 332 -13.28 38.40 40.08
CA LYS A 332 -12.27 38.54 41.17
C LYS A 332 -12.64 37.74 42.41
N FME B 1 9.58 -5.73 37.13
CN FME B 1 9.96 -4.41 37.11
O1 FME B 1 11.11 -4.06 37.34
CA FME B 1 10.28 -6.48 36.08
CB FME B 1 10.27 -7.97 36.39
CG FME B 1 11.03 -8.31 37.65
SD FME B 1 10.36 -9.82 38.28
CE FME B 1 10.23 -10.98 36.95
C FME B 1 9.58 -6.34 34.75
O FME B 1 8.38 -6.01 34.70
N TYR B 2 10.31 -6.69 33.69
CA TYR B 2 9.80 -6.58 32.32
C TYR B 2 9.86 -7.88 31.56
N HIS B 3 8.76 -8.22 30.89
CA HIS B 3 8.74 -9.32 29.91
C HIS B 3 9.76 -9.03 28.81
N GLY B 4 10.50 -10.05 28.38
CA GLY B 4 11.52 -9.90 27.36
C GLY B 4 12.87 -9.36 27.78
N ALA B 5 12.97 -8.86 29.00
CA ALA B 5 14.25 -8.34 29.52
C ALA B 5 15.20 -9.48 29.86
N LEU B 6 16.45 -9.34 29.43
CA LEU B 6 17.49 -10.30 29.75
C LEU B 6 18.62 -9.59 30.50
N ALA B 7 19.54 -10.38 31.05
CA ALA B 7 20.74 -9.80 31.68
C ALA B 7 21.48 -8.87 30.69
N GLN B 8 22.16 -7.84 31.22
CA GLN B 8 23.07 -6.94 30.45
C GLN B 8 22.35 -5.85 29.66
N HIS B 9 21.12 -5.52 30.09
CA HIS B 9 20.20 -4.68 29.28
C HIS B 9 19.97 -5.13 27.81
N LEU B 10 20.07 -6.43 27.56
CA LEU B 10 19.60 -7.05 26.34
C LEU B 10 18.11 -7.33 26.51
N ASP B 11 17.41 -7.49 25.39
CA ASP B 11 16.05 -7.99 25.41
C ASP B 11 15.83 -8.92 24.24
N ILE B 12 14.76 -9.71 24.33
CA ILE B 12 14.46 -10.76 23.36
C ILE B 12 14.29 -10.26 21.90
N ALA B 13 13.45 -9.25 21.69
CA ALA B 13 13.25 -8.69 20.34
C ALA B 13 14.59 -8.27 19.72
N GLN B 14 15.44 -7.66 20.54
CA GLN B 14 16.76 -7.27 20.14
C GLN B 14 17.57 -8.47 19.64
N LEU B 15 17.47 -9.62 20.30
CA LEU B 15 18.16 -10.83 19.84
C LEU B 15 17.56 -11.32 18.52
N VAL B 16 16.23 -11.25 18.40
CA VAL B 16 15.54 -11.71 17.22
C VAL B 16 15.87 -10.83 16.00
N TRP B 17 16.17 -9.55 16.24
CA TRP B 17 16.66 -8.68 15.20
C TRP B 17 17.94 -9.20 14.56
N TYR B 18 18.95 -9.55 15.37
CA TYR B 18 20.20 -10.15 14.86
C TYR B 18 19.93 -11.47 14.20
N ALA B 19 19.08 -12.29 14.83
CA ALA B 19 18.76 -13.61 14.27
C ALA B 19 18.12 -13.49 12.88
N GLN B 20 17.28 -12.46 12.68
CA GLN B 20 16.52 -12.34 11.45
C GLN B 20 17.45 -11.91 10.32
N TRP B 21 18.34 -10.94 10.58
CA TRP B 21 19.37 -10.58 9.60
C TRP B 21 20.28 -11.75 9.30
N LEU B 22 20.51 -12.60 10.29
CA LEU B 22 21.36 -13.75 10.05
C LEU B 22 20.70 -14.79 9.11
N VAL B 23 19.42 -15.08 9.33
CA VAL B 23 18.64 -15.93 8.42
C VAL B 23 18.61 -15.31 7.00
N ILE B 24 18.26 -14.02 6.93
CA ILE B 24 18.22 -13.35 5.63
C ILE B 24 19.56 -13.44 4.90
N TRP B 25 20.67 -13.08 5.58
CA TRP B 25 21.98 -13.15 4.91
C TRP B 25 22.42 -14.55 4.50
N THR B 26 22.17 -15.51 5.37
CA THR B 26 22.45 -16.91 5.11
C THR B 26 21.73 -17.43 3.88
N VAL B 27 20.43 -17.20 3.82
CA VAL B 27 19.61 -17.62 2.68
C VAL B 27 20.03 -16.88 1.41
N VAL B 28 20.18 -15.56 1.52
CA VAL B 28 20.55 -14.79 0.33
C VAL B 28 21.93 -15.19 -0.19
N LEU B 29 22.94 -15.11 0.67
CA LEU B 29 24.32 -15.32 0.27
C LEU B 29 24.66 -16.81 0.08
N LEU B 30 24.34 -17.64 1.07
CA LEU B 30 24.78 -19.02 1.01
C LEU B 30 23.90 -19.89 0.16
N TYR B 31 22.62 -19.54 0.07
CA TYR B 31 21.71 -20.38 -0.70
C TYR B 31 21.40 -19.79 -2.11
N LEU B 32 20.70 -18.65 -2.16
CA LEU B 32 20.24 -18.05 -3.44
C LEU B 32 21.36 -17.71 -4.42
N ARG B 33 22.36 -16.98 -3.90
CA ARG B 33 23.47 -16.52 -4.72
C ARG B 33 24.28 -17.67 -5.27
N ARG B 34 24.21 -18.83 -4.62
CA ARG B 34 24.82 -20.01 -5.18
C ARG B 34 23.96 -20.66 -6.23
N GLU B 35 22.64 -20.67 -6.01
CA GLU B 35 21.69 -21.15 -7.00
C GLU B 35 21.82 -20.32 -8.27
N ASP B 36 22.05 -19.01 -8.12
CA ASP B 36 22.34 -18.12 -9.25
C ASP B 36 23.54 -18.52 -10.13
N ARG B 37 24.35 -19.49 -9.68
CA ARG B 37 25.58 -19.82 -10.41
C ARG B 37 25.51 -21.22 -11.02
N ARG B 38 24.29 -21.72 -11.21
CA ARG B 38 24.15 -23.01 -11.86
C ARG B 38 24.30 -22.91 -13.37
N GLU B 39 24.40 -21.68 -13.88
CA GLU B 39 24.70 -21.47 -15.29
C GLU B 39 25.86 -20.49 -15.50
N GLY B 40 26.73 -20.78 -16.45
CA GLY B 40 27.71 -19.80 -16.89
C GLY B 40 29.02 -19.78 -16.11
N TYR B 41 29.15 -20.69 -15.15
CA TYR B 41 30.31 -20.77 -14.25
C TYR B 41 31.06 -22.06 -14.47
N PRO B 42 32.38 -22.06 -14.23
CA PRO B 42 33.17 -20.90 -13.78
C PRO B 42 33.40 -19.89 -14.89
N LEU B 43 33.61 -18.64 -14.49
CA LEU B 43 33.98 -17.54 -15.37
C LEU B 43 35.22 -17.83 -16.23
N VAL B 44 35.41 -16.98 -17.25
CA VAL B 44 36.58 -17.06 -18.14
C VAL B 44 37.30 -15.70 -18.12
N GLU B 45 38.64 -15.72 -18.21
CA GLU B 45 39.51 -14.51 -18.03
C GLU B 45 40.50 -14.26 -19.17
N PRO B 54 43.04 -23.09 -10.76
CA PRO B 54 41.69 -23.31 -10.18
C PRO B 54 41.53 -22.70 -8.76
N GLU B 55 41.18 -21.42 -8.71
CA GLU B 55 41.05 -20.68 -7.45
C GLU B 55 40.00 -21.24 -6.47
N ASP B 56 40.29 -21.04 -5.18
CA ASP B 56 39.42 -21.50 -4.10
C ASP B 56 38.03 -20.91 -4.29
N GLY B 57 38.00 -19.61 -4.62
CA GLY B 57 36.79 -18.80 -4.84
C GLY B 57 35.82 -19.41 -5.83
N GLN B 58 36.39 -20.06 -6.85
CA GLN B 58 35.58 -20.67 -7.89
C GLN B 58 34.85 -21.89 -7.39
N VAL B 59 35.41 -22.53 -6.37
CA VAL B 59 34.78 -23.68 -5.75
C VAL B 59 33.75 -23.21 -4.72
N TYR B 60 34.11 -22.22 -3.91
CA TYR B 60 33.25 -21.77 -2.84
C TYR B 60 31.92 -21.17 -3.33
N GLU B 61 31.95 -20.50 -4.47
CA GLU B 61 30.76 -19.84 -5.01
C GLU B 61 29.75 -20.79 -5.67
N LEU B 62 30.15 -22.02 -5.98
CA LEU B 62 29.27 -22.95 -6.68
C LEU B 62 28.46 -23.81 -5.73
N PRO B 63 27.23 -24.18 -6.10
CA PRO B 63 26.53 -25.13 -5.24
C PRO B 63 26.92 -26.56 -5.63
N TYR B 64 26.50 -27.54 -4.84
CA TYR B 64 26.59 -28.93 -5.30
C TYR B 64 25.75 -29.15 -6.56
N PRO B 65 26.29 -29.85 -7.58
CA PRO B 65 25.47 -30.16 -8.78
C PRO B 65 24.12 -30.77 -8.43
N LYS B 66 23.13 -30.54 -9.28
CA LYS B 66 21.83 -31.15 -9.11
C LYS B 66 21.55 -31.85 -10.41
N THR B 67 20.76 -32.90 -10.34
CA THR B 67 20.41 -33.61 -11.54
C THR B 67 18.92 -33.54 -11.83
N PHE B 68 18.57 -33.02 -13.00
CA PHE B 68 17.19 -33.07 -13.46
C PHE B 68 16.95 -34.39 -14.19
N VAL B 69 15.89 -35.10 -13.80
CA VAL B 69 15.46 -36.28 -14.51
C VAL B 69 14.41 -35.86 -15.53
N LEU B 70 14.76 -35.95 -16.80
CA LEU B 70 13.92 -35.44 -17.88
C LEU B 70 12.63 -36.26 -18.11
N PRO B 71 11.52 -35.59 -18.47
CA PRO B 71 10.22 -36.30 -18.62
C PRO B 71 10.22 -37.37 -19.71
N HIS B 72 11.09 -37.26 -20.70
CA HIS B 72 11.15 -38.24 -21.80
C HIS B 72 12.50 -38.97 -21.89
N GLY B 73 13.12 -39.26 -20.75
CA GLY B 73 14.37 -39.99 -20.72
C GLY B 73 15.61 -39.13 -20.69
N GLY B 74 16.62 -39.59 -19.97
CA GLY B 74 17.89 -38.89 -19.88
C GLY B 74 17.90 -37.94 -18.69
N THR B 75 19.05 -37.30 -18.47
CA THR B 75 19.20 -36.41 -17.34
C THR B 75 20.03 -35.18 -17.73
N VAL B 76 19.97 -34.15 -16.88
CA VAL B 76 20.76 -32.95 -17.07
C VAL B 76 21.30 -32.54 -15.70
N THR B 77 22.60 -32.27 -15.64
CA THR B 77 23.27 -31.89 -14.40
C THR B 77 23.80 -30.46 -14.46
N VAL B 78 23.57 -29.67 -13.41
CA VAL B 78 24.02 -28.27 -13.38
C VAL B 78 24.52 -27.87 -11.99
N PRO B 79 25.63 -27.11 -11.92
CA PRO B 79 26.43 -26.63 -13.03
C PRO B 79 27.28 -27.74 -13.62
N ARG B 80 27.67 -27.57 -14.87
CA ARG B 80 28.62 -28.47 -15.49
C ARG B 80 29.49 -27.67 -16.45
N ARG B 81 30.65 -28.23 -16.79
CA ARG B 81 31.58 -27.61 -17.74
C ARG B 81 30.96 -27.55 -19.13
N ARG B 82 30.86 -26.35 -19.67
CA ARG B 82 30.33 -26.15 -21.03
C ARG B 82 31.17 -25.08 -21.76
N PRO B 83 32.37 -25.46 -22.22
CA PRO B 83 33.14 -24.41 -22.89
C PRO B 83 32.55 -24.22 -24.30
N GLU B 84 32.62 -22.99 -24.80
CA GLU B 84 31.96 -22.66 -26.06
C GLU B 84 32.89 -22.87 -27.24
N THR B 85 32.74 -24.02 -27.88
CA THR B 85 33.62 -24.46 -28.98
C THR B 85 33.60 -23.47 -30.16
N ARG B 86 32.39 -23.16 -30.63
CA ARG B 86 32.13 -22.46 -31.89
C ARG B 86 32.99 -21.20 -32.07
N GLU B 87 33.78 -21.16 -33.15
CA GLU B 87 34.61 -20.00 -33.49
C GLU B 87 33.74 -18.76 -33.67
N LEU B 88 34.11 -17.67 -33.01
CA LEU B 88 33.33 -16.45 -33.11
C LEU B 88 33.95 -15.44 -34.09
N LYS B 89 33.18 -15.06 -35.10
CA LYS B 89 33.63 -14.08 -36.07
C LYS B 89 33.55 -12.66 -35.52
N LEU B 90 34.43 -12.42 -34.55
CA LEU B 90 34.49 -11.17 -33.76
C LEU B 90 35.93 -10.76 -33.50
N ALA B 91 36.20 -9.47 -33.46
CA ALA B 91 37.53 -8.96 -33.15
C ALA B 91 37.48 -7.85 -32.12
N GLN B 92 38.53 -7.75 -31.31
CA GLN B 92 38.69 -6.67 -30.34
C GLN B 92 38.71 -5.34 -31.03
N THR B 93 38.01 -4.35 -30.49
CA THR B 93 38.05 -3.03 -31.06
C THR B 93 39.22 -2.27 -30.45
N ASP B 94 39.75 -2.82 -29.36
CA ASP B 94 40.82 -2.22 -28.58
C ASP B 94 41.45 -3.28 -27.67
N GLY B 95 42.61 -2.95 -27.08
CA GLY B 95 43.32 -3.90 -26.21
C GLY B 95 42.74 -4.06 -24.81
N PHE B 96 42.12 -2.99 -24.32
CA PHE B 96 41.44 -2.94 -23.04
C PHE B 96 40.44 -4.10 -22.86
N GLU B 97 40.46 -4.71 -21.68
CA GLU B 97 39.71 -5.93 -21.39
C GLU B 97 38.17 -5.79 -21.44
N GLY B 98 37.67 -4.61 -21.07
CA GLY B 98 36.24 -4.36 -21.18
C GLY B 98 35.82 -3.73 -22.49
N ALA B 99 36.72 -3.71 -23.47
CA ALA B 99 36.40 -3.23 -24.83
C ALA B 99 35.41 -4.16 -25.55
N PRO B 100 34.44 -3.60 -26.29
CA PRO B 100 33.52 -4.47 -27.00
C PRO B 100 34.17 -5.17 -28.22
N LEU B 101 33.52 -6.20 -28.73
CA LEU B 101 33.99 -6.83 -29.95
C LEU B 101 33.17 -6.32 -31.16
N GLN B 102 33.74 -6.46 -32.35
CA GLN B 102 32.99 -6.14 -33.54
C GLN B 102 33.00 -7.27 -34.54
N PRO B 103 31.87 -7.48 -35.23
CA PRO B 103 31.73 -8.52 -36.25
C PRO B 103 32.79 -8.38 -37.33
N THR B 104 33.39 -9.50 -37.75
CA THR B 104 34.40 -9.50 -38.84
C THR B 104 33.79 -9.89 -40.17
N GLY B 105 32.55 -10.38 -40.15
CA GLY B 105 31.83 -10.72 -41.38
C GLY B 105 30.40 -10.24 -41.31
N ASN B 106 29.49 -11.05 -41.82
CA ASN B 106 28.08 -10.80 -41.67
C ASN B 106 27.60 -11.33 -40.31
N PRO B 107 27.27 -10.41 -39.38
CA PRO B 107 26.94 -10.82 -38.02
C PRO B 107 25.68 -11.66 -37.93
N LEU B 108 24.72 -11.42 -38.83
CA LEU B 108 23.48 -12.24 -38.86
C LEU B 108 23.76 -13.69 -39.17
N VAL B 109 24.50 -13.93 -40.27
CA VAL B 109 24.86 -15.27 -40.70
C VAL B 109 25.86 -15.82 -39.68
N ASP B 110 26.83 -15.02 -39.25
CA ASP B 110 27.86 -15.52 -38.33
C ASP B 110 27.34 -15.78 -36.93
N ALA B 111 26.17 -15.20 -36.61
CA ALA B 111 25.49 -15.43 -35.33
C ALA B 111 26.28 -14.89 -34.13
N VAL B 112 26.57 -13.59 -34.14
CA VAL B 112 27.25 -12.95 -33.03
C VAL B 112 26.43 -11.76 -32.55
N GLY B 113 26.75 -11.25 -31.35
CA GLY B 113 26.02 -10.16 -30.73
C GLY B 113 24.57 -10.50 -30.50
N PRO B 114 23.64 -9.56 -30.79
CA PRO B 114 22.23 -9.90 -30.58
C PRO B 114 21.69 -10.97 -31.55
N ALA B 115 22.53 -11.41 -32.50
CA ALA B 115 22.18 -12.52 -33.39
C ALA B 115 22.69 -13.89 -32.91
N SER B 116 23.25 -13.95 -31.71
CA SER B 116 23.75 -15.20 -31.12
C SER B 116 22.63 -16.13 -30.70
N TYR B 117 22.82 -17.41 -30.94
CA TYR B 117 21.96 -18.44 -30.40
C TYR B 117 22.73 -19.23 -29.32
N ALA B 118 22.01 -19.89 -28.42
CA ALA B 118 22.63 -20.74 -27.42
C ALA B 118 22.79 -22.17 -27.94
N GLU B 119 23.82 -22.87 -27.43
CA GLU B 119 24.02 -24.28 -27.78
C GLU B 119 22.98 -25.21 -27.10
N ARG B 120 21.71 -24.99 -27.39
CA ARG B 120 20.66 -25.87 -26.90
C ARG B 120 20.76 -27.23 -27.59
N ALA B 121 20.07 -28.21 -27.01
CA ALA B 121 20.09 -29.58 -27.50
C ALA B 121 19.46 -29.64 -28.87
N GLU B 122 19.97 -30.51 -29.76
CA GLU B 122 19.39 -30.72 -31.08
C GLU B 122 18.26 -31.75 -30.96
N VAL B 123 17.25 -31.38 -30.19
CA VAL B 123 16.18 -32.25 -29.77
C VAL B 123 14.85 -31.49 -30.02
N VAL B 124 13.84 -32.22 -30.50
CA VAL B 124 12.53 -31.68 -30.76
C VAL B 124 11.82 -31.57 -29.41
N ASP B 125 11.28 -30.39 -29.11
CA ASP B 125 10.59 -30.21 -27.84
C ASP B 125 9.31 -31.02 -27.91
N ALA B 126 8.92 -31.62 -26.78
CA ALA B 126 7.80 -32.54 -26.77
C ALA B 126 6.59 -32.11 -25.94
N THR B 127 5.41 -32.60 -26.34
CA THR B 127 4.20 -32.53 -25.54
C THR B 127 4.31 -33.51 -24.38
N VAL B 128 3.37 -33.46 -23.46
CA VAL B 128 3.40 -34.38 -22.32
C VAL B 128 3.31 -35.88 -22.73
N ASP B 129 2.67 -36.15 -23.88
CA ASP B 129 2.55 -37.52 -24.40
C ASP B 129 3.67 -37.91 -25.37
N GLY B 130 4.64 -37.03 -25.56
CA GLY B 130 5.82 -37.40 -26.32
C GLY B 130 5.77 -37.02 -27.78
N LYS B 131 4.77 -36.24 -28.18
CA LYS B 131 4.65 -35.79 -29.56
C LYS B 131 5.44 -34.48 -29.76
N ALA B 132 5.73 -34.12 -31.01
CA ALA B 132 6.37 -32.84 -31.29
C ALA B 132 5.48 -31.68 -30.80
N LYS B 133 6.03 -30.79 -29.99
CA LYS B 133 5.24 -29.70 -29.44
C LYS B 133 4.89 -28.58 -30.45
N ILE B 134 5.89 -28.13 -31.21
CA ILE B 134 5.77 -26.96 -32.07
C ILE B 134 5.71 -27.46 -33.50
N VAL B 135 4.51 -27.38 -34.07
CA VAL B 135 4.26 -27.98 -35.38
C VAL B 135 3.35 -27.09 -36.20
N PRO B 136 3.51 -27.13 -37.53
CA PRO B 136 2.66 -26.34 -38.42
C PRO B 136 1.22 -26.87 -38.43
N LEU B 137 0.26 -26.02 -38.78
CA LEU B 137 -1.16 -26.41 -38.79
C LEU B 137 -1.43 -27.54 -39.79
N ARG B 138 -0.64 -27.60 -40.87
CA ARG B 138 -0.80 -28.69 -41.83
C ARG B 138 -0.63 -30.05 -41.14
N VAL B 139 0.16 -30.08 -40.09
CA VAL B 139 0.35 -31.29 -39.28
C VAL B 139 -0.63 -31.34 -38.11
N ALA B 140 -0.84 -30.20 -37.44
CA ALA B 140 -1.70 -30.11 -36.26
C ALA B 140 -3.12 -29.79 -36.69
N THR B 141 -3.76 -30.76 -37.32
CA THR B 141 -5.02 -30.52 -38.04
C THR B 141 -6.21 -30.31 -37.10
N ASP B 142 -6.11 -30.84 -35.88
CA ASP B 142 -7.11 -30.56 -34.85
C ASP B 142 -7.01 -29.16 -34.23
N PHE B 143 -5.98 -28.41 -34.60
CA PHE B 143 -5.88 -27.01 -34.16
C PHE B 143 -6.34 -26.00 -35.20
N SER B 144 -6.92 -24.91 -34.76
CA SER B 144 -7.40 -23.87 -35.64
C SER B 144 -7.16 -22.44 -35.08
N ILE B 145 -7.48 -21.43 -35.87
CA ILE B 145 -7.36 -20.04 -35.50
C ILE B 145 -8.66 -19.60 -34.90
N ALA B 146 -8.62 -18.92 -33.76
CA ALA B 146 -9.86 -18.40 -33.17
C ALA B 146 -10.62 -17.50 -34.14
N GLU B 147 -11.95 -17.60 -34.13
CA GLU B 147 -12.78 -16.76 -34.98
C GLU B 147 -12.75 -15.33 -34.47
N GLY B 148 -12.55 -14.39 -35.38
CA GLY B 148 -12.36 -13.00 -35.04
C GLY B 148 -10.92 -12.57 -35.33
N ASP B 149 -10.02 -13.54 -35.49
CA ASP B 149 -8.61 -13.20 -35.77
C ASP B 149 -8.24 -13.41 -37.22
N VAL B 150 -7.29 -12.60 -37.68
CA VAL B 150 -6.73 -12.68 -39.03
C VAL B 150 -6.18 -14.09 -39.30
N ASP B 151 -6.56 -14.71 -40.41
CA ASP B 151 -5.82 -15.86 -40.95
C ASP B 151 -4.70 -15.28 -41.80
N PRO B 152 -3.44 -15.40 -41.36
CA PRO B 152 -2.38 -14.79 -42.16
C PRO B 152 -1.95 -15.56 -43.43
N ARG B 153 -2.45 -16.77 -43.63
CA ARG B 153 -2.01 -17.61 -44.74
C ARG B 153 -2.40 -16.95 -46.06
N GLY B 154 -1.46 -16.78 -46.97
CA GLY B 154 -1.73 -16.00 -48.17
C GLY B 154 -1.28 -14.54 -48.11
N LEU B 155 -1.11 -13.99 -46.90
CA LEU B 155 -0.73 -12.58 -46.78
C LEU B 155 0.73 -12.37 -47.17
N PRO B 156 1.05 -11.19 -47.73
CA PRO B 156 2.47 -10.88 -47.97
C PRO B 156 3.21 -10.52 -46.64
N VAL B 157 4.51 -10.76 -46.62
CA VAL B 157 5.35 -10.37 -45.51
C VAL B 157 6.14 -9.15 -45.95
N VAL B 158 5.94 -8.01 -45.30
CA VAL B 158 6.61 -6.77 -45.70
C VAL B 158 7.74 -6.43 -44.69
N ALA B 159 8.96 -6.31 -45.22
CA ALA B 159 10.16 -6.12 -44.41
C ALA B 159 10.39 -4.65 -44.08
N ALA B 160 11.49 -4.34 -43.41
CA ALA B 160 11.71 -3.00 -42.86
C ALA B 160 11.88 -1.95 -43.96
N ASP B 161 12.38 -2.38 -45.10
CA ASP B 161 12.53 -1.49 -46.27
C ASP B 161 11.22 -1.36 -47.07
N GLY B 162 10.10 -1.85 -46.52
CA GLY B 162 8.81 -1.73 -47.17
C GLY B 162 8.66 -2.57 -48.44
N VAL B 163 9.60 -3.47 -48.69
CA VAL B 163 9.49 -4.41 -49.81
C VAL B 163 8.93 -5.76 -49.36
N GLU B 164 8.07 -6.34 -50.21
CA GLU B 164 7.56 -7.68 -49.98
C GLU B 164 8.66 -8.76 -49.94
N ALA B 165 8.72 -9.47 -48.82
CA ALA B 165 9.76 -10.47 -48.59
C ALA B 165 9.33 -11.89 -48.97
N GLY B 166 8.02 -12.12 -49.04
CA GLY B 166 7.50 -13.46 -49.28
C GLY B 166 6.04 -13.56 -48.91
N THR B 167 5.55 -14.78 -48.76
CA THR B 167 4.12 -15.00 -48.56
C THR B 167 3.95 -15.99 -47.43
N VAL B 168 3.06 -15.67 -46.49
CA VAL B 168 2.74 -16.61 -45.42
C VAL B 168 2.06 -17.88 -45.94
N THR B 169 2.67 -19.02 -45.65
CA THR B 169 2.13 -20.33 -46.02
C THR B 169 1.56 -21.13 -44.86
N ASP B 170 2.00 -20.88 -43.61
CA ASP B 170 1.48 -21.64 -42.46
C ASP B 170 1.75 -20.95 -41.12
N LEU B 171 1.17 -21.50 -40.06
CA LEU B 171 1.43 -21.06 -38.70
C LEU B 171 1.86 -22.26 -37.90
N TRP B 172 2.87 -22.07 -37.04
CA TRP B 172 3.33 -23.13 -36.15
C TRP B 172 2.76 -22.92 -34.75
N VAL B 173 1.98 -23.90 -34.30
CA VAL B 173 1.28 -23.83 -33.02
C VAL B 173 2.07 -24.62 -31.97
N ASP B 174 1.99 -24.16 -30.72
CA ASP B 174 2.49 -24.89 -29.58
C ASP B 174 1.32 -25.73 -29.05
N ARG B 175 1.38 -27.04 -29.25
CA ARG B 175 0.27 -27.92 -28.84
C ARG B 175 0.08 -28.02 -27.33
N SER B 176 1.12 -27.74 -26.55
CA SER B 176 1.08 -27.90 -25.10
C SER B 176 0.44 -26.70 -24.45
N GLU B 177 0.54 -25.54 -25.09
CA GLU B 177 0.01 -24.31 -24.52
C GLU B 177 -1.08 -23.68 -25.37
N HIS B 178 -1.41 -24.26 -26.52
CA HIS B 178 -2.50 -23.72 -27.39
C HIS B 178 -2.19 -22.28 -27.82
N TYR B 179 -1.04 -22.09 -28.46
CA TYR B 179 -0.48 -20.77 -28.67
C TYR B 179 0.41 -20.81 -29.91
N PHE B 180 0.17 -19.92 -30.89
CA PHE B 180 1.01 -19.87 -32.09
C PHE B 180 2.33 -19.22 -31.77
N ARG B 181 3.43 -19.79 -32.24
CA ARG B 181 4.75 -19.24 -31.95
C ARG B 181 5.52 -18.78 -33.18
N TYR B 182 5.18 -19.34 -34.35
CA TYR B 182 5.87 -18.96 -35.59
C TYR B 182 4.92 -18.80 -36.76
N LEU B 183 5.29 -17.92 -37.69
CA LEU B 183 4.69 -17.95 -39.04
C LEU B 183 5.72 -18.63 -39.94
N GLU B 184 5.23 -19.42 -40.90
CA GLU B 184 6.08 -19.95 -41.94
C GLU B 184 5.77 -19.22 -43.25
N LEU B 185 6.81 -18.82 -43.97
CA LEU B 185 6.58 -18.10 -45.21
C LEU B 185 7.47 -18.61 -46.34
N SER B 186 6.99 -18.43 -47.56
CA SER B 186 7.80 -18.64 -48.75
C SER B 186 8.59 -17.40 -49.06
N VAL B 187 9.90 -17.56 -49.25
CA VAL B 187 10.79 -16.43 -49.46
C VAL B 187 10.85 -16.07 -50.93
N ALA B 188 10.41 -14.86 -51.26
CA ALA B 188 10.39 -14.40 -52.66
C ALA B 188 11.78 -14.46 -53.31
N GLY B 189 11.87 -15.17 -54.43
CA GLY B 189 13.08 -15.23 -55.22
C GLY B 189 14.18 -16.15 -54.72
N SER B 190 13.92 -16.86 -53.63
CA SER B 190 14.99 -17.66 -53.00
C SER B 190 14.72 -19.14 -53.01
N ALA B 191 13.54 -19.56 -53.51
CA ALA B 191 13.22 -20.97 -53.69
C ALA B 191 13.43 -21.74 -52.38
N ARG B 192 12.85 -21.21 -51.31
CA ARG B 192 13.03 -21.77 -49.96
C ARG B 192 11.94 -21.25 -49.02
N THR B 193 11.78 -21.97 -47.91
CA THR B 193 10.83 -21.60 -46.88
C THR B 193 11.61 -21.01 -45.67
N ALA B 194 10.92 -20.29 -44.79
CA ALA B 194 11.56 -19.67 -43.62
C ALA B 194 10.57 -19.47 -42.50
N LEU B 195 11.03 -19.65 -41.26
CA LEU B 195 10.17 -19.38 -40.12
C LEU B 195 10.46 -18.00 -39.52
N ILE B 196 9.45 -17.41 -38.90
CA ILE B 196 9.62 -16.14 -38.21
C ILE B 196 8.81 -16.23 -36.91
N PRO B 197 9.41 -15.84 -35.77
CA PRO B 197 8.65 -15.85 -34.51
C PRO B 197 7.53 -14.82 -34.57
N LEU B 198 6.36 -15.13 -34.02
CA LEU B 198 5.28 -14.15 -34.01
C LEU B 198 5.63 -12.82 -33.36
N GLY B 199 6.56 -12.85 -32.41
CA GLY B 199 7.04 -11.64 -31.73
C GLY B 199 7.69 -10.64 -32.66
N PHE B 200 8.15 -11.10 -33.83
CA PHE B 200 8.68 -10.18 -34.85
C PHE B 200 7.65 -9.82 -35.90
N CYS B 201 6.39 -10.23 -35.70
CA CYS B 201 5.33 -9.96 -36.67
C CYS B 201 4.32 -8.94 -36.18
N ASP B 202 4.13 -7.90 -36.97
CA ASP B 202 2.99 -7.02 -36.79
C ASP B 202 1.88 -7.50 -37.76
N VAL B 203 0.90 -8.20 -37.20
CA VAL B 203 -0.13 -8.87 -37.99
C VAL B 203 -1.25 -7.90 -38.35
N LYS B 204 -1.39 -7.57 -39.63
CA LYS B 204 -2.48 -6.69 -40.09
C LYS B 204 -3.45 -7.49 -40.96
N LYS B 205 -4.63 -6.92 -41.25
CA LYS B 205 -5.65 -7.61 -42.09
C LYS B 205 -5.10 -7.99 -43.45
N ASP B 206 -4.27 -7.12 -44.02
CA ASP B 206 -3.77 -7.29 -45.39
C ASP B 206 -2.26 -7.61 -45.55
N LYS B 207 -1.51 -7.62 -44.45
CA LYS B 207 -0.06 -7.89 -44.50
C LYS B 207 0.55 -8.18 -43.13
N ILE B 208 1.77 -8.71 -43.15
CA ILE B 208 2.55 -8.95 -41.96
C ILE B 208 3.78 -8.04 -42.04
N VAL B 209 3.84 -7.05 -41.15
CA VAL B 209 4.98 -6.13 -41.18
C VAL B 209 6.08 -6.63 -40.26
N VAL B 210 7.30 -6.71 -40.81
CA VAL B 210 8.49 -7.18 -40.09
C VAL B 210 9.54 -6.06 -40.13
N THR B 211 9.76 -5.38 -38.99
CA THR B 211 10.76 -4.30 -38.99
C THR B 211 12.19 -4.79 -38.66
N SER B 212 12.33 -6.05 -38.25
CA SER B 212 13.61 -6.51 -37.72
C SER B 212 14.67 -6.66 -38.77
N ILE B 213 14.29 -7.06 -40.00
CA ILE B 213 15.25 -7.23 -41.08
C ILE B 213 14.76 -6.67 -42.42
N LEU B 214 15.68 -6.46 -43.35
CA LEU B 214 15.34 -6.04 -44.73
C LEU B 214 14.89 -7.22 -45.57
N SER B 215 14.13 -6.96 -46.63
CA SER B 215 13.63 -8.02 -47.52
C SER B 215 14.70 -8.99 -48.01
N ASP B 216 15.82 -8.49 -48.50
CA ASP B 216 16.87 -9.39 -49.00
C ASP B 216 17.49 -10.23 -47.90
N GLN B 217 17.30 -9.82 -46.63
CA GLN B 217 17.87 -10.55 -45.50
C GLN B 217 17.13 -11.84 -45.17
N PHE B 218 15.89 -11.98 -45.66
CA PHE B 218 15.15 -13.25 -45.51
C PHE B 218 15.81 -14.44 -46.19
N ALA B 219 16.66 -14.19 -47.17
CA ALA B 219 17.32 -15.26 -47.90
C ALA B 219 18.18 -16.14 -46.99
N ASN B 220 18.75 -15.54 -45.94
CA ASN B 220 19.69 -16.25 -45.07
C ASN B 220 19.15 -16.64 -43.69
N VAL B 221 17.84 -16.59 -43.51
CA VAL B 221 17.27 -17.07 -42.28
C VAL B 221 17.70 -18.54 -42.07
N PRO B 222 18.11 -18.91 -40.85
CA PRO B 222 18.50 -20.32 -40.66
C PRO B 222 17.42 -21.30 -41.12
N ARG B 223 17.86 -22.38 -41.78
CA ARG B 223 16.97 -23.42 -42.32
C ARG B 223 16.77 -24.57 -41.33
N LEU B 224 15.57 -25.14 -41.29
CA LEU B 224 15.31 -26.34 -40.50
C LEU B 224 15.85 -27.59 -41.20
N GLN B 225 16.06 -28.65 -40.42
CA GLN B 225 16.57 -29.91 -40.94
C GLN B 225 15.43 -30.75 -41.48
N SER B 226 14.24 -30.59 -40.88
CA SER B 226 13.03 -31.24 -41.32
C SER B 226 11.95 -30.22 -41.60
N ARG B 227 10.99 -30.59 -42.44
CA ARG B 227 9.95 -29.67 -42.90
C ARG B 227 8.89 -29.40 -41.81
N ASP B 228 8.65 -30.38 -40.94
CA ASP B 228 7.45 -30.36 -40.09
C ASP B 228 7.73 -30.42 -38.58
N GLN B 229 8.99 -30.25 -38.19
CA GLN B 229 9.37 -30.27 -36.78
C GLN B 229 10.61 -29.39 -36.62
N ILE B 230 10.86 -28.96 -35.38
CA ILE B 230 11.93 -27.99 -35.11
C ILE B 230 12.63 -28.35 -33.79
N THR B 231 13.96 -28.33 -33.80
CA THR B 231 14.69 -28.58 -32.57
C THR B 231 14.81 -27.31 -31.70
N LEU B 232 15.12 -27.53 -30.43
CA LEU B 232 15.35 -26.44 -29.49
C LEU B 232 16.42 -25.49 -30.00
N ARG B 233 17.48 -26.03 -30.60
CA ARG B 233 18.56 -25.19 -31.11
C ARG B 233 18.13 -24.42 -32.35
N GLU B 234 17.34 -25.06 -33.21
CA GLU B 234 16.82 -24.37 -34.41
C GLU B 234 15.92 -23.22 -33.99
N GLU B 235 15.09 -23.44 -32.98
CA GLU B 235 14.23 -22.35 -32.49
C GLU B 235 15.10 -21.16 -32.12
N ASP B 236 16.24 -21.44 -31.48
CA ASP B 236 17.17 -20.41 -31.03
C ASP B 236 17.80 -19.74 -32.25
N LYS B 237 18.30 -20.54 -33.19
CA LYS B 237 18.88 -20.00 -34.43
C LYS B 237 17.93 -19.06 -35.18
N VAL B 238 16.67 -19.49 -35.30
CA VAL B 238 15.67 -18.72 -36.02
C VAL B 238 15.34 -17.39 -35.29
N SER B 239 14.98 -17.46 -34.01
CA SER B 239 14.76 -16.25 -33.24
C SER B 239 15.96 -15.28 -33.26
N ALA B 240 17.16 -15.82 -33.11
CA ALA B 240 18.33 -14.98 -32.95
C ALA B 240 18.63 -14.17 -34.21
N TYR B 241 18.24 -14.72 -35.36
CA TYR B 241 18.55 -14.09 -36.64
C TYR B 241 17.79 -12.77 -36.77
N TYR B 242 16.50 -12.78 -36.45
CA TYR B 242 15.72 -11.55 -36.49
C TYR B 242 16.17 -10.54 -35.42
N ALA B 243 16.52 -11.04 -34.24
CA ALA B 243 16.95 -10.17 -33.15
C ALA B 243 18.23 -9.48 -33.60
N GLY B 244 19.06 -10.21 -34.32
CA GLY B 244 20.26 -9.61 -34.87
C GLY B 244 19.93 -8.40 -35.73
N GLY B 245 18.84 -8.50 -36.49
CA GLY B 245 18.45 -7.42 -37.38
C GLY B 245 18.22 -6.12 -36.63
N LEU B 246 17.74 -6.22 -35.40
CA LEU B 246 17.45 -5.04 -34.62
C LEU B 246 18.67 -4.13 -34.49
N LEU B 247 19.87 -4.72 -34.47
CA LEU B 247 21.09 -3.97 -34.32
C LEU B 247 21.86 -3.91 -35.63
N TYR B 248 21.62 -4.86 -36.54
CA TYR B 248 22.48 -5.04 -37.71
C TYR B 248 21.85 -4.95 -39.11
N ALA B 249 20.53 -4.83 -39.21
CA ALA B 249 19.88 -4.80 -40.55
C ALA B 249 20.46 -3.72 -41.46
N THR B 250 20.85 -2.59 -40.86
CA THR B 250 21.51 -1.48 -41.56
C THR B 250 22.70 -1.04 -40.71
N PRO B 251 23.76 -0.47 -41.31
CA PRO B 251 24.90 0.02 -40.48
C PRO B 251 24.49 1.03 -39.43
N GLU B 252 23.43 1.78 -39.71
CA GLU B 252 22.96 2.83 -38.84
C GLU B 252 22.47 2.29 -37.49
N ARG B 253 21.98 1.06 -37.48
CA ARG B 253 21.24 0.59 -36.31
C ARG B 253 22.11 0.37 -35.05
N ALA B 254 23.39 0.06 -35.24
CA ALA B 254 24.32 -0.07 -34.11
C ALA B 254 24.72 1.28 -33.50
N GLU B 255 24.58 2.35 -34.28
CA GLU B 255 25.08 3.65 -33.86
C GLU B 255 24.09 4.31 -32.91
N ALA B 256 24.55 5.35 -32.21
CA ALA B 256 23.71 6.08 -31.27
C ALA B 256 22.39 6.53 -31.93
N LEU B 257 21.26 6.18 -31.30
CA LEU B 257 19.93 6.55 -31.80
C LEU B 257 19.69 8.05 -31.76
N LEU B 258 20.36 8.74 -30.85
CA LEU B 258 20.24 10.19 -30.74
C LEU B 258 21.62 10.86 -30.83
N ALA C 1 36.18 -13.28 -15.32
CA ALA C 1 35.32 -12.06 -15.30
C ALA C 1 34.19 -12.08 -16.35
N LEU C 2 34.16 -13.13 -17.18
CA LEU C 2 33.03 -13.30 -18.09
C LEU C 2 32.29 -14.62 -17.85
N LEU C 3 30.95 -14.57 -17.87
CA LEU C 3 30.17 -15.81 -17.89
C LEU C 3 30.59 -16.64 -19.07
N SER C 4 30.49 -17.95 -18.94
CA SER C 4 31.01 -18.81 -19.99
C SER C 4 30.25 -18.66 -21.32
N PHE C 5 29.10 -17.99 -21.33
CA PHE C 5 28.33 -17.83 -22.56
C PHE C 5 28.33 -16.37 -23.05
N GLU C 6 29.12 -15.54 -22.38
CA GLU C 6 28.97 -14.10 -22.44
C GLU C 6 29.64 -13.42 -23.62
N ARG C 7 30.81 -13.92 -24.01
CA ARG C 7 31.67 -13.20 -24.95
C ARG C 7 30.97 -12.86 -26.29
N LYS C 8 30.25 -13.83 -26.86
CA LYS C 8 29.55 -13.62 -28.13
C LYS C 8 28.57 -12.44 -28.12
N TYR C 9 28.09 -12.04 -26.94
CA TYR C 9 27.14 -10.95 -26.81
C TYR C 9 27.81 -9.60 -26.57
N ARG C 10 29.12 -9.63 -26.28
CA ARG C 10 29.81 -8.41 -25.87
C ARG C 10 30.24 -7.56 -27.06
N VAL C 11 29.26 -7.20 -27.87
CA VAL C 11 29.54 -6.46 -29.08
C VAL C 11 29.36 -4.99 -28.85
N ARG C 12 29.81 -4.28 -29.85
CA ARG C 12 29.81 -2.85 -29.97
C ARG C 12 28.38 -2.42 -30.38
N GLY C 13 27.89 -1.32 -29.81
CA GLY C 13 26.69 -0.67 -30.30
C GLY C 13 25.51 -0.77 -29.38
N GLY C 14 24.49 0.03 -29.67
CA GLY C 14 23.23 -0.07 -28.99
C GLY C 14 22.96 1.14 -28.16
N THR C 15 23.86 2.12 -28.22
CA THR C 15 23.75 3.30 -27.36
C THR C 15 22.63 4.26 -27.83
N LEU C 16 22.21 5.12 -26.90
CA LEU C 16 21.28 6.20 -27.17
C LEU C 16 22.09 7.47 -27.48
N ILE C 17 23.12 7.70 -26.67
CA ILE C 17 23.98 8.86 -26.78
C ILE C 17 25.40 8.39 -26.58
N GLY C 18 26.35 8.97 -27.33
CA GLY C 18 27.78 8.70 -27.11
C GLY C 18 28.47 7.71 -28.05
N GLY C 19 27.71 6.77 -28.62
CA GLY C 19 28.32 5.80 -29.52
C GLY C 19 29.52 5.14 -28.84
N ASP C 20 30.66 5.11 -29.53
CA ASP C 20 31.83 4.35 -29.07
C ASP C 20 32.55 4.96 -27.85
N LEU C 21 32.27 6.22 -27.56
CA LEU C 21 32.97 6.95 -26.51
C LEU C 21 32.99 6.20 -25.16
N PHE C 22 31.83 5.72 -24.74
CA PHE C 22 31.66 5.08 -23.44
C PHE C 22 31.15 3.66 -23.57
N ASP C 23 31.24 3.12 -24.80
CA ASP C 23 30.71 1.81 -25.08
C ASP C 23 31.70 0.74 -24.64
N PHE C 24 31.70 0.48 -23.34
CA PHE C 24 32.60 -0.55 -22.76
C PHE C 24 32.12 -1.04 -21.40
N TRP C 25 32.79 -2.05 -20.87
CA TRP C 25 32.49 -2.61 -19.56
C TRP C 25 33.59 -2.32 -18.54
N VAL C 26 33.20 -2.09 -17.27
CA VAL C 26 34.15 -2.17 -16.15
C VAL C 26 33.77 -3.37 -15.28
N GLY C 27 34.58 -4.42 -15.34
CA GLY C 27 34.22 -5.71 -14.80
C GLY C 27 32.93 -6.23 -15.44
N PRO C 28 31.89 -6.52 -14.62
CA PRO C 28 30.64 -6.99 -15.18
C PRO C 28 29.75 -5.85 -15.69
N TYR C 29 30.04 -4.60 -15.29
CA TYR C 29 29.18 -3.44 -15.55
C TYR C 29 29.35 -2.80 -16.93
N PHE C 30 28.26 -2.69 -17.68
CA PHE C 30 28.29 -1.83 -18.86
C PHE C 30 28.35 -0.38 -18.42
N VAL C 31 29.07 0.43 -19.17
CA VAL C 31 29.19 1.81 -18.82
C VAL C 31 28.19 2.65 -19.61
N GLY C 32 28.60 3.12 -20.80
CA GLY C 32 27.75 3.98 -21.60
C GLY C 32 27.70 5.37 -21.04
N PHE C 33 27.20 6.30 -21.85
CA PHE C 33 27.06 7.67 -21.41
C PHE C 33 26.31 7.76 -20.07
N PHE C 34 25.27 6.93 -19.94
CA PHE C 34 24.37 7.05 -18.80
C PHE C 34 24.93 6.36 -17.57
N GLY C 35 25.90 5.48 -17.77
CA GLY C 35 26.66 4.92 -16.66
C GLY C 35 27.48 6.06 -16.07
N VAL C 36 28.12 6.82 -16.95
CA VAL C 36 28.97 7.93 -16.54
C VAL C 36 28.15 8.97 -15.82
N SER C 37 26.98 9.32 -16.34
CA SER C 37 26.15 10.33 -15.65
C SER C 37 25.54 9.76 -14.33
N ALA C 38 25.20 8.47 -14.32
CA ALA C 38 24.76 7.79 -13.06
C ALA C 38 25.82 7.93 -11.97
N ILE C 39 27.05 7.53 -12.29
CA ILE C 39 28.15 7.58 -11.34
C ILE C 39 28.30 9.01 -10.82
N PHE C 40 28.18 9.96 -11.74
CA PHE C 40 28.36 11.34 -11.40
C PHE C 40 27.29 11.82 -10.40
N PHE C 41 26.02 11.58 -10.72
CA PHE C 41 24.91 11.96 -9.83
C PHE C 41 24.98 11.22 -8.48
N ILE C 42 25.41 9.97 -8.51
CA ILE C 42 25.51 9.16 -7.31
C ILE C 42 26.60 9.72 -6.39
N PHE C 43 27.78 9.92 -6.95
CA PHE C 43 28.89 10.45 -6.21
C PHE C 43 28.50 11.78 -5.55
N LEU C 44 27.90 12.67 -6.35
CA LEU C 44 27.48 14.00 -5.91
C LEU C 44 26.48 13.89 -4.77
N GLY C 45 25.47 13.04 -4.96
CA GLY C 45 24.38 12.92 -3.99
C GLY C 45 24.81 12.29 -2.70
N VAL C 46 25.58 11.20 -2.78
CA VAL C 46 26.12 10.58 -1.58
C VAL C 46 27.09 11.51 -0.79
N SER C 47 27.93 12.22 -1.54
CA SER C 47 28.81 13.23 -0.94
C SER C 47 28.01 14.32 -0.21
N LEU C 48 26.96 14.82 -0.84
CA LEU C 48 26.10 15.81 -0.19
C LEU C 48 25.38 15.19 1.02
N ILE C 49 25.00 13.92 0.95
CA ILE C 49 24.36 13.29 2.09
C ILE C 49 25.33 13.21 3.28
N GLY C 50 26.55 12.68 3.02
CA GLY C 50 27.61 12.57 4.01
C GLY C 50 27.97 13.92 4.62
N TYR C 51 28.14 14.92 3.77
CA TYR C 51 28.44 16.22 4.27
C TYR C 51 27.30 16.81 5.13
N ALA C 52 26.08 16.79 4.59
CA ALA C 52 24.91 17.25 5.35
C ALA C 52 24.80 16.53 6.70
N ALA C 53 24.94 15.21 6.69
CA ALA C 53 24.80 14.43 7.90
C ALA C 53 25.84 14.86 8.94
N SER C 54 27.06 15.11 8.46
CA SER C 54 28.18 15.48 9.33
C SER C 54 27.88 16.74 10.12
N GLN C 55 26.94 17.56 9.65
CA GLN C 55 26.58 18.82 10.31
C GLN C 55 25.39 18.67 11.24
N GLY C 56 24.98 17.44 11.50
CA GLY C 56 23.77 17.17 12.23
C GLY C 56 24.03 16.54 13.58
N PRO C 57 22.97 16.15 14.29
CA PRO C 57 23.19 15.68 15.65
C PRO C 57 23.71 14.26 15.81
N THR C 58 23.73 13.44 14.75
CA THR C 58 23.96 12.00 14.95
C THR C 58 24.65 11.31 13.78
N TRP C 59 25.40 10.25 14.09
CA TRP C 59 25.96 9.36 13.06
C TRP C 59 25.23 8.02 13.00
N ASP C 60 24.28 7.80 13.89
CA ASP C 60 23.54 6.55 13.87
C ASP C 60 22.74 6.43 12.54
N PRO C 61 22.99 5.34 11.79
CA PRO C 61 22.42 5.23 10.43
C PRO C 61 20.91 5.38 10.40
N PHE C 62 20.22 4.88 11.43
CA PHE C 62 18.75 4.90 11.44
C PHE C 62 18.15 6.28 11.74
N ALA C 63 18.92 7.11 12.45
CA ALA C 63 18.42 8.38 12.97
C ALA C 63 18.84 9.58 12.13
N ILE C 64 19.83 9.41 11.24
CA ILE C 64 20.23 10.51 10.37
C ILE C 64 19.02 10.97 9.53
N SER C 65 18.96 12.28 9.26
CA SER C 65 17.82 12.85 8.58
C SER C 65 18.18 14.15 7.90
N ILE C 66 17.97 14.21 6.59
CA ILE C 66 18.24 15.40 5.82
C ILE C 66 16.89 15.91 5.28
N ASN C 67 16.48 17.08 5.75
CA ASN C 67 15.09 17.54 5.60
C ASN C 67 14.92 18.72 4.64
N PRO C 68 13.77 18.76 3.93
CA PRO C 68 13.42 19.87 3.07
C PRO C 68 13.20 21.19 3.87
N PRO C 69 12.97 22.30 3.15
CA PRO C 69 12.79 23.58 3.82
C PRO C 69 11.46 23.68 4.53
N ASP C 70 11.33 24.69 5.42
CA ASP C 70 10.06 25.19 5.91
C ASP C 70 9.11 25.54 4.76
N LEU C 71 7.81 25.42 5.01
CA LEU C 71 6.80 25.71 3.99
C LEU C 71 6.96 27.11 3.42
N LYS C 72 7.28 28.07 4.28
CA LYS C 72 7.40 29.49 3.87
C LYS C 72 8.44 29.78 2.77
N TYR C 73 9.40 28.89 2.50
CA TYR C 73 10.30 29.09 1.36
C TYR C 73 9.64 28.81 0.00
N GLY C 74 8.39 28.33 0.02
CA GLY C 74 7.67 27.98 -1.17
C GLY C 74 8.54 27.19 -2.13
N LEU C 75 8.66 27.69 -3.38
CA LEU C 75 9.37 26.97 -4.42
C LEU C 75 10.77 27.50 -4.68
N GLY C 76 11.24 28.44 -3.86
CA GLY C 76 12.58 28.99 -4.02
C GLY C 76 13.67 28.14 -3.38
N ALA C 77 14.92 28.56 -3.56
CA ALA C 77 16.05 27.88 -2.94
C ALA C 77 16.11 28.21 -1.44
N ALA C 78 16.68 27.30 -0.65
CA ALA C 78 16.75 27.52 0.78
C ALA C 78 18.22 27.44 1.17
N PRO C 79 18.61 28.12 2.25
CA PRO C 79 19.99 27.95 2.73
C PRO C 79 20.33 26.46 2.86
N LEU C 80 21.56 26.09 2.53
CA LEU C 80 22.01 24.68 2.58
C LEU C 80 21.54 23.94 3.84
N LEU C 81 21.75 24.55 5.01
CA LEU C 81 21.42 23.88 6.26
C LEU C 81 19.96 24.00 6.63
N GLU C 82 19.20 24.77 5.84
CA GLU C 82 17.78 24.93 6.10
C GLU C 82 16.90 24.33 4.98
N GLY C 83 17.40 23.29 4.31
CA GLY C 83 16.64 22.63 3.25
C GLY C 83 17.39 22.53 1.94
N GLY C 84 18.38 23.40 1.75
CA GLY C 84 19.12 23.48 0.50
C GLY C 84 19.86 22.20 0.15
N PHE C 85 20.44 21.53 1.15
CA PHE C 85 21.08 20.24 0.90
C PHE C 85 20.08 19.23 0.36
N TRP C 86 18.92 19.14 1.02
CA TRP C 86 17.81 18.33 0.58
C TRP C 86 17.44 18.61 -0.91
N GLN C 87 17.40 19.89 -1.29
CA GLN C 87 17.03 20.27 -2.66
C GLN C 87 18.03 19.74 -3.67
N ALA C 88 19.30 19.91 -3.36
CA ALA C 88 20.37 19.47 -4.25
C ALA C 88 20.40 17.95 -4.34
N ILE C 89 20.17 17.27 -3.21
CA ILE C 89 20.17 15.80 -3.17
C ILE C 89 19.02 15.23 -4.01
N THR C 90 17.86 15.91 -4.00
CA THR C 90 16.72 15.50 -4.81
C THR C 90 17.05 15.55 -6.29
N VAL C 91 17.67 16.65 -6.71
CA VAL C 91 18.08 16.81 -8.10
C VAL C 91 19.03 15.68 -8.48
N CYS C 92 19.99 15.36 -7.61
CA CYS C 92 20.91 14.25 -7.87
C CYS C 92 20.20 12.91 -7.94
N ALA C 93 19.24 12.67 -7.05
CA ALA C 93 18.47 11.42 -7.08
C ALA C 93 17.79 11.23 -8.42
N LEU C 94 17.06 12.25 -8.87
CA LEU C 94 16.41 12.23 -10.17
C LEU C 94 17.39 11.95 -11.29
N GLY C 95 18.50 12.66 -11.30
CA GLY C 95 19.49 12.47 -12.32
C GLY C 95 19.97 11.02 -12.32
N ALA C 96 20.20 10.47 -11.14
CA ALA C 96 20.68 9.10 -11.04
C ALA C 96 19.64 8.08 -11.49
N PHE C 97 18.38 8.26 -11.07
CA PHE C 97 17.31 7.32 -11.47
C PHE C 97 17.11 7.30 -13.00
N ILE C 98 17.03 8.50 -13.59
CA ILE C 98 16.83 8.65 -15.02
C ILE C 98 18.00 8.11 -15.85
N SER C 99 19.23 8.36 -15.41
CA SER C 99 20.41 7.77 -16.06
C SER C 99 20.35 6.25 -15.98
N TRP C 100 20.00 5.72 -14.82
CA TRP C 100 19.94 4.29 -14.60
C TRP C 100 18.95 3.65 -15.58
N MET C 101 17.78 4.26 -15.70
CA MET C 101 16.76 3.85 -16.68
C MET C 101 17.26 3.90 -18.14
N LEU C 102 17.89 5.02 -18.52
CA LEU C 102 18.34 5.17 -19.90
C LEU C 102 19.49 4.19 -20.21
N ARG C 103 20.35 3.96 -19.23
CA ARG C 103 21.39 2.93 -19.36
C ARG C 103 20.79 1.53 -19.57
N GLU C 104 19.69 1.24 -18.91
CA GLU C 104 18.98 -0.04 -19.10
C GLU C 104 18.46 -0.15 -20.55
N VAL C 105 18.06 0.98 -21.14
CA VAL C 105 17.68 0.99 -22.54
C VAL C 105 18.84 0.54 -23.44
N GLU C 106 20.02 1.14 -23.22
CA GLU C 106 21.20 0.80 -24.01
C GLU C 106 21.59 -0.66 -23.84
N ILE C 107 21.55 -1.14 -22.62
CA ILE C 107 21.83 -2.55 -22.39
C ILE C 107 20.83 -3.44 -23.13
N SER C 108 19.53 -3.15 -23.04
CA SER C 108 18.52 -3.84 -23.84
C SER C 108 18.81 -3.88 -25.35
N ARG C 109 19.11 -2.70 -25.92
CA ARG C 109 19.34 -2.60 -27.35
C ARG C 109 20.55 -3.44 -27.71
N LYS C 110 21.63 -3.34 -26.94
CA LYS C 110 22.81 -4.12 -27.26
C LYS C 110 22.47 -5.62 -27.36
N LEU C 111 21.55 -6.09 -26.48
CA LEU C 111 21.22 -7.51 -26.41
C LEU C 111 20.09 -7.91 -27.34
N GLY C 112 19.50 -6.93 -28.04
CA GLY C 112 18.42 -7.24 -28.96
C GLY C 112 17.15 -7.74 -28.26
N ILE C 113 16.89 -7.22 -27.06
CA ILE C 113 15.73 -7.62 -26.28
C ILE C 113 14.79 -6.44 -26.12
N GLY C 114 13.56 -6.71 -25.69
CA GLY C 114 12.61 -5.65 -25.45
C GLY C 114 13.09 -4.64 -24.41
N TRP C 115 12.44 -3.48 -24.36
CA TRP C 115 12.82 -2.42 -23.45
C TRP C 115 11.88 -2.42 -22.26
N HIS C 116 11.22 -3.55 -22.03
CA HIS C 116 10.19 -3.64 -21.00
C HIS C 116 10.70 -3.32 -19.62
N VAL C 117 11.90 -3.79 -19.25
CA VAL C 117 12.48 -3.45 -17.93
C VAL C 117 12.64 -1.93 -17.63
N PRO C 118 13.44 -1.19 -18.44
CA PRO C 118 13.47 0.27 -18.16
C PRO C 118 12.09 0.92 -18.14
N LEU C 119 11.17 0.40 -18.94
CA LEU C 119 9.83 0.95 -18.99
C LEU C 119 9.11 0.76 -17.67
N ALA C 120 9.17 -0.47 -17.14
CA ALA C 120 8.68 -0.79 -15.81
C ALA C 120 9.33 0.12 -14.77
N PHE C 121 10.63 0.36 -14.94
CA PHE C 121 11.37 1.11 -13.96
C PHE C 121 10.94 2.60 -13.92
N CYS C 122 10.37 3.10 -15.02
CA CYS C 122 9.72 4.43 -15.03
C CYS C 122 8.65 4.58 -13.97
N VAL C 123 8.02 3.48 -13.56
CA VAL C 123 6.94 3.59 -12.57
C VAL C 123 7.41 4.05 -11.20
N PRO C 124 8.37 3.33 -10.56
CA PRO C 124 8.80 3.91 -9.28
C PRO C 124 9.43 5.33 -9.44
N ILE C 125 10.04 5.60 -10.59
CA ILE C 125 10.64 6.93 -10.80
C ILE C 125 9.55 7.98 -10.80
N PHE C 126 8.48 7.70 -11.53
CA PHE C 126 7.33 8.55 -11.58
C PHE C 126 6.75 8.73 -10.17
N MET C 127 6.65 7.65 -9.40
CA MET C 127 6.11 7.75 -8.03
C MET C 127 6.97 8.70 -7.19
N PHE C 128 8.27 8.60 -7.34
CA PHE C 128 9.17 9.49 -6.63
C PHE C 128 8.88 10.94 -7.03
N CYS C 129 8.64 11.19 -8.32
CA CYS C 129 8.32 12.56 -8.76
C CYS C 129 6.97 13.03 -8.20
N VAL C 130 6.03 12.10 -8.05
CA VAL C 130 4.77 12.48 -7.45
C VAL C 130 4.98 13.02 -6.03
N LEU C 131 5.73 12.28 -5.22
CA LEU C 131 5.95 12.61 -3.82
C LEU C 131 6.77 13.89 -3.65
N GLN C 132 7.84 14.01 -4.43
CA GLN C 132 8.86 15.03 -4.21
C GLN C 132 8.73 16.27 -5.09
N VAL C 133 8.09 16.14 -6.26
CA VAL C 133 8.02 17.22 -7.21
C VAL C 133 6.56 17.63 -7.44
N PHE C 134 5.72 16.75 -7.98
CA PHE C 134 4.38 17.17 -8.43
C PHE C 134 3.47 17.61 -7.29
N ARG C 135 3.36 16.81 -6.23
CA ARG C 135 2.49 17.20 -5.11
C ARG C 135 3.00 18.50 -4.45
N PRO C 136 4.29 18.57 -4.08
CA PRO C 136 4.81 19.87 -3.62
C PRO C 136 4.55 21.04 -4.58
N LEU C 137 4.70 20.86 -5.90
CA LEU C 137 4.35 21.94 -6.85
C LEU C 137 2.89 22.36 -6.69
N LEU C 138 1.99 21.37 -6.65
CA LEU C 138 0.55 21.65 -6.50
C LEU C 138 0.23 22.38 -5.20
N LEU C 139 1.02 22.16 -4.16
CA LEU C 139 0.74 22.76 -2.86
C LEU C 139 1.49 24.07 -2.65
N GLY C 140 2.41 24.37 -3.57
CA GLY C 140 3.17 25.59 -3.51
C GLY C 140 4.47 25.61 -2.70
N SER C 141 4.92 24.48 -2.14
CA SER C 141 6.22 24.44 -1.43
C SER C 141 6.95 23.12 -1.50
N TRP C 142 8.26 23.21 -1.66
CA TRP C 142 9.13 22.05 -1.56
C TRP C 142 9.00 21.35 -0.22
N GLY C 143 8.61 22.11 0.81
CA GLY C 143 8.50 21.64 2.17
C GLY C 143 7.48 20.54 2.42
N HIS C 144 6.61 20.30 1.45
CA HIS C 144 5.69 19.18 1.57
C HIS C 144 6.34 17.82 1.20
N ALA C 145 7.54 17.84 0.64
CA ALA C 145 8.19 16.62 0.26
C ALA C 145 8.73 15.84 1.48
N PHE C 146 9.16 14.59 1.24
CA PHE C 146 9.67 13.76 2.31
C PHE C 146 11.16 13.89 2.58
N PRO C 147 11.57 13.72 3.86
CA PRO C 147 13.01 13.84 4.22
C PRO C 147 13.78 12.58 3.94
N TYR C 148 15.10 12.71 3.71
CA TYR C 148 15.95 11.54 3.50
C TYR C 148 16.56 11.07 4.81
N GLY C 149 15.99 10.00 5.34
CA GLY C 149 16.40 9.42 6.60
C GLY C 149 15.65 8.12 6.67
N ILE C 150 16.35 7.07 7.07
CA ILE C 150 15.79 5.72 7.09
C ILE C 150 14.52 5.64 7.93
N LEU C 151 14.53 6.24 9.11
CA LEU C 151 13.32 6.23 9.94
C LEU C 151 12.55 7.53 9.82
N SER C 152 13.24 8.62 9.55
CA SER C 152 12.52 9.89 9.44
C SER C 152 11.55 9.92 8.26
N HIS C 153 11.88 9.27 7.14
CA HIS C 153 10.91 9.22 6.05
C HIS C 153 9.59 8.59 6.51
N LEU C 154 9.68 7.64 7.44
CA LEU C 154 8.48 7.00 7.98
C LEU C 154 7.66 7.93 8.88
N ASP C 155 8.33 8.84 9.57
CA ASP C 155 7.61 9.84 10.37
C ASP C 155 6.83 10.76 9.44
N TRP C 156 7.42 11.05 8.28
CA TRP C 156 6.73 11.86 7.31
C TRP C 156 5.48 11.11 6.81
N VAL C 157 5.65 9.88 6.34
CA VAL C 157 4.56 9.03 5.84
C VAL C 157 3.44 9.01 6.87
N ASN C 158 3.88 8.77 8.11
CA ASN C 158 2.97 8.69 9.25
C ASN C 158 2.14 9.96 9.41
N ASN C 159 2.81 11.09 9.54
CA ASN C 159 2.13 12.37 9.70
C ASN C 159 1.24 12.74 8.50
N PHE C 160 1.74 12.45 7.30
CA PHE C 160 1.04 12.69 6.06
C PHE C 160 -0.31 11.96 6.13
N GLY C 161 -0.28 10.69 6.53
CA GLY C 161 -1.48 9.89 6.61
C GLY C 161 -2.50 10.48 7.56
N TYR C 162 -2.04 10.86 8.76
CA TYR C 162 -2.94 11.35 9.80
C TYR C 162 -3.44 12.79 9.58
N GLN C 163 -2.77 13.52 8.71
CA GLN C 163 -3.31 14.79 8.24
C GLN C 163 -4.70 14.57 7.60
N TYR C 164 -4.98 13.35 7.14
CA TYR C 164 -6.25 13.00 6.50
C TYR C 164 -6.98 11.99 7.38
N LEU C 165 -6.70 12.09 8.68
CA LEU C 165 -7.43 11.35 9.74
C LEU C 165 -7.23 9.82 9.71
N ASN C 166 -7.69 9.15 8.68
CA ASN C 166 -7.31 7.76 8.50
C ASN C 166 -6.98 7.50 7.05
N TRP C 167 -5.69 7.40 6.73
CA TRP C 167 -5.23 7.23 5.36
C TRP C 167 -5.67 5.92 4.76
N HIS C 168 -6.04 4.97 5.60
CA HIS C 168 -6.47 3.66 5.12
C HIS C 168 -7.75 3.74 4.29
N TYR C 169 -8.50 4.83 4.45
CA TYR C 169 -9.77 4.93 3.76
C TYR C 169 -9.59 5.66 2.46
N ASN C 170 -8.35 6.03 2.15
CA ASN C 170 -8.05 6.69 0.88
C ASN C 170 -8.22 5.67 -0.26
N PRO C 171 -9.16 5.94 -1.19
CA PRO C 171 -9.40 4.98 -2.31
C PRO C 171 -8.14 4.66 -3.12
N GLY C 172 -7.26 5.65 -3.31
CA GLY C 172 -5.96 5.39 -3.94
C GLY C 172 -5.11 4.42 -3.14
N HIS C 173 -5.17 4.49 -1.80
CA HIS C 173 -4.36 3.64 -0.93
C HIS C 173 -4.95 2.24 -0.90
N MET C 174 -6.27 2.15 -0.90
CA MET C 174 -6.95 0.83 -0.92
C MET C 174 -6.59 0.05 -2.17
N SER C 175 -6.69 0.75 -3.28
CA SER C 175 -6.26 0.22 -4.55
C SER C 175 -4.78 -0.22 -4.50
N SER C 176 -3.92 0.71 -4.10
CA SER C 176 -2.47 0.47 -4.03
C SER C 176 -2.11 -0.74 -3.16
N VAL C 177 -2.67 -0.80 -1.96
CA VAL C 177 -2.41 -1.92 -1.07
C VAL C 177 -2.93 -3.25 -1.65
N SER C 178 -4.12 -3.21 -2.24
CA SER C 178 -4.66 -4.42 -2.87
C SER C 178 -3.72 -4.97 -3.93
N PHE C 179 -3.16 -4.09 -4.74
CA PHE C 179 -2.22 -4.52 -5.76
C PHE C 179 -0.92 -5.06 -5.13
N LEU C 180 -0.42 -4.38 -4.10
CA LEU C 180 0.73 -4.88 -3.33
C LEU C 180 0.48 -6.29 -2.82
N PHE C 181 -0.69 -6.50 -2.21
CA PHE C 181 -1.00 -7.81 -1.62
C PHE C 181 -1.16 -8.88 -2.70
N VAL C 182 -1.96 -8.61 -3.73
CA VAL C 182 -2.19 -9.65 -4.72
C VAL C 182 -0.89 -9.91 -5.48
N ASN C 183 -0.11 -8.86 -5.69
CA ASN C 183 1.16 -9.04 -6.38
C ASN C 183 2.10 -9.95 -5.60
N ALA C 184 2.25 -9.69 -4.30
CA ALA C 184 3.13 -10.51 -3.45
C ALA C 184 2.65 -11.96 -3.43
N MET C 185 1.34 -12.16 -3.40
CA MET C 185 0.82 -13.52 -3.44
C MET C 185 1.10 -14.14 -4.79
N ALA C 186 0.83 -13.41 -5.87
CA ALA C 186 1.05 -13.97 -7.20
C ALA C 186 2.53 -14.34 -7.45
N LEU C 187 3.47 -13.51 -6.97
CA LEU C 187 4.90 -13.84 -7.10
C LEU C 187 5.27 -15.16 -6.38
N GLY C 188 4.68 -15.37 -5.20
CA GLY C 188 4.81 -16.64 -4.50
C GLY C 188 4.26 -17.82 -5.31
N LEU C 189 3.02 -17.70 -5.77
CA LEU C 189 2.41 -18.72 -6.60
C LEU C 189 3.24 -18.98 -7.85
N HIS C 190 3.68 -17.92 -8.55
CA HIS C 190 4.43 -18.13 -9.79
C HIS C 190 5.77 -18.84 -9.52
N GLY C 191 6.52 -18.33 -8.53
CA GLY C 191 7.78 -18.94 -8.13
C GLY C 191 7.62 -20.38 -7.67
N GLY C 192 6.64 -20.62 -6.81
CA GLY C 192 6.34 -21.97 -6.35
C GLY C 192 5.88 -22.89 -7.45
N LEU C 193 5.10 -22.40 -8.41
CA LEU C 193 4.61 -23.28 -9.45
C LEU C 193 5.78 -23.77 -10.26
N ILE C 194 6.60 -22.84 -10.74
CA ILE C 194 7.78 -23.17 -11.52
C ILE C 194 8.71 -24.11 -10.76
N LEU C 195 8.98 -23.83 -9.49
CA LEU C 195 9.89 -24.69 -8.72
C LEU C 195 9.29 -26.08 -8.53
N SER C 196 7.97 -26.15 -8.36
CA SER C 196 7.31 -27.43 -8.12
C SER C 196 7.35 -28.31 -9.36
N VAL C 197 7.39 -27.67 -10.53
CA VAL C 197 7.47 -28.41 -11.78
C VAL C 197 8.89 -28.93 -12.04
N ALA C 198 9.90 -28.06 -11.83
CA ALA C 198 11.30 -28.42 -12.06
C ALA C 198 11.93 -29.25 -10.91
N ASN C 199 11.24 -29.26 -9.76
CA ASN C 199 11.73 -30.02 -8.59
C ASN C 199 10.62 -30.85 -7.90
N PRO C 200 10.12 -31.90 -8.57
CA PRO C 200 9.09 -32.76 -7.98
C PRO C 200 9.58 -33.46 -6.71
N GLY C 201 10.89 -33.73 -6.62
CA GLY C 201 11.50 -34.34 -5.45
C GLY C 201 11.71 -35.83 -5.65
N ASP C 202 12.64 -36.43 -4.88
CA ASP C 202 12.80 -37.90 -4.77
C ASP C 202 13.16 -38.62 -6.05
N GLY C 203 13.95 -38.01 -6.92
CA GLY C 203 14.28 -38.66 -8.19
C GLY C 203 13.14 -38.73 -9.20
N ASP C 204 11.99 -38.12 -8.90
CA ASP C 204 10.94 -38.01 -9.89
C ASP C 204 11.30 -37.12 -11.09
N LYS C 205 10.54 -37.31 -12.17
CA LYS C 205 10.73 -36.58 -13.41
C LYS C 205 10.20 -35.16 -13.34
N VAL C 206 11.02 -34.24 -13.82
CA VAL C 206 10.59 -32.89 -14.14
C VAL C 206 9.30 -32.97 -14.96
N LYS C 207 8.33 -32.13 -14.61
CA LYS C 207 7.06 -32.11 -15.32
C LYS C 207 7.06 -31.13 -16.51
N THR C 208 5.88 -30.68 -16.92
CA THR C 208 5.71 -30.08 -18.25
C THR C 208 4.87 -28.82 -18.19
N ALA C 209 4.77 -28.14 -19.31
CA ALA C 209 3.86 -27.02 -19.44
C ALA C 209 2.42 -27.44 -19.18
N GLU C 210 2.05 -28.65 -19.61
CA GLU C 210 0.70 -29.17 -19.37
C GLU C 210 0.39 -29.37 -17.89
N HIS C 211 1.34 -29.90 -17.13
CA HIS C 211 1.15 -30.02 -15.67
C HIS C 211 0.95 -28.66 -15.02
N GLU C 212 1.67 -27.65 -15.51
CA GLU C 212 1.58 -26.30 -14.99
C GLU C 212 0.15 -25.82 -15.07
N ASN C 213 -0.47 -25.98 -16.25
CA ASN C 213 -1.82 -25.46 -16.48
C ASN C 213 -2.83 -26.31 -15.75
N GLN C 214 -2.54 -27.61 -15.67
CA GLN C 214 -3.43 -28.50 -14.94
C GLN C 214 -3.56 -28.11 -13.48
N TYR C 215 -2.43 -27.76 -12.87
CA TYR C 215 -2.44 -27.43 -11.46
C TYR C 215 -3.45 -26.34 -11.08
N PHE C 216 -3.42 -25.21 -11.77
CA PHE C 216 -4.35 -24.13 -11.40
C PHE C 216 -5.74 -24.35 -11.94
N ARG C 217 -5.85 -25.04 -13.08
CA ARG C 217 -7.17 -25.47 -13.55
C ARG C 217 -7.84 -26.26 -12.48
N ASP C 218 -7.10 -27.16 -11.85
CA ASP C 218 -7.68 -27.95 -10.79
C ASP C 218 -7.99 -27.11 -9.56
N VAL C 219 -7.04 -26.26 -9.15
CA VAL C 219 -7.19 -25.59 -7.86
C VAL C 219 -8.25 -24.49 -7.93
N VAL C 220 -8.29 -23.73 -9.03
CA VAL C 220 -9.19 -22.58 -9.06
C VAL C 220 -10.07 -22.50 -10.29
N GLY C 221 -9.95 -23.47 -11.18
CA GLY C 221 -10.83 -23.54 -12.33
C GLY C 221 -10.40 -22.70 -13.53
N TYR C 222 -9.17 -22.22 -13.48
CA TYR C 222 -8.67 -21.40 -14.57
C TYR C 222 -7.15 -21.38 -14.50
N SER C 223 -6.49 -21.26 -15.64
CA SER C 223 -5.05 -21.09 -15.69
C SER C 223 -4.69 -20.01 -16.70
N ILE C 224 -3.98 -18.97 -16.26
CA ILE C 224 -3.67 -17.87 -17.17
C ILE C 224 -2.64 -18.23 -18.24
N GLY C 225 -1.74 -19.18 -17.98
CA GLY C 225 -0.72 -19.57 -18.95
C GLY C 225 0.64 -18.91 -18.73
N ALA C 226 1.68 -19.54 -19.27
CA ALA C 226 3.07 -19.20 -19.00
C ALA C 226 3.50 -17.78 -19.40
N LEU C 227 3.16 -17.32 -20.60
CA LEU C 227 3.55 -15.97 -20.97
C LEU C 227 2.71 -14.97 -20.18
N SER C 228 1.43 -15.25 -20.09
CA SER C 228 0.49 -14.30 -19.56
C SER C 228 0.76 -13.97 -18.11
N ILE C 229 1.26 -14.93 -17.34
CA ILE C 229 1.49 -14.68 -15.92
C ILE C 229 2.58 -13.63 -15.76
N HIS C 230 3.51 -13.59 -16.71
CA HIS C 230 4.56 -12.60 -16.67
C HIS C 230 3.96 -11.21 -17.00
N ARG C 231 3.05 -11.15 -17.98
CA ARG C 231 2.37 -9.88 -18.29
C ARG C 231 1.50 -9.41 -17.13
N LEU C 232 0.84 -10.37 -16.48
CA LEU C 232 0.02 -10.09 -15.34
C LEU C 232 0.86 -9.58 -14.16
N GLY C 233 1.96 -10.27 -13.87
CA GLY C 233 2.88 -9.87 -12.81
C GLY C 233 3.31 -8.42 -12.94
N LEU C 234 3.75 -8.05 -14.16
CA LEU C 234 4.12 -6.66 -14.45
C LEU C 234 2.97 -5.68 -14.24
N PHE C 235 1.77 -6.06 -14.70
CA PHE C 235 0.58 -5.22 -14.54
C PHE C 235 0.25 -4.99 -13.05
N LEU C 236 0.23 -6.06 -12.27
CA LEU C 236 -0.10 -5.95 -10.85
C LEU C 236 0.93 -5.12 -10.06
N ALA C 237 2.20 -5.34 -10.32
CA ALA C 237 3.27 -4.66 -9.59
C ALA C 237 3.22 -3.20 -9.93
N SER C 238 3.15 -2.91 -11.22
CA SER C 238 3.05 -1.53 -11.71
C SER C 238 1.90 -0.77 -11.10
N ASN C 239 0.74 -1.40 -10.98
CA ASN C 239 -0.44 -0.71 -10.48
C ASN C 239 -0.42 -0.39 -9.00
N ILE C 240 0.49 -1.02 -8.24
CA ILE C 240 0.79 -0.54 -6.86
C ILE C 240 1.07 0.99 -6.87
N PHE C 241 1.96 1.47 -7.74
CA PHE C 241 2.23 2.91 -7.79
C PHE C 241 1.31 3.67 -8.74
N LEU C 242 0.94 3.08 -9.88
CA LEU C 242 0.10 3.79 -10.85
C LEU C 242 -1.24 4.18 -10.23
N THR C 243 -1.80 3.35 -9.34
CA THR C 243 -3.03 3.77 -8.68
C THR C 243 -2.76 4.53 -7.39
N GLY C 244 -1.74 4.09 -6.65
CA GLY C 244 -1.33 4.78 -5.42
C GLY C 244 -1.05 6.25 -5.66
N ALA C 245 -0.35 6.57 -6.75
CA ALA C 245 -0.12 7.95 -7.14
C ALA C 245 -1.37 8.85 -7.13
N PHE C 246 -2.53 8.33 -7.52
CA PHE C 246 -3.77 9.11 -7.50
C PHE C 246 -4.18 9.49 -6.08
N GLY C 247 -4.02 8.53 -5.16
CA GLY C 247 -4.34 8.75 -3.76
C GLY C 247 -3.43 9.79 -3.13
N THR C 248 -2.16 9.77 -3.52
CA THR C 248 -1.16 10.68 -2.99
C THR C 248 -1.41 12.13 -3.47
N ILE C 249 -1.54 12.28 -4.79
CA ILE C 249 -1.79 13.56 -5.46
C ILE C 249 -3.12 14.16 -4.99
N ALA C 250 -4.11 13.32 -4.70
CA ALA C 250 -5.42 13.82 -4.33
C ALA C 250 -5.39 14.45 -2.96
N SER C 251 -4.48 14.00 -2.11
CA SER C 251 -4.48 14.38 -0.70
C SER C 251 -3.83 15.75 -0.47
N GLY C 252 -4.68 16.75 -0.19
CA GLY C 252 -4.28 18.14 -0.17
C GLY C 252 -4.83 18.90 -1.38
N PRO C 253 -4.22 18.74 -2.56
CA PRO C 253 -4.69 19.47 -3.75
C PRO C 253 -6.14 19.21 -4.15
N PHE C 254 -6.67 18.00 -3.90
CA PHE C 254 -8.01 17.67 -4.36
C PHE C 254 -8.92 17.22 -3.23
N TRP C 255 -8.40 17.23 -2.00
CA TRP C 255 -9.20 16.80 -0.85
C TRP C 255 -8.49 17.28 0.38
N THR C 256 -9.22 17.95 1.28
CA THR C 256 -8.58 18.49 2.49
C THR C 256 -9.18 17.90 3.73
N ARG C 257 -10.27 17.15 3.57
CA ARG C 257 -10.97 16.54 4.70
C ARG C 257 -10.33 15.21 5.08
N GLY C 258 -10.83 14.56 6.13
CA GLY C 258 -10.40 13.20 6.41
C GLY C 258 -10.83 12.31 5.26
N TRP C 259 -10.06 11.25 4.97
CA TRP C 259 -10.48 10.30 3.95
C TRP C 259 -11.75 9.50 4.24
N PRO C 260 -12.00 9.10 5.51
CA PRO C 260 -13.28 8.39 5.67
C PRO C 260 -14.47 9.21 5.18
N GLU C 261 -14.47 10.53 5.42
CA GLU C 261 -15.58 11.37 5.03
C GLU C 261 -15.81 11.36 3.51
N TRP C 262 -14.75 11.10 2.75
CA TRP C 262 -14.86 11.10 1.31
C TRP C 262 -15.97 10.12 0.87
N TRP C 263 -16.07 8.99 1.58
CA TRP C 263 -17.05 7.95 1.29
C TRP C 263 -18.52 8.41 1.53
N GLY C 264 -18.68 9.65 1.99
CA GLY C 264 -19.97 10.32 2.02
C GLY C 264 -20.64 10.31 0.66
N TRP C 265 -19.87 10.28 -0.43
CA TRP C 265 -20.47 10.23 -1.77
C TRP C 265 -21.45 9.04 -1.85
N TRP C 266 -21.12 7.97 -1.16
CA TRP C 266 -21.93 6.78 -1.18
C TRP C 266 -22.94 6.83 -0.05
N LEU C 267 -22.45 7.11 1.15
CA LEU C 267 -23.24 6.98 2.35
C LEU C 267 -24.38 8.02 2.42
N ASP C 268 -24.14 9.19 1.85
CA ASP C 268 -25.06 10.31 2.02
C ASP C 268 -26.02 10.50 0.85
N ILE C 269 -26.01 9.60 -0.13
CA ILE C 269 -27.02 9.67 -1.19
C ILE C 269 -28.42 9.79 -0.52
N PRO C 270 -29.19 10.84 -0.89
CA PRO C 270 -30.48 11.08 -0.19
C PRO C 270 -31.46 9.89 -0.19
N PHE C 271 -31.52 9.12 -1.28
CA PHE C 271 -32.32 7.90 -1.36
C PHE C 271 -32.32 7.01 -0.10
N TRP C 272 -31.14 6.61 0.42
CA TRP C 272 -31.07 5.70 1.59
C TRP C 272 -30.62 6.35 2.89
N SER C 273 -30.58 7.68 2.90
CA SER C 273 -30.21 8.43 4.09
C SER C 273 -31.31 8.50 5.15
N ALA D 1 8.11 -2.98 -32.07
CA ALA D 1 7.51 -3.45 -30.79
C ALA D 1 7.08 -4.91 -30.91
N ASP D 2 7.20 -5.65 -29.82
CA ASP D 2 6.70 -7.01 -29.80
C ASP D 2 5.26 -6.94 -29.30
N TYR D 3 4.34 -6.91 -30.26
CA TYR D 3 2.92 -6.82 -29.93
C TYR D 3 2.41 -8.02 -29.16
N GLN D 4 2.98 -9.20 -29.39
CA GLN D 4 2.74 -10.37 -28.54
C GLN D 4 2.88 -10.13 -27.02
N THR D 5 3.71 -9.17 -26.60
CA THR D 5 3.89 -8.94 -25.16
C THR D 5 2.74 -8.10 -24.57
N ILE D 6 2.03 -7.38 -25.43
CA ILE D 6 0.82 -6.69 -25.01
C ILE D 6 -0.42 -7.59 -25.04
N TYR D 7 -0.63 -8.33 -26.12
CA TYR D 7 -1.80 -9.20 -26.27
C TYR D 7 -1.55 -10.23 -27.39
N THR D 8 -2.29 -11.33 -27.38
CA THR D 8 -2.16 -12.34 -28.43
C THR D 8 -2.85 -11.91 -29.77
N GLN D 9 -2.04 -11.72 -30.81
CA GLN D 9 -2.53 -11.20 -32.10
C GLN D 9 -3.46 -12.24 -32.76
N ILE D 10 -3.02 -13.50 -32.75
CA ILE D 10 -3.75 -14.60 -33.32
C ILE D 10 -3.90 -15.76 -32.32
N GLN D 11 -5.13 -16.03 -31.90
CA GLN D 11 -5.41 -17.07 -30.93
C GLN D 11 -5.60 -18.43 -31.57
N ALA D 12 -5.12 -19.45 -30.86
CA ALA D 12 -5.19 -20.82 -31.33
C ALA D 12 -6.31 -21.49 -30.57
N ARG D 13 -6.95 -22.47 -31.21
CA ARG D 13 -7.89 -23.33 -30.49
C ARG D 13 -7.53 -24.75 -30.80
N GLY D 14 -7.76 -25.65 -29.85
CA GLY D 14 -7.42 -27.06 -30.01
C GLY D 14 -8.10 -27.85 -28.93
N PRO D 15 -7.99 -29.19 -29.00
CA PRO D 15 -8.71 -30.02 -28.04
C PRO D 15 -8.20 -29.76 -26.62
N HIS D 16 -9.10 -29.73 -25.66
CA HIS D 16 -8.68 -29.42 -24.28
C HIS D 16 -7.75 -30.52 -23.76
N ILE D 17 -6.79 -30.14 -22.93
CA ILE D 17 -5.78 -31.06 -22.43
C ILE D 17 -6.15 -31.48 -21.03
N THR D 18 -6.03 -32.78 -20.74
CA THR D 18 -6.21 -33.26 -19.38
C THR D 18 -4.98 -34.00 -18.91
N VAL D 19 -4.37 -33.52 -17.82
CA VAL D 19 -3.26 -34.24 -17.21
C VAL D 19 -3.80 -35.09 -16.06
N SER D 20 -3.50 -36.37 -16.17
CA SER D 20 -3.99 -37.33 -15.20
C SER D 20 -3.26 -37.24 -13.85
N GLY D 21 -4.04 -37.16 -12.77
CA GLY D 21 -3.46 -37.20 -11.44
C GLY D 21 -3.39 -38.63 -10.94
N GLU D 22 -2.59 -38.85 -9.90
CA GLU D 22 -2.55 -40.14 -9.19
C GLU D 22 -3.92 -40.55 -8.65
N TRP D 23 -4.76 -39.54 -8.35
CA TRP D 23 -6.13 -39.76 -7.90
C TRP D 23 -6.94 -38.52 -8.26
N GLY D 24 -8.25 -38.72 -8.32
CA GLY D 24 -9.19 -37.62 -8.45
C GLY D 24 -9.55 -37.24 -9.87
N ASP D 25 -9.16 -38.05 -10.85
CA ASP D 25 -9.57 -37.75 -12.23
C ASP D 25 -11.09 -37.67 -12.40
N ASN D 26 -11.82 -38.49 -11.66
CA ASN D 26 -13.28 -38.45 -11.75
C ASN D 26 -13.98 -37.39 -10.93
N ASP D 27 -13.23 -36.48 -10.31
CA ASP D 27 -13.82 -35.34 -9.58
C ASP D 27 -13.67 -34.01 -10.32
N ARG D 28 -13.21 -34.06 -11.56
CA ARG D 28 -13.25 -32.88 -12.39
C ARG D 28 -14.65 -32.77 -12.96
N VAL D 29 -15.29 -31.65 -12.66
CA VAL D 29 -16.60 -31.35 -13.22
C VAL D 29 -16.55 -30.05 -14.01
N GLY D 30 -17.43 -29.97 -15.00
CA GLY D 30 -17.48 -28.84 -15.89
C GLY D 30 -17.13 -29.33 -17.29
N LYS D 31 -17.64 -28.59 -18.26
CA LYS D 31 -17.24 -28.74 -19.64
C LYS D 31 -16.59 -27.36 -19.89
N PRO D 32 -15.31 -27.36 -20.25
CA PRO D 32 -14.65 -26.07 -20.43
C PRO D 32 -15.36 -25.21 -21.49
N PHE D 33 -15.46 -23.91 -21.26
CA PHE D 33 -15.82 -22.97 -22.30
C PHE D 33 -14.66 -22.00 -22.59
N TYR D 34 -14.79 -21.23 -23.67
CA TYR D 34 -13.73 -20.35 -24.11
C TYR D 34 -14.21 -18.92 -24.20
N SER D 35 -13.38 -17.98 -23.72
CA SER D 35 -13.66 -16.56 -23.86
C SER D 35 -12.67 -15.98 -24.81
N TYR D 36 -13.20 -15.37 -25.87
CA TYR D 36 -12.36 -14.76 -26.87
C TYR D 36 -11.57 -13.56 -26.32
N TRP D 37 -12.21 -12.70 -25.53
CA TRP D 37 -11.55 -11.50 -24.99
C TRP D 37 -10.52 -11.83 -23.90
N LEU D 38 -10.82 -12.79 -23.04
CA LEU D 38 -9.84 -13.30 -22.10
C LEU D 38 -8.62 -13.90 -22.84
N GLY D 39 -8.88 -14.56 -23.97
CA GLY D 39 -7.80 -15.13 -24.77
C GLY D 39 -6.82 -14.13 -25.34
N LYS D 40 -7.16 -12.85 -25.30
CA LYS D 40 -6.23 -11.79 -25.65
C LYS D 40 -5.08 -11.66 -24.62
N ILE D 41 -5.40 -11.82 -23.34
CA ILE D 41 -4.42 -11.54 -22.32
C ILE D 41 -4.17 -12.74 -21.40
N GLY D 42 -4.73 -13.91 -21.76
CA GLY D 42 -4.52 -15.16 -21.02
C GLY D 42 -4.95 -16.34 -21.86
N ASP D 43 -4.98 -17.53 -21.25
CA ASP D 43 -5.59 -18.67 -21.93
C ASP D 43 -7.09 -18.41 -22.03
N ALA D 44 -7.67 -18.79 -23.18
CA ALA D 44 -9.11 -18.64 -23.42
C ALA D 44 -9.97 -19.60 -22.59
N GLN D 45 -9.46 -20.80 -22.35
CA GLN D 45 -10.19 -21.85 -21.63
C GLN D 45 -10.48 -21.56 -20.16
N ILE D 46 -11.76 -21.65 -19.79
CA ILE D 46 -12.23 -21.53 -18.41
C ILE D 46 -12.83 -22.87 -18.00
N GLY D 47 -12.50 -23.33 -16.79
CA GLY D 47 -12.87 -24.66 -16.33
C GLY D 47 -12.13 -25.73 -17.11
N PRO D 48 -12.35 -27.01 -16.75
CA PRO D 48 -13.24 -27.43 -15.67
C PRO D 48 -12.54 -27.29 -14.32
N ILE D 49 -13.29 -27.42 -13.23
CA ILE D 49 -12.68 -27.34 -11.92
C ILE D 49 -12.70 -28.72 -11.25
N TYR D 50 -11.69 -28.93 -10.41
CA TYR D 50 -11.61 -30.06 -9.54
C TYR D 50 -12.45 -29.81 -8.27
N LEU D 51 -13.21 -30.81 -7.87
CA LEU D 51 -14.00 -30.79 -6.66
C LEU D 51 -13.18 -31.40 -5.50
N GLY D 52 -13.40 -32.69 -5.19
CA GLY D 52 -12.68 -33.36 -4.10
C GLY D 52 -13.21 -33.01 -2.72
N ALA D 53 -12.95 -33.89 -1.76
CA ALA D 53 -13.41 -33.71 -0.38
C ALA D 53 -12.91 -32.40 0.26
N SER D 54 -11.59 -32.19 0.19
CA SER D 54 -10.94 -30.99 0.78
C SER D 54 -11.55 -29.67 0.33
N GLY D 55 -11.72 -29.53 -0.98
CA GLY D 55 -12.35 -28.33 -1.54
C GLY D 55 -13.78 -28.16 -1.09
N ILE D 56 -14.54 -29.25 -1.02
CA ILE D 56 -15.92 -29.17 -0.57
C ILE D 56 -15.97 -28.81 0.92
N ALA D 57 -15.12 -29.43 1.70
CA ALA D 57 -15.09 -29.10 3.12
C ALA D 57 -14.75 -27.61 3.28
N ALA D 58 -13.77 -27.14 2.50
CA ALA D 58 -13.38 -25.75 2.54
C ALA D 58 -14.56 -24.79 2.26
N PHE D 59 -15.37 -25.08 1.23
CA PHE D 59 -16.62 -24.32 0.99
C PHE D 59 -17.64 -24.42 2.12
N ALA D 60 -17.79 -25.62 2.67
CA ALA D 60 -18.71 -25.84 3.78
C ALA D 60 -18.30 -24.99 4.99
N PHE D 61 -17.04 -25.09 5.39
CA PHE D 61 -16.57 -24.36 6.57
C PHE D 61 -16.56 -22.85 6.30
N GLY D 62 -16.15 -22.50 5.08
CA GLY D 62 -16.05 -21.11 4.65
C GLY D 62 -17.39 -20.38 4.61
N SER D 63 -18.40 -21.06 4.06
CA SER D 63 -19.77 -20.52 3.98
C SER D 63 -20.38 -20.28 5.36
N THR D 64 -20.13 -21.21 6.29
CA THR D 64 -20.58 -21.07 7.66
C THR D 64 -20.01 -19.79 8.29
N ALA D 65 -18.68 -19.68 8.30
CA ALA D 65 -18.00 -18.44 8.72
C ALA D 65 -18.66 -17.19 8.11
N ILE D 66 -18.85 -17.20 6.79
CA ILE D 66 -19.46 -16.07 6.10
C ILE D 66 -20.89 -15.80 6.57
N LEU D 67 -21.68 -16.86 6.76
CA LEU D 67 -23.06 -16.71 7.26
C LEU D 67 -23.12 -16.15 8.68
N ILE D 68 -22.23 -16.62 9.55
CA ILE D 68 -22.14 -16.07 10.88
C ILE D 68 -21.83 -14.55 10.81
N ILE D 69 -20.93 -14.17 9.91
CA ILE D 69 -20.52 -12.76 9.81
C ILE D 69 -21.67 -11.92 9.22
N LEU D 70 -22.18 -12.34 8.06
CA LEU D 70 -23.29 -11.63 7.45
C LEU D 70 -24.47 -11.48 8.41
N PHE D 71 -24.81 -12.56 9.12
CA PHE D 71 -25.94 -12.49 10.06
C PHE D 71 -25.74 -11.48 11.18
N ASN D 72 -24.54 -11.43 11.73
CA ASN D 72 -24.24 -10.46 12.76
C ASN D 72 -24.21 -9.05 12.20
N MET D 73 -23.70 -8.90 10.96
CA MET D 73 -23.70 -7.61 10.29
C MET D 73 -25.13 -7.11 10.10
N ALA D 74 -26.03 -8.02 9.70
CA ALA D 74 -27.43 -7.67 9.46
C ALA D 74 -28.15 -7.33 10.78
N ALA D 75 -27.79 -8.03 11.86
CA ALA D 75 -28.26 -7.62 13.19
C ALA D 75 -27.88 -6.16 13.48
N GLU D 76 -26.67 -5.77 13.09
CA GLU D 76 -26.18 -4.42 13.34
C GLU D 76 -27.05 -3.33 12.67
N VAL D 77 -27.71 -3.68 11.57
CA VAL D 77 -28.66 -2.75 10.93
C VAL D 77 -30.12 -3.16 11.19
N HIS D 78 -30.32 -4.01 12.20
CA HIS D 78 -31.66 -4.47 12.59
C HIS D 78 -32.41 -5.11 11.43
N PHE D 79 -31.67 -5.71 10.51
CA PHE D 79 -32.23 -6.54 9.44
C PHE D 79 -32.92 -5.78 8.32
N ASP D 80 -32.66 -4.48 8.26
CA ASP D 80 -33.15 -3.65 7.18
C ASP D 80 -32.26 -3.88 5.94
N PRO D 81 -32.79 -4.46 4.85
CA PRO D 81 -31.90 -4.70 3.69
C PRO D 81 -31.35 -3.45 3.00
N LEU D 82 -32.09 -2.35 2.99
CA LEU D 82 -31.60 -1.15 2.36
C LEU D 82 -30.37 -0.61 3.15
N GLN D 83 -30.51 -0.48 4.47
CA GLN D 83 -29.44 0.04 5.30
C GLN D 83 -28.26 -0.92 5.26
N PHE D 84 -28.54 -2.20 5.21
CA PHE D 84 -27.50 -3.20 4.99
C PHE D 84 -26.64 -2.94 3.75
N PHE D 85 -27.28 -2.79 2.59
CA PHE D 85 -26.54 -2.49 1.37
C PHE D 85 -25.75 -1.18 1.55
N ARG D 86 -26.38 -0.17 2.16
CA ARG D 86 -25.78 1.15 2.26
C ARG D 86 -24.57 1.13 3.21
N GLN D 87 -24.76 0.56 4.41
CA GLN D 87 -23.82 0.69 5.51
C GLN D 87 -22.77 -0.41 5.50
N PHE D 88 -22.77 -1.25 4.47
CA PHE D 88 -22.03 -2.52 4.47
C PHE D 88 -20.53 -2.45 4.89
N PHE D 89 -19.78 -1.57 4.28
CA PHE D 89 -18.36 -1.39 4.57
C PHE D 89 -18.12 -1.09 6.04
N TRP D 90 -19.08 -0.40 6.70
CA TRP D 90 -19.01 -0.03 8.11
C TRP D 90 -19.41 -1.16 9.08
N LEU D 91 -20.03 -2.21 8.57
CA LEU D 91 -20.55 -3.24 9.47
C LEU D 91 -19.48 -4.28 9.79
N GLY D 92 -19.50 -4.83 11.00
CA GLY D 92 -18.50 -5.83 11.35
C GLY D 92 -18.95 -6.79 12.42
N LEU D 93 -18.20 -7.87 12.56
CA LEU D 93 -18.34 -8.80 13.67
C LEU D 93 -17.12 -8.66 14.59
N TYR D 94 -17.34 -8.24 15.84
CA TYR D 94 -16.25 -7.85 16.72
C TYR D 94 -15.82 -8.87 17.78
N PRO D 95 -14.51 -8.90 18.10
CA PRO D 95 -14.10 -9.67 19.26
C PRO D 95 -14.59 -8.97 20.53
N PRO D 96 -14.48 -9.64 21.70
CA PRO D 96 -15.01 -9.01 22.91
C PRO D 96 -14.51 -7.58 23.14
N LYS D 97 -15.44 -6.67 23.45
CA LYS D 97 -15.05 -5.32 23.90
C LYS D 97 -14.57 -5.31 25.33
N ALA D 98 -15.14 -6.18 26.16
CA ALA D 98 -14.72 -6.23 27.55
C ALA D 98 -13.56 -7.20 27.71
N GLN D 99 -12.83 -7.03 28.79
CA GLN D 99 -11.70 -7.88 29.13
C GLN D 99 -12.16 -9.15 29.87
N TYR D 100 -12.27 -10.26 29.15
CA TYR D 100 -12.61 -11.54 29.78
C TYR D 100 -11.39 -12.42 29.85
N GLY D 101 -10.24 -11.87 29.48
CA GLY D 101 -9.03 -12.66 29.31
C GLY D 101 -9.18 -13.69 28.20
N MET D 102 -8.89 -14.95 28.54
CA MET D 102 -9.01 -16.07 27.59
C MET D 102 -10.33 -16.80 27.74
N GLY D 103 -11.18 -16.32 28.64
CA GLY D 103 -12.47 -16.95 28.85
C GLY D 103 -13.34 -16.81 27.61
N ILE D 104 -14.05 -17.89 27.25
CA ILE D 104 -14.96 -17.86 26.11
C ILE D 104 -15.97 -16.75 26.33
N PRO D 105 -15.94 -15.71 25.48
CA PRO D 105 -16.82 -14.56 25.72
C PRO D 105 -18.28 -14.89 25.40
N PRO D 106 -19.22 -14.13 25.98
CA PRO D 106 -20.63 -14.34 25.61
C PRO D 106 -20.85 -14.06 24.13
N LEU D 107 -21.89 -14.66 23.58
CA LEU D 107 -22.23 -14.52 22.17
C LEU D 107 -22.40 -13.08 21.71
N HIS D 108 -22.97 -12.23 22.57
CA HIS D 108 -23.23 -10.84 22.20
C HIS D 108 -21.95 -9.98 22.31
N ASP D 109 -20.96 -10.42 23.08
CA ASP D 109 -19.71 -9.70 23.17
C ASP D 109 -18.49 -10.58 22.87
N GLY D 110 -18.44 -11.13 21.65
CA GLY D 110 -17.20 -11.74 21.13
C GLY D 110 -17.36 -13.19 20.72
N GLY D 111 -18.41 -13.81 21.26
CA GLY D 111 -18.68 -15.22 21.10
C GLY D 111 -18.84 -15.60 19.66
N TRP D 112 -19.68 -14.83 18.95
CA TRP D 112 -19.92 -15.09 17.53
C TRP D 112 -18.64 -14.91 16.69
N TRP D 113 -17.85 -13.89 17.05
CA TRP D 113 -16.56 -13.62 16.40
C TRP D 113 -15.67 -14.86 16.43
N LEU D 114 -15.65 -15.48 17.60
CA LEU D 114 -14.81 -16.64 17.86
C LEU D 114 -15.25 -17.87 17.05
N MET D 115 -16.55 -18.12 17.00
CA MET D 115 -17.12 -19.14 16.11
C MET D 115 -16.69 -18.88 14.67
N ALA D 116 -16.87 -17.65 14.19
CA ALA D 116 -16.48 -17.30 12.81
C ALA D 116 -14.99 -17.60 12.58
N GLY D 117 -14.14 -17.18 13.51
CA GLY D 117 -12.71 -17.44 13.42
C GLY D 117 -12.38 -18.91 13.32
N LEU D 118 -13.09 -19.71 14.11
CA LEU D 118 -12.93 -21.16 14.12
C LEU D 118 -13.24 -21.74 12.75
N PHE D 119 -14.39 -21.35 12.19
CA PHE D 119 -14.79 -21.90 10.90
C PHE D 119 -13.93 -21.42 9.75
N MET D 120 -13.51 -20.15 9.81
CA MET D 120 -12.51 -19.64 8.87
C MET D 120 -11.22 -20.47 8.94
N THR D 121 -10.74 -20.76 10.16
CA THR D 121 -9.53 -21.56 10.32
C THR D 121 -9.67 -22.95 9.68
N LEU D 122 -10.80 -23.62 9.91
CA LEU D 122 -11.04 -24.93 9.33
C LEU D 122 -11.13 -24.82 7.81
N SER D 123 -11.70 -23.74 7.33
CA SER D 123 -11.80 -23.51 5.88
C SER D 123 -10.39 -23.41 5.27
N LEU D 124 -9.57 -22.57 5.87
CA LEU D 124 -8.20 -22.38 5.47
C LEU D 124 -7.38 -23.68 5.49
N GLY D 125 -7.51 -24.46 6.56
CA GLY D 125 -6.81 -25.74 6.65
C GLY D 125 -7.23 -26.72 5.56
N SER D 126 -8.53 -26.76 5.26
CA SER D 126 -9.06 -27.69 4.26
C SER D 126 -8.56 -27.26 2.90
N TRP D 127 -8.62 -25.96 2.63
CA TRP D 127 -8.13 -25.47 1.37
C TRP D 127 -6.64 -25.75 1.23
N TRP D 128 -5.91 -25.65 2.34
CA TRP D 128 -4.49 -25.96 2.35
C TRP D 128 -4.26 -27.38 1.85
N ILE D 129 -5.08 -28.31 2.33
CA ILE D 129 -5.01 -29.71 1.92
C ILE D 129 -5.20 -29.88 0.42
N ARG D 130 -6.14 -29.15 -0.16
CA ARG D 130 -6.38 -29.19 -1.59
C ARG D 130 -5.13 -28.74 -2.35
N VAL D 131 -4.60 -27.60 -1.92
CA VAL D 131 -3.43 -26.97 -2.51
C VAL D 131 -2.25 -27.93 -2.48
N TYR D 132 -2.07 -28.56 -1.34
CA TYR D 132 -0.99 -29.49 -1.10
C TYR D 132 -1.20 -30.78 -1.89
N SER D 133 -2.40 -31.34 -1.79
CA SER D 133 -2.65 -32.64 -2.39
C SER D 133 -2.79 -32.59 -3.91
N ARG D 134 -3.26 -31.49 -4.51
CA ARG D 134 -3.22 -31.42 -5.98
C ARG D 134 -1.81 -31.50 -6.53
N ALA D 135 -0.86 -30.89 -5.82
CA ALA D 135 0.51 -30.93 -6.28
C ALA D 135 1.05 -32.36 -6.23
N ARG D 136 0.86 -33.08 -5.10
CA ARG D 136 1.25 -34.52 -5.02
C ARG D 136 0.58 -35.34 -6.14
N ALA D 137 -0.74 -35.22 -6.28
CA ALA D 137 -1.46 -35.93 -7.34
C ALA D 137 -0.84 -35.74 -8.74
N LEU D 138 -0.37 -34.54 -9.04
CA LEU D 138 0.19 -34.26 -10.38
C LEU D 138 1.72 -34.44 -10.47
N GLY D 139 2.33 -34.97 -9.40
CA GLY D 139 3.77 -35.24 -9.39
C GLY D 139 4.61 -33.98 -9.32
N LEU D 140 4.14 -33.00 -8.55
CA LEU D 140 4.80 -31.71 -8.40
C LEU D 140 5.29 -31.52 -6.98
N GLY D 141 6.38 -30.77 -6.83
CA GLY D 141 6.87 -30.41 -5.51
C GLY D 141 5.87 -29.57 -4.71
N THR D 142 6.19 -29.37 -3.44
CA THR D 142 5.27 -28.82 -2.44
C THR D 142 5.43 -27.30 -2.16
N HIS D 143 6.17 -26.62 -3.04
CA HIS D 143 6.54 -25.23 -2.87
C HIS D 143 5.37 -24.26 -2.58
N ILE D 144 4.28 -24.40 -3.35
CA ILE D 144 3.13 -23.53 -3.17
C ILE D 144 2.52 -23.77 -1.79
N ALA D 145 2.40 -25.04 -1.41
CA ALA D 145 1.88 -25.42 -0.09
C ALA D 145 2.67 -24.80 1.08
N TRP D 146 4.00 -24.69 0.99
CA TRP D 146 4.72 -24.01 2.05
C TRP D 146 4.47 -22.50 2.09
N ASN D 147 4.36 -21.89 0.91
CA ASN D 147 4.09 -20.48 0.85
C ASN D 147 2.73 -20.18 1.46
N PHE D 148 1.74 -20.98 1.09
CA PHE D 148 0.38 -20.83 1.62
C PHE D 148 0.32 -21.10 3.14
N ALA D 149 1.03 -22.12 3.62
CA ALA D 149 1.16 -22.36 5.08
C ALA D 149 1.66 -21.12 5.84
N ALA D 150 2.68 -20.45 5.31
CA ALA D 150 3.13 -19.18 5.89
C ALA D 150 2.03 -18.08 5.90
N ALA D 151 1.27 -17.95 4.81
CA ALA D 151 0.18 -16.98 4.77
C ALA D 151 -0.90 -17.32 5.83
N ILE D 152 -1.28 -18.60 5.87
CA ILE D 152 -2.18 -19.07 6.92
C ILE D 152 -1.61 -18.80 8.30
N PHE D 153 -0.33 -19.12 8.51
CA PHE D 153 0.25 -18.89 9.83
C PHE D 153 0.09 -17.43 10.27
N PHE D 154 0.33 -16.48 9.38
CA PHE D 154 0.20 -15.09 9.73
C PHE D 154 -1.22 -14.77 10.17
N VAL D 155 -2.19 -15.35 9.47
CA VAL D 155 -3.57 -15.16 9.81
C VAL D 155 -3.84 -15.67 11.22
N LEU D 156 -3.35 -16.87 11.55
CA LEU D 156 -3.46 -17.34 12.94
C LEU D 156 -2.72 -16.43 13.92
N CYS D 157 -1.63 -15.79 13.50
CA CYS D 157 -0.92 -14.91 14.44
C CYS D 157 -1.78 -13.74 14.91
N ILE D 158 -2.42 -13.08 13.96
CA ILE D 158 -3.19 -11.88 14.27
C ILE D 158 -4.58 -12.25 14.77
N GLY D 159 -5.04 -13.46 14.42
CA GLY D 159 -6.35 -13.94 14.83
C GLY D 159 -6.41 -14.50 16.24
N CYS D 160 -5.46 -15.36 16.60
CA CYS D 160 -5.54 -16.06 17.89
C CYS D 160 -4.23 -16.31 18.65
N ILE D 161 -3.12 -16.51 17.94
CA ILE D 161 -1.87 -16.72 18.64
C ILE D 161 -1.46 -15.50 19.47
N HIS D 162 -1.44 -14.32 18.86
CA HIS D 162 -1.11 -13.12 19.63
C HIS D 162 -2.14 -12.87 20.74
N PRO D 163 -3.45 -12.94 20.43
CA PRO D 163 -4.40 -12.88 21.58
C PRO D 163 -4.14 -13.88 22.72
N THR D 164 -3.81 -15.11 22.37
CA THR D 164 -3.45 -16.12 23.36
C THR D 164 -2.18 -15.75 24.15
N LEU D 165 -1.19 -15.20 23.45
CA LEU D 165 0.10 -14.88 24.07
C LEU D 165 0.00 -13.74 25.08
N VAL D 166 -0.91 -12.79 24.85
CA VAL D 166 -1.11 -11.73 25.85
C VAL D 166 -2.29 -12.06 26.76
N GLY D 167 -3.07 -13.06 26.39
CA GLY D 167 -4.15 -13.54 27.22
C GLY D 167 -5.41 -12.70 27.11
N SER D 168 -5.69 -12.16 25.91
CA SER D 168 -6.94 -11.41 25.68
C SER D 168 -7.49 -11.53 24.25
N TRP D 169 -8.68 -12.12 24.12
CA TRP D 169 -9.35 -12.25 22.84
C TRP D 169 -9.75 -10.88 22.27
N SER D 170 -9.72 -9.84 23.11
CA SER D 170 -10.09 -8.50 22.69
C SER D 170 -9.14 -7.94 21.61
N GLU D 171 -8.02 -8.63 21.39
CA GLU D 171 -6.94 -8.15 20.55
C GLU D 171 -7.06 -8.64 19.12
N GLY D 172 -7.98 -9.59 18.90
CA GLY D 172 -8.22 -10.15 17.56
C GLY D 172 -8.71 -9.17 16.51
N VAL D 173 -8.57 -9.57 15.26
CA VAL D 173 -9.00 -8.77 14.14
C VAL D 173 -10.50 -8.96 13.94
N PRO D 174 -11.25 -7.86 13.92
CA PRO D 174 -12.67 -7.88 13.58
C PRO D 174 -12.93 -8.31 12.14
N PHE D 175 -14.07 -8.94 11.89
CA PHE D 175 -14.47 -9.22 10.49
C PHE D 175 -15.26 -8.03 9.94
N GLY D 176 -14.85 -7.53 8.79
CA GLY D 176 -15.53 -6.40 8.16
C GLY D 176 -14.56 -5.54 7.37
N ILE D 177 -15.07 -4.82 6.39
CA ILE D 177 -14.21 -4.02 5.52
C ILE D 177 -13.50 -2.89 6.29
N TRP D 178 -14.25 -1.89 6.72
CA TRP D 178 -13.65 -0.85 7.57
C TRP D 178 -13.21 -1.38 8.94
N PRO D 179 -14.04 -2.22 9.61
CA PRO D 179 -13.59 -2.63 10.93
C PRO D 179 -12.24 -3.32 11.01
N HIS D 180 -11.91 -4.21 10.06
CA HIS D 180 -10.58 -4.81 10.04
C HIS D 180 -9.50 -3.75 9.78
N ILE D 181 -9.83 -2.71 9.04
CA ILE D 181 -8.94 -1.59 8.81
C ILE D 181 -8.70 -0.81 10.11
N ASP D 182 -9.78 -0.48 10.82
CA ASP D 182 -9.65 0.28 12.08
C ASP D 182 -8.72 -0.43 13.08
N TRP D 183 -8.78 -1.75 13.08
CA TRP D 183 -7.94 -2.59 13.93
C TRP D 183 -6.45 -2.26 13.77
N LEU D 184 -6.04 -2.07 12.51
CA LEU D 184 -4.67 -1.71 12.16
C LEU D 184 -4.15 -0.50 12.91
N THR D 185 -5.01 0.50 13.12
CA THR D 185 -4.61 1.73 13.77
C THR D 185 -4.63 1.51 15.27
N ALA D 186 -5.68 0.85 15.75
CA ALA D 186 -5.85 0.55 17.16
C ALA D 186 -4.65 -0.23 17.65
N PHE D 187 -4.26 -1.25 16.89
CA PHE D 187 -3.09 -2.06 17.20
C PHE D 187 -1.82 -1.22 17.23
N SER D 188 -1.62 -0.41 16.19
CA SER D 188 -0.45 0.45 16.10
C SER D 188 -0.38 1.46 17.26
N ILE D 189 -1.52 2.03 17.59
CA ILE D 189 -1.57 2.93 18.73
C ILE D 189 -1.20 2.20 20.03
N ARG D 190 -1.81 1.04 20.26
CA ARG D 190 -1.57 0.31 21.47
C ARG D 190 -0.10 -0.05 21.67
N TYR D 191 0.60 -0.36 20.57
CA TYR D 191 1.96 -0.84 20.64
C TYR D 191 3.03 0.16 20.18
N GLY D 192 2.67 1.45 20.24
CA GLY D 192 3.61 2.55 20.13
C GLY D 192 4.19 2.80 18.76
N ASN D 193 3.34 2.67 17.73
CA ASN D 193 3.69 3.02 16.35
C ASN D 193 4.50 1.92 15.67
N PHE D 194 3.80 1.19 14.81
CA PHE D 194 4.40 0.07 14.10
C PHE D 194 5.47 0.42 13.06
N TYR D 195 5.56 1.69 12.69
CA TYR D 195 6.71 2.14 11.89
C TYR D 195 8.02 1.93 12.67
N TYR D 196 7.95 1.80 13.99
CA TYR D 196 9.14 1.56 14.79
C TYR D 196 9.34 0.09 15.13
N CYS D 197 8.49 -0.76 14.55
CA CYS D 197 8.68 -2.20 14.66
C CYS D 197 9.51 -2.71 13.48
N PRO D 198 10.70 -3.25 13.74
CA PRO D 198 11.57 -3.70 12.63
C PRO D 198 10.91 -4.74 11.71
N TRP D 199 9.96 -5.49 12.27
CA TRP D 199 9.30 -6.53 11.49
C TRP D 199 8.25 -5.97 10.52
N LEU D 200 7.69 -4.81 10.85
CA LEU D 200 6.94 -4.07 9.88
C LEU D 200 7.89 -3.70 8.70
N GLY D 201 9.07 -3.16 9.03
CA GLY D 201 10.11 -2.83 8.08
C GLY D 201 10.48 -3.99 7.19
N PHE D 202 10.76 -5.15 7.79
CA PHE D 202 11.12 -6.35 7.03
C PHE D 202 9.98 -6.82 6.10
N SER D 203 8.78 -6.84 6.64
CA SER D 203 7.62 -7.32 5.94
C SER D 203 7.28 -6.38 4.74
N ILE D 204 7.31 -5.07 4.98
CA ILE D 204 7.11 -4.10 3.91
C ILE D 204 8.23 -4.12 2.89
N GLY D 205 9.45 -4.15 3.35
CA GLY D 205 10.60 -4.25 2.48
C GLY D 205 10.52 -5.47 1.57
N PHE D 206 10.10 -6.60 2.11
CA PHE D 206 9.94 -7.77 1.26
C PHE D 206 8.70 -7.65 0.34
N ALA D 207 7.65 -6.95 0.80
CA ALA D 207 6.46 -6.70 -0.04
C ALA D 207 6.76 -5.78 -1.22
N TYR D 208 7.42 -4.65 -0.95
CA TYR D 208 7.91 -3.78 -2.00
C TYR D 208 8.87 -4.55 -2.87
N GLY D 209 9.66 -5.42 -2.25
CA GLY D 209 10.59 -6.28 -2.97
C GLY D 209 9.88 -7.22 -3.94
N CYS D 210 8.72 -7.72 -3.53
CA CYS D 210 7.89 -8.52 -4.42
C CYS D 210 7.43 -7.67 -5.63
N GLY D 211 7.12 -6.41 -5.34
CA GLY D 211 6.75 -5.44 -6.36
C GLY D 211 7.88 -5.28 -7.35
N LEU D 212 9.08 -5.00 -6.82
CA LEU D 212 10.23 -4.77 -7.66
C LEU D 212 10.51 -6.03 -8.47
N LEU D 213 10.49 -7.19 -7.81
CA LEU D 213 10.86 -8.43 -8.46
C LEU D 213 9.89 -8.90 -9.54
N PHE D 214 8.57 -8.75 -9.28
CA PHE D 214 7.60 -9.20 -10.27
C PHE D 214 7.62 -8.25 -11.45
N ALA D 215 7.79 -6.96 -11.18
CA ALA D 215 7.94 -5.99 -12.24
C ALA D 215 9.18 -6.34 -13.05
N ALA D 216 10.29 -6.56 -12.36
CA ALA D 216 11.56 -6.83 -13.05
C ALA D 216 11.50 -8.16 -13.80
N HIS D 217 10.98 -9.19 -13.11
CA HIS D 217 10.93 -10.53 -13.71
C HIS D 217 9.90 -10.58 -14.83
N GLY D 218 8.71 -10.00 -14.59
CA GLY D 218 7.64 -9.93 -15.61
C GLY D 218 8.15 -9.24 -16.87
N ALA D 219 8.80 -8.09 -16.71
CA ALA D 219 9.32 -7.33 -17.84
C ALA D 219 10.46 -8.08 -18.52
N THR D 220 11.33 -8.71 -17.73
CA THR D 220 12.46 -9.48 -18.27
C THR D 220 11.93 -10.61 -19.18
N ILE D 221 10.92 -11.34 -18.72
CA ILE D 221 10.41 -12.42 -19.56
C ILE D 221 9.73 -11.88 -20.83
N LEU D 222 8.99 -10.78 -20.71
CA LEU D 222 8.38 -10.17 -21.88
C LEU D 222 9.48 -9.71 -22.84
N ALA D 223 10.58 -9.20 -22.28
CA ALA D 223 11.62 -8.63 -23.12
C ALA D 223 12.31 -9.73 -23.91
N VAL D 224 12.16 -10.98 -23.47
CA VAL D 224 12.76 -12.12 -24.18
C VAL D 224 11.71 -13.15 -24.69
N ALA D 225 10.44 -12.73 -24.76
CA ALA D 225 9.37 -13.58 -25.31
C ALA D 225 9.67 -14.02 -26.74
N ARG D 226 10.37 -13.16 -27.49
CA ARG D 226 10.78 -13.42 -28.87
C ARG D 226 11.73 -14.62 -28.99
N PHE D 227 12.33 -15.01 -27.87
CA PHE D 227 13.28 -16.14 -27.87
C PHE D 227 12.69 -17.26 -27.08
N GLY D 228 11.40 -17.14 -26.76
CA GLY D 228 10.72 -18.17 -26.01
C GLY D 228 11.04 -18.20 -24.53
N GLY D 229 11.34 -17.04 -23.95
CA GLY D 229 11.69 -16.95 -22.54
C GLY D 229 10.61 -17.52 -21.64
N ASP D 230 9.37 -17.45 -22.10
CA ASP D 230 8.19 -17.86 -21.32
C ASP D 230 8.14 -19.37 -21.07
N ARG D 231 8.80 -20.14 -21.92
CA ARG D 231 8.86 -21.58 -21.74
C ARG D 231 9.97 -21.87 -20.74
N GLU D 232 9.70 -21.51 -19.49
CA GLU D 232 10.72 -21.42 -18.47
C GLU D 232 11.26 -22.79 -18.08
N ILE D 233 10.38 -23.80 -18.05
CA ILE D 233 10.79 -25.16 -17.69
C ILE D 233 11.91 -25.69 -18.58
N GLU D 234 11.75 -25.61 -19.89
CA GLU D 234 12.82 -26.11 -20.74
C GLU D 234 14.01 -25.13 -20.83
N GLN D 235 13.78 -23.88 -20.41
CA GLN D 235 14.91 -22.95 -20.28
C GLN D 235 15.74 -23.33 -19.06
N ILE D 236 15.10 -23.92 -18.05
CA ILE D 236 15.80 -24.44 -16.89
C ILE D 236 16.58 -25.71 -17.23
N THR D 237 15.93 -26.67 -17.88
CA THR D 237 16.61 -27.92 -18.18
C THR D 237 17.49 -27.81 -19.41
N ASP D 238 17.30 -26.78 -20.22
CA ASP D 238 18.15 -26.55 -21.40
C ASP D 238 18.32 -25.05 -21.79
N ARG D 239 19.19 -24.36 -21.06
CA ARG D 239 19.46 -22.94 -21.27
C ARG D 239 19.36 -22.46 -22.75
N GLY D 240 18.46 -21.51 -23.01
CA GLY D 240 18.38 -20.88 -24.34
C GLY D 240 18.87 -19.44 -24.41
N THR D 241 18.96 -18.91 -25.62
CA THR D 241 19.45 -17.55 -25.73
C THR D 241 18.57 -16.62 -24.89
N ALA D 242 17.30 -16.97 -24.72
CA ALA D 242 16.39 -16.11 -23.96
C ALA D 242 16.99 -15.78 -22.59
N VAL D 243 17.41 -16.82 -21.88
CA VAL D 243 17.87 -16.60 -20.51
C VAL D 243 19.33 -16.22 -20.37
N GLU D 244 20.10 -16.48 -21.43
CA GLU D 244 21.46 -15.96 -21.53
C GLU D 244 21.35 -14.45 -21.58
N ARG D 245 20.47 -13.96 -22.44
CA ARG D 245 20.24 -12.51 -22.58
C ARG D 245 19.65 -11.86 -21.32
N ALA D 246 18.64 -12.49 -20.73
CA ALA D 246 18.07 -12.05 -19.44
C ALA D 246 19.16 -11.88 -18.38
N ALA D 247 20.00 -12.91 -18.22
CA ALA D 247 21.07 -12.87 -17.22
C ALA D 247 22.04 -11.75 -17.52
N LEU D 248 22.45 -11.61 -18.78
CA LEU D 248 23.40 -10.56 -19.14
C LEU D 248 22.82 -9.15 -19.01
N PHE D 249 21.52 -9.00 -19.25
CA PHE D 249 20.89 -7.74 -19.03
C PHE D 249 21.15 -7.31 -17.58
N TRP D 250 20.87 -8.21 -16.65
CA TRP D 250 21.02 -7.91 -15.22
C TRP D 250 22.48 -7.82 -14.78
N ARG D 251 23.31 -8.73 -15.26
CA ARG D 251 24.71 -8.69 -14.98
C ARG D 251 25.34 -7.36 -15.39
N TRP D 252 24.97 -6.84 -16.55
CA TRP D 252 25.58 -5.63 -17.06
C TRP D 252 24.99 -4.41 -16.39
N THR D 253 23.75 -4.53 -15.93
CA THR D 253 23.08 -3.45 -15.17
C THR D 253 23.53 -3.36 -13.71
N ILE D 254 23.35 -4.44 -12.95
CA ILE D 254 23.60 -4.41 -11.52
C ILE D 254 24.86 -5.15 -11.06
N GLY D 255 25.58 -5.79 -11.99
CA GLY D 255 26.84 -6.39 -11.64
C GLY D 255 26.78 -7.87 -11.31
N PHE D 256 25.58 -8.42 -11.28
CA PHE D 256 25.35 -9.83 -10.96
C PHE D 256 23.97 -10.23 -11.50
N ASN D 257 23.69 -11.53 -11.51
CA ASN D 257 22.46 -12.04 -12.10
C ASN D 257 22.04 -13.37 -11.47
N ALA D 258 20.85 -13.82 -11.86
CA ALA D 258 20.29 -15.09 -11.40
C ALA D 258 20.35 -16.10 -12.54
N THR D 259 19.67 -17.23 -12.39
CA THR D 259 19.40 -18.09 -13.51
C THR D 259 17.89 -18.05 -13.65
N ILE D 260 17.38 -18.66 -14.71
CA ILE D 260 15.93 -18.67 -14.89
C ILE D 260 15.25 -19.46 -13.77
N GLU D 261 15.88 -20.52 -13.26
CA GLU D 261 15.33 -21.20 -12.09
C GLU D 261 15.45 -20.35 -10.83
N SER D 262 16.64 -19.82 -10.56
CA SER D 262 16.85 -19.21 -9.24
C SER D 262 16.09 -17.89 -9.04
N VAL D 263 15.78 -17.19 -10.14
CA VAL D 263 14.97 -15.99 -9.96
C VAL D 263 13.61 -16.37 -9.32
N HIS D 264 13.14 -17.58 -9.55
CA HIS D 264 11.88 -18.00 -8.99
C HIS D 264 12.06 -18.36 -7.51
N ARG D 265 13.26 -18.80 -7.13
CA ARG D 265 13.59 -19.02 -5.73
C ARG D 265 13.61 -17.69 -5.00
N TRP D 266 14.24 -16.68 -5.63
CA TRP D 266 14.23 -15.33 -5.10
C TRP D 266 12.80 -14.84 -4.87
N GLY D 267 11.93 -15.00 -5.88
CA GLY D 267 10.54 -14.55 -5.78
C GLY D 267 9.72 -15.28 -4.71
N TRP D 268 9.85 -16.60 -4.70
CA TRP D 268 9.24 -17.44 -3.70
C TRP D 268 9.72 -17.07 -2.27
N PHE D 269 11.02 -16.83 -2.12
CA PHE D 269 11.59 -16.45 -0.85
C PHE D 269 11.06 -15.10 -0.37
N PHE D 270 11.13 -14.08 -1.23
CA PHE D 270 10.60 -12.77 -0.88
C PHE D 270 9.16 -12.84 -0.43
N SER D 271 8.36 -13.61 -1.16
CA SER D 271 6.94 -13.71 -0.85
C SER D 271 6.71 -14.36 0.54
N LEU D 272 7.32 -15.52 0.74
CA LEU D 272 7.39 -16.22 2.03
C LEU D 272 7.77 -15.32 3.18
N MET D 273 8.81 -14.51 2.96
CA MET D 273 9.33 -13.56 3.95
C MET D 273 8.42 -12.40 4.32
N VAL D 274 7.48 -12.03 3.43
CA VAL D 274 6.47 -11.05 3.82
C VAL D 274 5.69 -11.60 5.02
N MET D 275 5.31 -12.87 4.92
CA MET D 275 4.46 -13.48 5.94
C MET D 275 5.25 -13.91 7.18
N VAL D 276 6.43 -14.50 6.97
CA VAL D 276 7.34 -14.87 8.07
C VAL D 276 7.70 -13.63 8.90
N SER D 277 8.12 -12.56 8.25
CA SER D 277 8.49 -11.34 8.96
C SER D 277 7.33 -10.73 9.75
N ALA D 278 6.15 -10.71 9.13
CA ALA D 278 4.99 -10.15 9.76
C ALA D 278 4.63 -10.97 10.98
N SER D 279 4.61 -12.29 10.82
CA SER D 279 4.30 -13.18 11.93
C SER D 279 5.26 -12.97 13.09
N VAL D 280 6.56 -12.88 12.81
CA VAL D 280 7.53 -12.74 13.88
C VAL D 280 7.24 -11.42 14.63
N GLY D 281 6.92 -10.37 13.87
CA GLY D 281 6.61 -9.09 14.46
C GLY D 281 5.43 -9.19 15.39
N ILE D 282 4.41 -9.92 14.96
CA ILE D 282 3.22 -9.99 15.76
C ILE D 282 3.48 -10.82 17.01
N LEU D 283 4.22 -11.91 16.87
CA LEU D 283 4.55 -12.74 18.02
C LEU D 283 5.38 -11.96 19.06
N LEU D 284 6.22 -11.04 18.61
CA LEU D 284 7.02 -10.20 19.54
C LEU D 284 6.20 -9.14 20.24
N THR D 285 5.13 -8.68 19.60
CA THR D 285 4.40 -7.52 20.06
C THR D 285 3.47 -7.89 21.24
N GLY D 286 3.53 -7.06 22.28
CA GLY D 286 2.75 -7.33 23.48
C GLY D 286 3.36 -8.39 24.38
N THR D 287 3.84 -9.47 23.77
CA THR D 287 4.60 -10.52 24.45
C THR D 287 5.90 -10.00 25.05
N PHE D 288 6.77 -9.45 24.19
CA PHE D 288 8.11 -9.02 24.61
C PHE D 288 8.41 -7.53 24.34
N VAL D 289 7.50 -6.83 23.63
CA VAL D 289 7.66 -5.39 23.40
C VAL D 289 6.31 -4.70 23.57
N ASP D 290 6.29 -3.58 24.28
CA ASP D 290 5.03 -2.94 24.60
C ASP D 290 4.86 -1.65 23.80
N ASN D 291 5.98 -0.95 23.56
CA ASN D 291 5.96 0.28 22.79
C ASN D 291 7.20 0.33 21.89
N TRP D 292 6.96 0.19 20.58
CA TRP D 292 8.05 0.04 19.61
C TRP D 292 8.94 1.30 19.44
N TYR D 293 8.33 2.47 19.54
CA TYR D 293 9.06 3.70 19.42
C TYR D 293 10.04 3.80 20.58
N LEU D 294 9.53 3.57 21.78
CA LEU D 294 10.33 3.62 22.99
C LEU D 294 11.44 2.57 22.94
N TRP D 295 11.13 1.41 22.38
CA TRP D 295 12.12 0.35 22.19
C TRP D 295 13.26 0.81 21.25
N CYS D 296 12.92 1.53 20.18
CA CYS D 296 13.90 2.14 19.29
C CYS D 296 14.70 3.26 19.98
N VAL D 297 14.05 4.04 20.82
CA VAL D 297 14.75 5.05 21.62
C VAL D 297 15.77 4.36 22.53
N LYS D 298 15.34 3.30 23.21
CA LYS D 298 16.19 2.53 24.09
C LYS D 298 17.44 2.03 23.35
N HIS D 299 17.28 1.60 22.11
CA HIS D 299 18.41 1.09 21.33
C HIS D 299 19.10 2.15 20.43
N GLY D 300 18.81 3.42 20.64
CA GLY D 300 19.54 4.49 19.97
C GLY D 300 19.25 4.72 18.50
N ALA D 301 18.15 4.16 18.02
CA ALA D 301 17.79 4.23 16.61
C ALA D 301 16.87 5.40 16.19
N ALA D 302 16.02 5.87 17.11
CA ALA D 302 14.94 6.80 16.75
C ALA D 302 15.49 8.18 16.43
N PRO D 303 15.03 8.77 15.32
CA PRO D 303 15.47 10.13 15.05
C PRO D 303 14.77 11.12 15.98
N ASP D 304 15.39 12.26 16.19
CA ASP D 304 14.81 13.31 17.02
C ASP D 304 14.85 14.63 16.23
N TYR D 305 14.00 15.59 16.58
CA TYR D 305 13.91 16.80 15.79
C TYR D 305 13.82 17.99 16.73
N PRO D 306 14.34 19.15 16.28
CA PRO D 306 14.12 20.40 17.01
C PRO D 306 12.63 20.71 17.13
N ALA D 307 12.26 21.44 18.16
CA ALA D 307 10.93 21.97 18.26
C ALA D 307 10.69 22.97 17.12
N TYR D 308 9.45 23.07 16.66
CA TYR D 308 9.08 24.09 15.72
C TYR D 308 8.26 25.13 16.48
N LEU D 309 7.05 24.76 16.88
CA LEU D 309 6.30 25.56 17.83
C LEU D 309 6.91 25.22 19.19
N PRO D 310 6.69 26.06 20.21
CA PRO D 310 7.36 25.71 21.48
C PRO D 310 7.13 24.26 21.98
N ALA D 311 8.16 23.68 22.62
CA ALA D 311 8.00 22.40 23.31
C ALA D 311 6.90 22.52 24.36
N THR D 312 6.22 21.40 24.63
CA THR D 312 4.97 21.41 25.34
C THR D 312 4.98 20.40 26.48
N PRO D 313 5.30 20.87 27.69
CA PRO D 313 5.23 19.99 28.88
C PRO D 313 3.85 19.34 29.00
N ASP D 314 3.84 18.05 29.37
CA ASP D 314 2.60 17.35 29.74
C ASP D 314 1.87 18.14 30.84
N PRO D 315 0.69 18.69 30.53
CA PRO D 315 0.04 19.49 31.57
C PRO D 315 -0.34 18.67 32.79
N ALA D 316 -0.52 17.36 32.62
CA ALA D 316 -0.95 16.49 33.70
C ALA D 316 0.07 16.44 34.83
N SER D 317 1.32 16.74 34.51
CA SER D 317 2.39 16.55 35.48
C SER D 317 2.77 17.90 36.04
N LEU D 318 2.01 18.93 35.72
CA LEU D 318 2.26 20.25 36.27
C LEU D 318 1.80 20.33 37.72
N PRO D 319 2.47 21.19 38.52
CA PRO D 319 2.06 21.42 39.92
C PRO D 319 0.65 22.01 40.00
N GLY D 320 -0.24 21.32 40.70
CA GLY D 320 -1.59 21.82 40.86
C GLY D 320 -2.58 21.23 39.86
N ALA D 321 -2.05 20.58 38.83
CA ALA D 321 -2.88 20.04 37.75
C ALA D 321 -3.96 19.09 38.28
N PRO D 322 -5.17 19.18 37.71
CA PRO D 322 -6.18 18.20 38.09
C PRO D 322 -5.84 16.83 37.49
N LYS D 323 -6.58 15.79 37.87
CA LYS D 323 -6.41 14.48 37.26
C LYS D 323 -6.97 14.43 35.80
FE HEC E . -33.99 38.97 32.34
CHA HEC E . -33.49 39.09 35.77
CHB HEC E . -35.12 42.16 32.37
CHC HEC E . -34.44 38.82 28.95
CHD HEC E . -33.07 35.66 32.34
NA HEC E . -34.22 40.37 33.80
C1A HEC E . -34.07 40.19 35.17
C2A HEC E . -34.62 41.36 35.84
C3A HEC E . -35.06 42.20 34.90
C4A HEC E . -34.82 41.60 33.59
CMA HEC E . -35.71 43.58 35.12
CAA HEC E . -34.67 41.59 37.37
CBA HEC E . -36.10 41.33 37.89
CGA HEC E . -36.12 41.37 39.44
O1A HEC E . -35.61 40.41 40.08
O2A HEC E . -36.67 42.34 40.02
NB HEC E . -34.70 40.24 30.91
C1B HEC E . -35.01 41.56 31.13
C2B HEC E . -35.17 42.22 29.84
C3B HEC E . -34.98 41.29 28.90
C4B HEC E . -34.68 40.03 29.56
CMB HEC E . -35.54 43.70 29.62
CAB HEC E . -35.06 41.50 27.39
CBB HEC E . -33.96 42.45 26.94
NC HEC E . -33.77 37.52 30.92
C1C HEC E . -34.06 37.65 29.58
C2C HEC E . -33.78 36.39 28.91
C3C HEC E . -33.47 35.49 29.86
C4C HEC E . -33.41 36.20 31.12
CMC HEC E . -34.11 36.10 27.46
CAC HEC E . -33.22 33.98 29.66
CBC HEC E . -32.03 33.73 28.75
ND HEC E . -33.43 37.61 33.81
C1D HEC E . -32.98 36.33 33.55
C2D HEC E . -32.37 35.82 34.77
C3D HEC E . -32.47 36.77 35.72
C4D HEC E . -33.15 37.91 35.13
CMD HEC E . -31.73 34.45 34.92
CAD HEC E . -31.95 36.68 37.17
CBD HEC E . -30.46 37.09 37.19
CGD HEC E . -29.80 36.91 38.58
O1D HEC E . -28.73 37.54 38.80
O2D HEC E . -30.35 36.16 39.45
FE HEC F . -27.14 27.71 27.86
CHA HEC F . -29.72 25.47 27.83
CHB HEC F . -29.31 30.23 28.71
CHC HEC F . -24.51 29.91 27.99
CHD HEC F . -24.97 25.30 26.65
NA HEC F . -29.14 27.81 28.24
C1A HEC F . -30.05 26.78 28.10
C2A HEC F . -31.39 27.31 28.30
C3A HEC F . -31.28 28.64 28.54
C4A HEC F . -29.86 28.98 28.50
CMA HEC F . -32.43 29.62 28.83
CAA HEC F . -32.69 26.51 28.25
CBA HEC F . -33.04 26.26 26.79
CGA HEC F . -34.38 25.56 26.66
O1A HEC F . -35.37 26.24 26.31
O2A HEC F . -34.44 24.31 26.91
NB HEC F . -26.94 29.69 28.23
C1B HEC F . -27.96 30.55 28.63
C2B HEC F . -27.38 31.82 29.02
C3B HEC F . -26.04 31.74 28.80
C4B HEC F . -25.75 30.39 28.32
CMB HEC F . -28.17 33.05 29.49
CAB HEC F . -24.98 32.86 29.01
CBB HEC F . -24.90 33.33 30.46
NC HEC F . -25.11 27.62 27.38
C1C HEC F . -24.20 28.65 27.53
C2C HEC F . -22.88 28.17 27.14
C3C HEC F . -23.00 26.87 26.77
C4C HEC F . -24.41 26.52 26.91
CMC HEC F . -21.61 29.00 27.16
CAC HEC F . -21.87 25.92 26.22
CBC HEC F . -20.84 25.53 27.25
ND HEC F . -27.31 25.77 27.29
C1D HEC F . -26.27 24.92 26.92
C2D HEC F . -26.81 23.56 26.83
C3D HEC F . -28.14 23.61 27.16
C4D HEC F . -28.47 25.00 27.45
CMD HEC F . -26.02 22.31 26.44
CAD HEC F . -29.11 22.42 27.24
CBD HEC F . -29.91 22.32 25.93
CGD HEC F . -31.25 23.09 26.04
O1D HEC F . -32.00 22.93 27.05
O2D HEC F . -31.57 23.85 25.10
FE HEC G . -4.73 13.01 20.21
CHA HEC G . -4.29 11.62 23.29
CHB HEC G . -4.15 10.04 18.73
CHC HEC G . -5.81 14.35 17.25
CHD HEC G . -5.04 16.17 21.67
NA HEC G . -4.33 11.15 20.89
C1A HEC G . -4.10 10.79 22.20
C2A HEC G . -3.64 9.40 22.23
C3A HEC G . -3.59 8.96 20.95
C4A HEC G . -4.03 10.07 20.09
CMA HEC G . -3.15 7.55 20.49
CAA HEC G . -3.27 8.60 23.48
CBA HEC G . -1.86 8.98 23.93
CGA HEC G . -1.43 8.18 25.21
O1A HEC G . -1.83 6.99 25.38
O2A HEC G . -0.67 8.76 26.02
NB HEC G . -4.93 12.35 18.32
C1B HEC G . -4.71 11.05 17.94
C2B HEC G . -5.19 10.91 16.58
C3B HEC G . -5.61 12.12 16.15
C4B HEC G . -5.50 13.02 17.26
CMB HEC G . -5.04 9.62 15.76
CAB HEC G . -6.19 12.48 14.74
CBB HEC G . -7.20 11.39 14.29
NC HEC G . -5.34 14.92 19.60
C1C HEC G . -5.69 15.23 18.29
C2C HEC G . -5.95 16.67 18.22
C3C HEC G . -5.77 17.19 19.46
C4C HEC G . -5.35 16.09 20.33
CMC HEC G . -6.40 17.42 16.96
CAC HEC G . -5.85 18.68 19.89
CBC HEC G . -7.11 19.36 19.46
ND HEC G . -4.71 13.75 22.13
C1D HEC G . -4.86 15.07 22.52
C2D HEC G . -4.78 15.13 23.96
C3D HEC G . -4.56 13.87 24.42
C4D HEC G . -4.50 12.99 23.26
CMD HEC G . -4.92 16.41 24.82
CAD HEC G . -4.43 13.44 25.89
CBD HEC G . -5.84 13.28 26.51
CGD HEC G . -5.77 13.10 28.06
O1D HEC G . -6.84 13.27 28.73
O2D HEC G . -4.67 12.79 28.61
FE HEC H . -11.61 24.75 23.11
CHA HEC H . -9.22 27.05 22.40
CHB HEC H . -9.54 22.24 21.97
CHC HEC H . -13.94 22.40 23.98
CHD HEC H . -13.82 27.22 24.05
NA HEC H . -9.73 24.66 22.34
C1A HEC H . -8.92 25.75 22.10
C2A HEC H . -7.69 25.28 21.47
C3A HEC H . -7.77 23.93 21.37
C4A HEC H . -9.07 23.53 21.89
CMA HEC H . -6.72 22.99 20.78
CAA HEC H . -6.49 26.17 21.08
CBA HEC H . -6.58 26.63 19.63
CGA HEC H . -5.35 27.49 19.29
O1A HEC H . -4.61 27.92 20.22
O2A HEC H . -5.08 27.74 18.10
NB HEC H . -11.73 22.71 23.00
C1B HEC H . -10.74 21.86 22.55
C2B HEC H . -11.17 20.49 22.79
C3B HEC H . -12.40 20.53 23.34
C4B HEC H . -12.76 21.94 23.47
CMB HEC H . -10.36 19.25 22.41
CAB HEC H . -13.33 19.36 23.75
CBB HEC H . -12.71 18.45 24.78
NC HEC H . -13.52 24.80 23.88
C1C HEC H . -14.30 23.70 24.15
C2C HEC H . -15.56 24.13 24.68
C3C HEC H . -15.57 25.50 24.70
C4C HEC H . -14.25 25.93 24.20
CMC HEC H . -16.72 23.19 25.05
CAC HEC H . -16.72 26.45 25.13
CBC HEC H . -17.08 26.29 26.59
ND HEC H . -11.55 26.76 23.16
C1D HEC H . -12.54 27.60 23.66
C2D HEC H . -11.98 28.94 23.71
C3D HEC H . -10.71 28.88 23.23
C4D HEC H . -10.42 27.51 22.91
CMD HEC H . -12.73 30.18 24.20
CAD HEC H . -9.70 30.02 23.18
CBD HEC H . -9.60 30.64 21.84
CGD HEC H . -8.38 31.58 21.87
O1D HEC H . -7.50 31.42 22.78
O2D HEC H . -8.29 32.47 20.98
S SO4 I . -14.37 40.50 16.99
O1 SO4 I . -13.65 39.89 15.86
O2 SO4 I . -14.51 41.94 16.74
O3 SO4 I . -15.72 39.94 17.06
O4 SO4 I . -13.63 40.19 18.22
S SO4 J . -21.12 33.49 40.70
O1 SO4 J . -20.39 34.76 40.83
O2 SO4 J . -21.13 33.05 39.32
O3 SO4 J . -20.46 32.49 41.55
O4 SO4 J . -22.49 33.64 41.19
S SO4 K . -20.74 5.29 32.47
O1 SO4 K . -20.65 5.65 33.87
O2 SO4 K . -22.11 5.47 31.99
O3 SO4 K . -19.84 6.13 31.71
O4 SO4 K . -20.39 3.88 32.28
S SO4 L . -40.20 10.27 10.36
O1 SO4 L . -41.56 9.94 9.90
O2 SO4 L . -39.38 10.62 9.21
O3 SO4 L . -40.24 11.39 11.29
O4 SO4 L . -39.65 9.13 11.09
S SO4 M . -36.89 10.61 4.96
O1 SO4 M . -38.17 9.95 4.65
O2 SO4 M . -36.84 11.99 4.51
O3 SO4 M . -36.76 10.53 6.39
O4 SO4 M . -35.81 9.89 4.28
S SO4 N . -36.12 -0.04 12.76
O1 SO4 N . -36.11 0.31 14.18
O2 SO4 N . -36.72 1.05 12.00
O3 SO4 N . -34.75 -0.26 12.30
O4 SO4 N . -36.90 -1.26 12.57
S SO4 O . -15.42 25.53 -4.12
O1 SO4 O . -16.12 26.80 -4.20
O2 SO4 O . -13.98 25.78 -3.95
O3 SO4 O . -15.91 24.75 -2.99
O4 SO4 O . -15.62 24.78 -5.35
C1 HTO P . 3.35 -0.99 30.46
O1 HTO P . 4.51 -1.78 30.14
C2 HTO P . 3.71 0.08 31.50
O2 HTO P . 4.83 0.86 31.05
C3 HTO P . 2.53 1.01 31.84
O3 HTO P . 2.54 2.13 30.94
C4 HTO P . 2.67 1.54 33.26
C5 HTO P . 1.68 0.93 34.25
C6 HTO P . 2.27 1.00 35.65
C7 HTO P . 1.27 0.59 36.70
C1 HTO Q . -10.81 26.75 10.01
O1 HTO Q . -11.60 25.60 9.68
C2 HTO Q . -10.07 26.56 11.36
O2 HTO Q . -10.14 25.18 11.80
C3 HTO Q . -8.63 27.10 11.25
O3 HTO Q . -7.76 26.47 12.21
C4 HTO Q . -8.59 28.64 11.37
C5 HTO Q . -7.72 29.19 12.52
C6 HTO Q . -8.05 30.64 12.85
C7 HTO Q . -8.61 30.79 14.25
S SO4 R . 15.02 2.09 -38.93
O1 SO4 R . 14.41 2.40 -37.63
O2 SO4 R . 14.91 3.30 -39.74
O3 SO4 R . 16.41 1.66 -38.78
O4 SO4 R . 14.24 1.01 -39.56
S SO4 S . 30.49 -13.40 -9.35
O1 SO4 S . 29.28 -12.63 -9.64
O2 SO4 S . 31.43 -13.27 -10.46
O3 SO4 S . 31.16 -12.92 -8.12
O4 SO4 S . 30.10 -14.79 -9.17
S SO4 T . 25.84 -25.52 -34.55
O1 SO4 T . 25.82 -24.67 -35.74
O2 SO4 T . 24.51 -26.09 -34.34
O3 SO4 T . 26.78 -26.63 -34.78
O4 SO4 T . 26.23 -24.72 -33.40
S SO4 U . 8.30 -40.76 -24.38
O1 SO4 U . 6.91 -40.55 -24.76
O2 SO4 U . 9.13 -39.71 -24.97
O3 SO4 U . 8.44 -40.74 -22.93
O4 SO4 U . 8.77 -42.05 -24.91
N1 LDA V . 25.32 -9.61 -3.84
O1 LDA V . 25.17 -10.78 -3.37
CM1 LDA V . 26.30 -8.84 -3.06
CM2 LDA V . 25.84 -9.72 -5.20
C1 LDA V . 24.06 -8.84 -3.90
C2 LDA V . 23.03 -9.30 -2.86
C3 LDA V . 21.60 -8.88 -3.24
C4 LDA V . 20.90 -8.22 -2.05
C5 LDA V . 19.42 -7.93 -2.24
C6 LDA V . 18.59 -8.63 -1.15
C7 LDA V . 17.91 -7.65 -0.22
C8 LDA V . 17.61 -8.33 1.11
C9 LDA V . 16.17 -8.16 1.56
C10 LDA V . 15.99 -6.96 2.49
C11 LDA V . 14.53 -6.58 2.66
C12 LDA V . 14.40 -5.50 3.75
N1 LDA W . 29.77 -25.67 -1.73
O1 LDA W . 30.59 -24.76 -2.08
CM1 LDA W . 30.05 -26.17 -0.36
CM2 LDA W . 28.39 -25.13 -1.69
C1 LDA W . 29.82 -26.81 -2.64
C2 LDA W . 30.89 -26.54 -3.68
C3 LDA W . 31.07 -27.74 -4.58
C4 LDA W . 31.49 -27.29 -5.97
C5 LDA W . 31.81 -28.51 -6.83
C6 LDA W . 31.83 -28.17 -8.29
C7 LDA W . 30.71 -28.90 -9.04
C8 LDA W . 31.02 -29.25 -10.49
C9 LDA W . 31.79 -28.15 -11.24
C10 LDA W . 31.18 -27.81 -12.60
C11 LDA W . 31.88 -26.61 -13.24
C12 LDA W . 33.35 -26.91 -13.49
C1 HTO X . 12.58 -33.56 -25.17
O1 HTO X . 11.61 -33.82 -26.19
C2 HTO X . 12.42 -32.13 -24.66
O2 HTO X . 11.04 -31.75 -24.65
C3 HTO X . 13.05 -32.00 -23.26
O3 HTO X . 12.06 -32.21 -22.23
C4 HTO X . 13.75 -30.66 -23.08
C5 HTO X . 15.12 -30.82 -22.42
C6 HTO X . 16.11 -31.47 -23.38
C7 HTO X . 17.52 -31.05 -23.08
MG BCB Y . 0.58 3.26 3.19
CHA BCB Y . 1.42 4.87 0.24
CHB BCB Y . 1.24 0.21 1.74
CHC BCB Y . -0.60 1.76 6.01
CHD BCB Y . 0.63 6.37 4.82
NA BCB Y . 1.23 2.66 1.28
C1A BCB Y . 1.45 3.49 0.17
C2A BCB Y . 1.88 2.62 -1.02
C3A BCB Y . 2.14 1.27 -0.44
C4A BCB Y . 1.44 1.32 0.92
CMA BCB Y . 1.41 0.21 -1.29
CAA BCB Y . 3.01 3.21 -1.90
CBA BCB Y . 4.37 3.28 -1.21
CGA BCB Y . 5.24 4.26 -1.97
O1A BCB Y . 4.75 5.28 -2.40
O2A BCB Y . 6.64 4.03 -2.17
NB BCB Y . 0.37 1.35 3.76
C1B BCB Y . 0.68 0.22 3.02
C2B BCB Y . 0.30 -0.95 3.78
C3B BCB Y . -0.21 -0.53 4.96
C4B BCB Y . -0.17 0.93 4.96
CMB BCB Y . 0.46 -2.37 3.33
CAB BCB Y . -0.72 -1.37 6.06
OBB BCB Y . -1.17 -0.82 7.04
CBB BCB Y . -0.68 -2.87 6.01
NC BCB Y . 0.11 3.96 5.11
C1C BCB Y . -0.36 3.14 6.13
C2C BCB Y . -0.73 3.99 7.31
C3C BCB Y . -0.22 5.35 6.96
C4C BCB Y . 0.20 5.28 5.55
CMC BCB Y . -2.28 4.08 7.43
CAC BCB Y . -0.22 6.63 7.78
CBC BCB Y . -0.69 6.59 9.22
ND BCB Y . 0.98 5.17 2.74
C1D BCB Y . 0.87 6.32 3.46
C2D BCB Y . 1.05 7.45 2.57
C3D BCB Y . 1.25 6.94 1.33
C4D BCB Y . 1.22 5.50 1.46
CMD BCB Y . 1.00 8.92 2.98
CAD BCB Y . 1.51 7.25 -0.06
OBD BCB Y . 1.60 8.37 -0.53
CBD BCB Y . 1.61 5.92 -0.83
CGD BCB Y . 0.33 5.84 -1.64
O1D BCB Y . 0.34 5.33 -2.75
O2D BCB Y . -0.90 6.38 -1.09
CED BCB Y . -2.12 6.33 -1.85
C1 BCB Y . 7.46 4.99 -2.86
C2 BCB Y . 8.75 4.44 -3.14
C3 BCB Y . 9.57 5.04 -4.09
C4 BCB Y . 9.12 6.31 -4.83
C5 BCB Y . 10.95 4.43 -4.37
C6 BCB Y . 11.30 4.55 -5.83
C7 BCB Y . 12.56 3.73 -6.13
C8 BCB Y . 13.63 4.67 -6.67
C9 BCB Y . 13.25 5.09 -8.11
C10 BCB Y . 14.99 3.96 -6.70
C11 BCB Y . 15.70 4.20 -5.36
C12 BCB Y . 17.05 3.50 -5.48
C13 BCB Y . 17.89 3.58 -4.20
C14 BCB Y . 18.11 5.05 -3.76
C15 BCB Y . 19.25 3.00 -4.55
C16 BCB Y . 19.81 2.19 -3.39
C17 BCB Y . 21.21 1.73 -3.82
C18 BCB Y . 21.47 0.28 -3.42
C19 BCB Y . 22.43 -0.34 -4.44
C20 BCB Y . 20.15 -0.52 -3.39
MG BCB Z . 10.80 3.79 2.07
CHA BCB Z . 10.94 1.04 4.16
CHB BCB Z . 14.08 3.15 1.01
CHC BCB Z . 10.46 6.10 -0.42
CHD BCB Z . 7.35 4.08 2.80
NA BCB Z . 12.28 2.31 2.52
C1A BCB Z . 12.09 1.22 3.40
C2A BCB Z . 13.39 0.44 3.50
C3A BCB Z . 14.40 1.35 2.85
C4A BCB Z . 13.56 2.27 1.97
CMA BCB Z . 15.18 2.21 3.91
CAA BCB Z . 13.25 -0.90 2.77
CBA BCB Z . 12.50 -0.69 1.44
CGA BCB Z . 12.66 -1.88 0.53
O1A BCB Z . 13.24 -2.89 0.92
O2A BCB Z . 12.12 -1.85 -0.81
NB BCB Z . 12.05 4.48 0.56
C1B BCB Z . 13.35 4.09 0.30
C2B BCB Z . 13.81 4.85 -0.84
C3B BCB Z . 12.78 5.67 -1.24
C4B BCB Z . 11.68 5.44 -0.36
CMB BCB Z . 15.17 4.72 -1.45
CAB BCB Z . 12.78 6.61 -2.37
OBB BCB Z . 11.76 7.26 -2.61
CBB BCB Z . 14.01 6.78 -3.22
NC BCB Z . 9.19 4.91 1.35
C1C BCB Z . 9.30 5.84 0.32
C2C BCB Z . 8.07 6.70 0.32
C3C BCB Z . 7.07 5.86 1.00
C4C BCB Z . 7.86 4.89 1.79
CMC BCB Z . 8.34 8.03 1.09
CAC BCB Z . 5.57 6.13 1.19
CBC BCB Z . 4.85 7.16 0.31
ND BCB Z . 9.40 2.79 3.11
C1D BCB Z . 8.09 3.08 3.42
C2D BCB Z . 7.68 2.22 4.50
C3D BCB Z . 8.75 1.43 4.81
C4D BCB Z . 9.82 1.78 3.91
CMD BCB Z . 6.33 2.22 5.19
CAD BCB Z . 9.22 0.40 5.72
OBD BCB Z . 8.56 -0.15 6.58
CBD BCB Z . 10.64 0.03 5.29
CGD BCB Z . 11.61 0.29 6.45
O1D BCB Z . 12.20 -0.63 6.96
O2D BCB Z . 11.94 1.59 6.86
CED BCB Z . 12.90 1.76 7.93
C1 BCB Z . 12.27 -2.98 -1.70
C2 BCB Z . 13.55 -2.89 -2.35
C3 BCB Z . 14.50 -3.88 -2.21
C4 BCB Z . 14.22 -5.14 -1.36
C5 BCB Z . 15.85 -3.70 -2.91
C6 BCB Z . 16.90 -3.17 -1.90
C7 BCB Z . 16.46 -1.83 -1.29
C8 BCB Z . 17.53 -1.29 -0.30
C9 BCB Z . 17.36 -1.96 1.07
C10 BCB Z . 17.33 0.24 -0.19
C11 BCB Z . 18.51 0.91 0.53
C12 BCB Z . 18.17 2.39 0.74
C13 BCB Z . 19.31 3.13 1.45
C14 BCB Z . 19.36 2.80 2.95
C15 BCB Z . 19.10 4.65 1.31
C16 BCB Z . 19.78 5.15 0.04
C17 BCB Z . 21.26 4.74 0.06
C18 BCB Z . 22.11 5.80 -0.62
C19 BCB Z . 23.38 5.10 -1.13
C20 BCB Z . 22.47 6.89 0.39
C1 BPB AA . 21.20 4.54 -9.49
C2 BPB AA . 21.20 5.22 -8.20
C3 BPB AA . 21.85 4.71 -7.10
C4 BPB AA . 22.64 3.40 -7.17
C5 BPB AA . 21.82 5.47 -5.76
C6 BPB AA . 21.45 6.94 -6.00
C7 BPB AA . 21.68 7.69 -4.69
C8 BPB AA . 21.13 9.13 -4.75
C9 BPB AA . 22.01 9.99 -5.69
NA BPB AA . 14.83 -0.31 -7.50
NB BPB AA . 12.59 0.07 -5.61
NC BPB AA . 10.53 -0.80 -7.72
ND BPB AA . 12.57 -1.12 -9.44
C10 BPB AA . 21.20 9.73 -3.33
C11 BPB AA . 20.16 9.06 -2.41
C12 BPB AA . 18.86 9.86 -2.45
C13 BPB AA . 17.67 9.02 -1.96
C14 BPB AA . 16.39 9.67 -2.48
C15 BPB AA . 17.62 8.97 -0.42
C16 BPB AA . 16.51 8.02 0.08
C17 BPB AA . 16.58 7.86 1.59
C18 BPB AA . 15.57 6.78 2.03
C19 BPB AA . 15.86 6.40 3.49
C1A BPB AA . 15.65 -0.43 -8.63
O1A BPB AA . 18.57 3.80 -9.36
C1B BPB AA . 13.65 0.40 -4.79
C1C BPB AA . 9.72 -0.34 -6.69
C1D BPB AA . 11.62 -1.61 -10.39
O1D BPB AA . 18.08 -2.15 -11.21
C20 BPB AA . 14.11 7.26 1.92
C2A BPB AA . 17.07 -0.11 -8.24
O2A BPB AA . 20.76 3.19 -9.30
C2B BPB AA . 13.12 0.80 -3.51
C2C BPB AA . 8.30 -0.56 -7.09
C2D BPB AA . 12.31 -1.98 -11.65
O2D BPB AA . 16.60 -3.48 -10.10
C3A BPB AA . 17.03 -0.11 -6.72
C3B BPB AA . 11.75 0.72 -3.58
C3C BPB AA . 8.35 -0.92 -8.54
C3D BPB AA . 13.54 -1.65 -11.22
C4A BPB AA . 15.56 0.09 -6.39
C4B BPB AA . 11.42 0.28 -4.91
C4C BPB AA . 9.77 -1.15 -8.86
C4D BPB AA . 13.84 -1.15 -10.00
CAA BPB AA . 17.39 1.31 -8.78
CAB BPB AA . 10.77 1.05 -2.51
CAC BPB AA . 7.16 -1.13 -9.45
CAD BPB AA . 14.75 -1.80 -12.03
CBA BPB AA . 18.90 1.44 -9.00
CBB BPB AA . 11.18 1.56 -1.17
OBB BPB AA . 9.57 0.90 -2.73
CBC BPB AA . 5.77 -0.79 -8.95
CBD BPB AA . 15.88 -1.25 -11.14
OBD BPB AA . 14.87 -2.17 -13.18
CED BPB AA . 17.61 -4.46 -9.81
CGA BPB AA . 19.35 2.89 -9.22
CGD BPB AA . 16.93 -2.32 -10.85
CHA BPB AA . 15.18 -0.92 -9.84
CHB BPB AA . 15.02 0.35 -5.13
CHC BPB AA . 10.12 0.07 -5.40
CHD BPB AA . 10.26 -1.67 -10.07
CMA BPB AA . 17.47 -1.49 -6.20
CMB BPB AA . 13.96 1.24 -2.32
CMC BPB AA . 7.63 -1.71 -6.27
CMD BPB AA . 11.74 -2.55 -12.96
C1 UQ1 BA . -1.14 -19.62 -13.70
O1 UQ1 BA . -2.30 -19.85 -14.09
C2 UQ1 BA . 0.02 -20.02 -14.56
O2 UQ1 BA . -0.20 -20.62 -15.77
CM2 UQ1 BA . 0.45 -21.85 -16.13
C3 UQ1 BA . 1.41 -19.75 -14.10
O3 UQ1 BA . 2.51 -20.09 -14.90
CM3 UQ1 BA . 3.83 -20.40 -14.39
C4 UQ1 BA . 1.64 -19.10 -12.81
O4 UQ1 BA . 2.81 -18.89 -12.46
C5 UQ1 BA . 0.48 -18.70 -11.94
CM5 UQ1 BA . 0.75 -18.04 -10.62
C6 UQ1 BA . -0.92 -18.95 -12.40
C7 UQ1 BA . -2.12 -18.58 -11.54
C8 UQ1 BA . -2.75 -17.25 -11.94
C9 UQ1 BA . -4.09 -17.13 -12.20
C10 UQ1 BA . -4.99 -18.33 -12.12
C11 UQ1 BA . -4.70 -15.77 -12.55
S SO4 CA . 7.11 -39.61 -11.94
O1 SO4 CA . 8.56 -39.55 -11.87
O2 SO4 CA . 6.54 -38.54 -11.13
O3 SO4 CA . 6.69 -39.43 -13.33
O4 SO4 CA . 6.63 -40.90 -11.45
C1 HTO DA . 26.96 -6.27 -6.22
O1 HTO DA . 28.32 -6.65 -6.07
C2 HTO DA . 26.83 -4.76 -6.03
O2 HTO DA . 26.80 -4.11 -7.31
C3 HTO DA . 25.57 -4.41 -5.24
O3 HTO DA . 25.15 -3.07 -5.56
C4 HTO DA . 25.79 -4.51 -3.74
C5 HTO DA . 24.55 -5.06 -3.03
C6 HTO DA . 23.93 -4.02 -2.11
C7 HTO DA . 22.72 -4.57 -1.42
C1 HTO EA . 10.01 -1.71 -27.42
O1 HTO EA . 10.79 -2.75 -26.83
C2 HTO EA . 10.93 -0.70 -28.08
O2 HTO EA . 11.69 -1.35 -29.10
C3 HTO EA . 10.14 0.46 -28.69
O3 HTO EA . 10.85 0.98 -29.83
C4 HTO EA . 9.93 1.58 -27.67
C5 HTO EA . 8.81 2.52 -28.11
C6 HTO EA . 9.21 3.98 -27.90
C7 HTO EA . 8.39 4.62 -26.79
FE FE2 FA . 8.83 -16.72 -14.43
C5 MQ9 GA . 15.68 -11.42 -13.30
C5M MQ9 GA . 14.70 -10.40 -12.74
C4 MQ9 GA . 15.22 -12.34 -14.24
O4 MQ9 GA . 13.99 -12.35 -14.57
C3 MQ9 GA . 16.09 -13.29 -14.79
C2 MQ9 GA . 17.44 -13.29 -14.41
C1 MQ9 GA . 17.90 -12.35 -13.50
O1 MQ9 GA . 19.12 -12.36 -13.18
C6 MQ9 GA . 17.04 -11.41 -12.92
C3A MQ9 GA . 15.61 -14.24 -15.70
C3B MQ9 GA . 16.49 -15.18 -16.24
C3C MQ9 GA . 17.84 -15.16 -15.87
C3D MQ9 GA . 18.33 -14.22 -14.95
C7 MQ9 GA . 17.59 -10.42 -11.91
C8 MQ9 GA . 17.20 -10.82 -10.58
C9 MQ9 GA . 18.12 -10.96 -9.51
C10 MQ9 GA . 19.60 -11.00 -9.77
C11 MQ9 GA . 17.63 -11.44 -8.15
C12 MQ9 GA . 18.03 -10.45 -7.04
C13 MQ9 GA . 17.51 -9.14 -7.35
C14 MQ9 GA . 16.79 -8.36 -6.42
C15 MQ9 GA . 16.63 -8.83 -5.00
C16 MQ9 GA . 16.30 -6.99 -6.82
C17 MQ9 GA . 17.06 -5.90 -6.05
C18 MQ9 GA . 18.43 -5.86 -6.50
C19 MQ9 GA . 19.41 -5.12 -5.85
C20 MQ9 GA . 19.31 -4.83 -4.36
C21 MQ9 GA . 20.72 -4.87 -6.56
C22 MQ9 GA . 21.07 -3.40 -6.56
C23 MQ9 GA . 22.30 -3.21 -7.29
C24 MQ9 GA . 22.63 -2.01 -7.90
C25 MQ9 GA . 21.63 -0.87 -7.93
C26 MQ9 GA . 23.97 -1.86 -8.57
C27 MQ9 GA . 24.79 -0.69 -7.99
C28 MQ9 GA . 26.04 -0.58 -8.71
C29 MQ9 GA . 26.54 0.63 -9.20
C30 MQ9 GA . 25.84 1.93 -8.92
C31 MQ9 GA . 27.82 0.64 -10.01
C32 MQ9 GA . 27.50 0.93 -11.47
C33 MQ9 GA . 28.66 0.69 -12.27
C34 MQ9 GA . 28.92 1.44 -13.42
C35 MQ9 GA . 27.80 2.15 -14.14
C36 MQ9 GA . 30.32 1.47 -14.00
C37 MQ9 GA . 31.19 2.37 -13.15
C38 MQ9 GA . 32.11 1.60 -12.37
C39 MQ9 GA . 32.24 1.74 -10.99
C40 MQ9 GA . 32.61 0.51 -10.19
C41 MQ9 GA . 32.45 3.12 -10.37
C42 MQ9 GA . 32.08 3.13 -8.87
C43 MQ9 GA . 30.70 3.53 -8.70
C44 MQ9 GA . 30.20 3.95 -7.48
C45 MQ9 GA . 29.50 2.96 -6.59
C46 MQ9 GA . 29.94 5.43 -7.26
C47 MQ9 GA . 31.06 6.01 -6.39
C48 MQ9 GA . 30.52 7.01 -5.51
C49 MQ9 GA . 30.60 6.86 -4.13
C50 MQ9 GA . 29.62 5.93 -3.43
C51 MQ9 GA . 31.41 7.86 -3.31
C1 UQ1 HA . -20.00 -1.01 -4.13
O1 UQ1 HA . -19.71 -0.94 -5.36
C2 UQ1 HA . -20.86 -2.14 -3.64
O2 UQ1 HA . -21.31 -3.12 -4.54
CM2 UQ1 HA . -22.33 -2.83 -5.50
C3 UQ1 HA . -21.20 -2.23 -2.18
O3 UQ1 HA . -21.97 -3.29 -1.72
CM3 UQ1 HA . -23.12 -3.11 -0.90
C4 UQ1 HA . -20.70 -1.17 -1.23
O4 UQ1 HA . -20.99 -1.24 -0.02
C5 UQ1 HA . -19.85 -0.04 -1.73
CM5 UQ1 HA . -19.35 1.02 -0.77
C6 UQ1 HA . -19.51 0.04 -3.18
C7 UQ1 HA . -18.63 1.17 -3.71
C8 UQ1 HA . -17.19 0.71 -3.59
C9 UQ1 HA . -16.42 0.35 -4.64
C10 UQ1 HA . -16.96 0.38 -6.05
C11 UQ1 HA . -15.00 -0.10 -4.41
MG BCB IA . -7.36 -6.73 4.57
CHA BCB IA . -7.78 -4.40 2.05
CHB BCB IA . -9.70 -8.77 3.02
CHC BCB IA . -6.31 -9.35 6.52
CHD BCB IA . -4.65 -4.82 5.79
NA BCB IA . -8.57 -6.57 2.79
C1A BCB IA . -8.51 -5.53 1.85
C2A BCB IA . -9.54 -5.77 0.75
C3A BCB IA . -10.32 -6.95 1.23
C4A BCB IA . -9.47 -7.54 2.35
CMA BCB IA . -11.67 -6.42 1.77
CAA BCB IA . -8.85 -6.10 -0.60
CBA BCB IA . -7.66 -7.05 -0.38
CGA BCB IA . -7.17 -7.60 -1.71
O1A BCB IA . -7.55 -7.10 -2.76
O2A BCB IA . -6.23 -8.72 -1.72
NB BCB IA . -7.89 -8.68 4.73
C1B BCB IA . -8.87 -9.33 4.00
C2B BCB IA . -8.92 -10.71 4.44
C3B BCB IA . -7.97 -10.87 5.42
C4B BCB IA . -7.33 -9.59 5.60
CMB BCB IA . -9.85 -11.76 3.91
CAB BCB IA . -7.64 -12.10 6.15
OBB BCB IA . -8.27 -13.13 5.96
CBB BCB IA . -6.59 -12.12 7.21
NC BCB IA . -5.78 -7.04 5.92
C1C BCB IA . -5.55 -8.22 6.62
C2C BCB IA . -4.66 -7.91 7.77
C3C BCB IA . -3.88 -6.79 7.27
C4C BCB IA . -4.77 -6.13 6.27
CMC BCB IA . -5.46 -7.56 9.06
CAC BCB IA . -2.64 -6.19 7.93
CBC BCB IA . -1.86 -7.01 8.93
ND BCB IA . -6.33 -5.07 4.07
C1D BCB IA . -5.37 -4.34 4.71
C2D BCB IA . -5.30 -3.04 4.08
C3D BCB IA . -6.20 -3.03 3.05
C4D BCB IA . -6.83 -4.32 3.04
CMD BCB IA . -4.37 -1.90 4.48
CAD BCB IA . -6.77 -2.24 1.98
OBD BCB IA . -6.48 -1.11 1.68
CBD BCB IA . -7.76 -3.11 1.25
CGD BCB IA . -9.08 -2.43 1.40
O1D BCB IA . -9.62 -1.99 0.41
O2D BCB IA . -9.66 -2.26 2.69
CED BCB IA . -10.91 -1.56 2.80
C1 BCB IA . -5.75 -9.23 -2.97
C2 BCB IA . -6.72 -10.14 -3.54
C3 BCB IA . -6.45 -11.50 -3.68
C4 BCB IA . -5.09 -12.07 -3.21
C5 BCB IA . -7.51 -12.44 -4.28
C6 BCB IA . -7.55 -12.29 -5.80
C7 BCB IA . -8.95 -12.68 -6.34
C8 BCB IA . -8.82 -13.23 -7.78
C9 BCB IA . -9.87 -12.57 -8.69
C10 BCB IA . -9.01 -14.78 -7.75
C11 BCB IA . -8.27 -15.46 -8.93
C12 BCB IA . -8.65 -16.95 -9.04
C13 BCB IA . -10.19 -17.14 -9.18
C14 BCB IA . -10.70 -18.07 -8.06
C15 BCB IA . -10.56 -17.71 -10.56
C16 BCB IA . -12.10 -17.81 -10.71
C17 BCB IA . -12.48 -18.58 -12.00
C18 BCB IA . -13.92 -19.14 -11.87
C19 BCB IA . -13.99 -20.57 -12.41
C20 BCB IA . -14.89 -18.25 -12.67
C1 BPB JA . -2.15 -9.49 4.10
C2 BPB JA . -2.09 -10.86 4.42
C3 BPB JA . -3.24 -11.59 4.34
C4 BPB JA . -4.55 -10.91 3.94
C5 BPB JA . -3.25 -13.09 4.62
C6 BPB JA . -4.37 -13.69 3.78
C7 BPB JA . -3.96 -15.07 3.27
C8 BPB JA . -5.09 -16.03 3.52
C9 BPB JA . -4.56 -17.43 3.31
NA BPB JA . 2.25 -4.02 6.88
NB BPB JA . 2.47 -1.07 6.56
NC BPB JA . 0.95 -0.50 9.29
ND BPB JA . 0.66 -3.07 9.48
C10 BPB JA . -6.24 -15.76 2.54
C11 BPB JA . -7.62 -16.11 3.18
C12 BPB JA . -8.76 -15.39 2.42
C13 BPB JA . -9.96 -16.35 2.20
C14 BPB JA . -10.78 -15.88 0.98
C15 BPB JA . -10.81 -16.38 3.47
C16 BPB JA . -12.31 -16.33 3.12
C17 BPB JA . -13.02 -15.26 3.97
C18 BPB JA . -13.44 -15.86 5.33
C19 BPB JA . -14.41 -14.89 6.02
C1A BPB JA . 2.16 -5.30 7.44
O1A BPB JA . 0.52 -8.66 4.03
C1B BPB JA . 2.89 -1.48 5.28
C1C BPB JA . 1.25 0.77 8.81
C1D BPB JA . 0.01 -2.77 10.74
O1D BPB JA . 3.97 -6.86 9.42
C20 BPB JA . -14.14 -17.21 5.13
C2A BPB JA . 2.70 -6.26 6.36
O2A BPB JA . -1.53 -8.66 5.07
C2B BPB JA . 3.18 -0.26 4.53
C2C BPB JA . 0.85 1.72 9.89
C2D BPB JA . -0.01 -3.99 11.55
O2D BPB JA . 3.33 -6.70 11.64
C3A BPB JA . 2.66 -5.45 5.09
C3B BPB JA . 2.94 0.83 5.35
C3C BPB JA . -0.27 1.01 10.56
C3D BPB JA . 0.59 -4.76 10.68
C4A BPB JA . 2.78 -4.00 5.59
C4B BPB JA . 2.48 0.31 6.63
C4C BPB JA . 0.01 -0.43 10.32
C4D BPB JA . 1.04 -4.40 9.44
CAA BPB JA . 1.92 -7.60 6.19
CAB BPB JA . 3.10 2.27 4.99
CAC BPB JA . -1.29 1.63 11.50
CAD BPB JA . 0.85 -6.15 10.94
CBA BPB JA . 0.44 -7.36 6.01
CBB BPB JA . 3.58 2.72 3.64
OBB BPB JA . 2.85 3.12 5.82
CBC BPB JA . -1.49 3.14 11.57
CBD BPB JA . 1.61 -6.67 9.69
OBD BPB JA . 0.59 -6.79 11.95
CED BPB JA . 4.68 -6.77 12.14
CGA BPB JA . -0.14 -8.27 4.96
CGD BPB JA . 3.05 -6.76 10.21
CHA BPB JA . 1.63 -5.47 8.74
CHB BPB JA . 3.00 -2.82 4.83
CHC BPB JA . 2.14 1.09 7.76
CHD BPB JA . -0.45 -1.51 11.04
CMA BPB JA . 3.83 -5.83 4.18
CMB BPB JA . 3.69 -0.22 3.11
CMC BPB JA . 2.02 1.95 10.89
CMD BPB JA . -0.56 -4.23 12.95
C1 BPB KA . -11.25 -20.54 1.92
C2 BPB KA . -12.03 -21.31 0.98
C3 BPB KA . -13.38 -21.14 0.64
C4 BPB KA . -13.93 -22.09 -0.41
C5 BPB KA . -14.31 -20.07 1.24
C6 BPB KA . -15.04 -19.25 0.12
C7 BPB KA . -16.44 -19.82 -0.16
C8 BPB KA . -17.42 -18.71 -0.62
C9 BPB KA . -18.80 -18.95 0.04
NA BPB KA . -5.44 -16.73 -1.13
NB BPB KA . -4.64 -14.07 -0.13
NC BPB KA . -1.64 -14.66 0.11
ND BPB KA . -2.40 -17.13 -0.79
C10 BPB KA . -17.58 -18.68 -2.16
C11 BPB KA . -19.07 -18.74 -2.58
C12 BPB KA . -19.28 -18.18 -4.03
C13 BPB KA . -20.00 -19.23 -4.92
C14 BPB KA . -19.53 -19.08 -6.38
C15 BPB KA . -21.54 -19.05 -4.85
C16 BPB KA . -22.24 -20.43 -4.90
C17 BPB KA . -22.72 -20.83 -3.50
C18 BPB KA . -22.94 -22.36 -3.41
C19 BPB KA . -21.80 -23.00 -2.59
C1A BPB KA . -5.47 -18.11 -1.35
O1A BPB KA . -10.08 -19.63 -0.37
C1B BPB KA . -6.04 -13.89 -0.29
C1C BPB KA . -1.62 -13.33 0.46
C1D BPB KA . -0.99 -17.37 -0.84
O1D BPB KA . -5.40 -21.27 -3.77
C20 BPB KA . -24.29 -22.66 -2.75
C2A BPB KA . -6.91 -18.53 -1.52
O2A BPB KA . -9.83 -20.73 1.62
C2B BPB KA . -6.36 -12.54 0.11
C2C BPB KA . -0.24 -12.99 0.88
C2D BPB KA . -0.74 -18.70 -1.40
O2D BPB KA . -4.21 -19.45 -4.56
C3A BPB KA . -7.61 -17.20 -1.77
C3B BPB KA . -5.18 -11.92 0.48
C3C BPB KA . 0.58 -14.06 0.30
C3D BPB KA . -2.02 -19.03 -1.57
C4A BPB KA . -6.70 -16.20 -1.06
C4B BPB KA . -4.10 -12.87 0.33
C4C BPB KA . -0.37 -15.15 -0.04
C4D BPB KA . -3.08 -18.24 -1.27
CAA BPB KA . -7.33 -18.97 -0.12
CAB BPB KA . -5.03 -10.54 0.95
CAC BPB KA . 2.10 -14.17 0.28
CAD BPB KA . -2.50 -20.31 -2.14
CBA BPB KA . -7.91 -20.36 -0.06
CBB BPB KA . -3.71 -9.99 1.29
OBB BPB KA . -5.99 -9.82 1.08
CBC BPB KA . 2.93 -12.95 0.62
CBD BPB KA . -4.03 -20.23 -2.11
OBD BPB KA . -1.85 -21.28 -2.52
CED BPB KA . -4.76 -19.60 -5.88
CGA BPB KA . -9.33 -20.22 0.36
CGD BPB KA . -4.59 -20.37 -3.52
CHA BPB KA . -4.30 -18.82 -1.58
CHB BPB KA . -6.98 -14.85 -0.74
CHC BPB KA . -2.76 -12.55 0.65
CHD BPB KA . -0.05 -16.46 -0.40
CMA BPB KA . -7.73 -16.88 -3.28
CMB BPB KA . -7.73 -11.93 0.12
CMC BPB KA . 0.14 -11.56 0.46
CMD BPB KA . 0.61 -19.37 -1.65
C1 NS5 LA . -12.86 -10.32 0.34
CM1 NS5 LA . -12.18 -11.35 -0.56
CM2 NS5 LA . -13.80 -9.40 -0.45
C2 NS5 LA . -13.54 -10.93 1.60
C3 NS5 LA . -14.57 -12.03 1.28
C4 NS5 LA . -15.64 -12.14 2.38
C5 NS5 LA . -17.09 -12.02 1.81
C6 NS5 LA . -17.33 -12.09 0.28
C7 NS5 LA . -18.17 -11.86 2.62
C8 NS5 LA . -18.09 -11.81 4.10
C9 NS5 LA . -18.39 -10.42 4.67
C10 NS5 LA . -17.09 -9.65 4.75
C11 NS5 LA . -16.80 -8.56 3.73
C12 NS5 LA . -16.19 -9.98 5.71
C13 NS5 LA . -14.89 -9.32 5.82
C14 NS5 LA . -13.95 -9.94 6.55
C15 NS5 LA . -12.58 -9.45 6.74
C16 NS5 LA . -12.01 -8.39 5.83
C17 NS5 LA . -11.85 -10.00 7.73
C18 NS5 LA . -10.47 -9.63 7.95
C19 NS5 LA . -9.71 -10.20 8.90
C20 NS5 LA . -10.17 -11.15 9.92
C21 NS5 LA . -9.26 -11.94 10.60
C22 NS5 LA . -7.80 -11.86 10.26
C23 NS5 LA . -9.74 -12.86 11.68
C24 NS5 LA . -8.95 -13.77 12.29
C25 NS5 LA . -9.52 -14.60 13.36
C26 NS5 LA . -9.10 -15.86 13.68
C27 NS5 LA . -8.03 -16.56 12.88
C28 NS5 LA . -9.77 -16.60 14.78
C29 NS5 LA . -9.32 -17.80 15.23
C30 NS5 LA . -10.06 -18.49 16.28
C31 NS5 LA . -9.93 -19.81 16.50
C32 NS5 LA . -8.96 -20.65 15.71
C33 NS5 LA . -10.78 -20.47 17.58
C34 NS5 LA . -9.89 -21.04 18.68
C35 NS5 LA . -10.56 -22.22 19.38
C36 NS5 LA . -11.08 -21.82 20.76
CM3 NS5 LA . -10.26 -22.50 21.86
CM4 NS5 LA . -12.56 -22.15 20.89
S SO4 MA . 13.89 -27.71 -3.89
O1 SO4 MA . 13.32 -27.13 -5.12
O2 SO4 MA . 13.86 -26.62 -2.93
O3 SO4 MA . 13.10 -28.83 -3.41
O4 SO4 MA . 15.27 -28.12 -4.13
S SO4 NA . -8.59 -33.83 -2.16
O1 SO4 NA . -9.76 -34.29 -1.43
O2 SO4 NA . -7.92 -34.90 -2.90
O3 SO4 NA . -9.01 -32.82 -3.13
O4 SO4 NA . -7.69 -33.23 -1.19
S SO4 OA . 11.23 -3.57 -32.03
O1 SO4 OA . 10.99 -2.41 -32.89
O2 SO4 OA . 12.66 -3.76 -31.95
O3 SO4 OA . 10.70 -3.29 -30.68
O4 SO4 OA . 10.57 -4.74 -32.58
S SO4 PA . -16.32 -13.84 -25.21
O1 SO4 PA . -17.64 -13.31 -25.55
O2 SO4 PA . -15.34 -12.79 -25.44
O3 SO4 PA . -16.27 -14.20 -23.80
O4 SO4 PA . -16.01 -14.99 -26.09
S SO4 QA . -12.69 -30.87 -27.16
O1 SO4 QA . -12.10 -29.80 -26.35
O2 SO4 QA . -13.11 -30.32 -28.45
O3 SO4 QA . -11.70 -31.92 -27.37
O4 SO4 QA . -13.85 -31.42 -26.45
S SO4 RA . 11.21 -27.15 -0.33
O1 SO4 RA . 10.66 -26.93 1.00
O2 SO4 RA . 11.95 -25.97 -0.75
O3 SO4 RA . 12.12 -28.30 -0.29
O4 SO4 RA . 10.13 -27.42 -1.26
S SO4 SA . -24.98 -14.65 25.58
O1 SO4 SA . -24.71 -14.00 26.85
O2 SO4 SA . -26.33 -15.20 25.59
O3 SO4 SA . -24.88 -13.68 24.49
O4 SO4 SA . -24.02 -15.73 25.36
N1 LDA TA . 21.99 0.99 16.23
O1 LDA TA . 21.07 1.83 16.05
CM1 LDA TA . 23.00 1.17 15.16
CM2 LDA TA . 22.63 1.26 17.53
C1 LDA TA . 21.52 -0.40 16.16
C2 LDA TA . 20.11 -0.57 16.73
C3 LDA TA . 19.43 -1.81 16.15
C4 LDA TA . 18.01 -2.07 16.66
C5 LDA TA . 17.00 -1.08 16.11
C6 LDA TA . 16.51 -1.43 14.70
C7 LDA TA . 15.57 -0.36 14.16
C8 LDA TA . 14.83 -0.82 12.91
C9 LDA TA . 13.55 -0.02 12.70
C10 LDA TA . 12.85 -0.42 11.41
C11 LDA TA . 11.35 -0.34 11.60
C12 LDA TA . 10.53 -0.15 10.32
N1 LDA UA . -6.94 -37.29 -0.11
O1 LDA UA . -5.99 -38.01 0.29
CM1 LDA UA . -6.31 -35.99 -0.43
CM2 LDA UA . -7.51 -37.93 -1.32
C1 LDA UA . -7.95 -37.22 0.96
C2 LDA UA . -8.49 -35.81 1.19
C3 LDA UA . -8.44 -35.41 2.67
C4 LDA UA . -9.82 -35.00 3.19
C5 LDA UA . -9.81 -33.65 3.90
C6 LDA UA . -11.11 -33.38 4.66
C7 LDA UA . -11.03 -32.11 5.52
C8 LDA UA . -10.92 -32.43 7.02
C9 LDA UA . -11.02 -31.17 7.89
C10 LDA UA . -9.75 -30.88 8.69
C11 LDA UA . -9.47 -29.38 8.80
C12 LDA UA . -7.99 -29.10 9.06
#